data_7L8G
#
_entry.id   7L8G
#
_cell.length_a   1.00
_cell.length_b   1.00
_cell.length_c   1.00
_cell.angle_alpha   90.00
_cell.angle_beta   90.00
_cell.angle_gamma   90.00
#
_symmetry.space_group_name_H-M   'P 1'
#
loop_
_entity.id
_entity.type
_entity.pdbx_description
1 polymer 'Envelope glycoprotein gp160'
2 polymer 'Rh.33172 pAbC-3 Heavy Chain'
3 polymer 'Rh.33172 pAbC-3 Light Chain'
4 branched alpha-D-mannopyranose-(1-3)-[alpha-D-mannopyranose-(1-6)]beta-D-mannopyranose-(1-4)-2-acetamido-2-deoxy-beta-D-glucopyranose-(1-4)-2-acetamido-2-deoxy-beta-D-glucopyranose
5 branched 2-acetamido-2-deoxy-beta-D-glucopyranose-(1-4)-2-acetamido-2-deoxy-beta-D-glucopyranose
6 non-polymer 2-acetamido-2-deoxy-beta-D-glucopyranose
#
loop_
_entity_poly.entity_id
_entity_poly.type
_entity_poly.pdbx_seq_one_letter_code
_entity_poly.pdbx_strand_id
1 'polypeptide(L)'
;MKRGLCCVLLLCGAVFVSPSQEIHARFRRGARAENLWVTVYYGVPVWKDAETTLFCASDAKAYETKKHNVWATHCCVPTD
PNPQEIHLENVTEEFNMWKNNMVEQMHTDIISLWDQSLKPCVKLTPLCVTLQCTNVTNNITDDMRGELKNCSFNMTTELR
DKKQKVYSLFYRLDVVQINENQGNRSNNSNKEYRLINCNTSAITQACPKVSFEPIPIHYCAPAGFAILKCKDKKFNGTGP
CTNVSTVQCTHGIKPVVSTQLLLNGSLAEEEVIIRSENITNNAKNILVQLNESVQINCTRPNNNTVKSIRIGPGQWFYYT
GDIIGDIRQAHCNVSKATWNETLGKVVKQLRKHFGNNTIIRFANSSGGDLEVTTHSFNCGGEFFYCNTSGLFNSTWISNT
SVQGSNSTGSNDSITLPCRIKQIINMWQRIGQAMYAPPIQGVIRCVSNITGLILTRDGGSTNSTTETFRPGGGDMRDNWR
SELYKYKVVKIEPLGVAPTRCKRRVVGRRRRAVGIGAVSLGFLGAAGSTMGAASMTLTVQARNLLSGIVQQQSNLLRAPE
CQQHLLKDTHWGIKQLQARVLAVEHYLRDQQLLGIWGCSGKLICCTNVPWNSSWSNRNLSEIWDNMTWLQWDKEISNYTQ
IIYGLLEESQNQQEKNEQDLLELD
;
C,D,E,F,A,B
2 'polypeptide(L)'
;(UNK)(UNK)(UNK)(UNK)(UNK)(UNK)(UNK)(UNK)(UNK)(UNK)(UNK)(UNK)(UNK)(UNK)(UNK)(UNK)
(UNK)(UNK)(UNK)(UNK)(UNK)(UNK)(UNK)(UNK)(UNK)(UNK)(UNK)(UNK)(UNK)(UNK)(UNK)(UNK)
(UNK)(UNK)(UNK)(UNK)(UNK)(UNK)(UNK)(UNK)(UNK)(UNK)(UNK)(UNK)(UNK)(UNK)(UNK)(UNK)
(UNK)(UNK)(UNK)(UNK)(UNK)(UNK)(UNK)(UNK)(UNK)(UNK)(UNK)(UNK)(UNK)(UNK)(UNK)(UNK)
(UNK)(UNK)(UNK)(UNK)(UNK)(UNK)(UNK)(UNK)(UNK)(UNK)(UNK)(UNK)(UNK)(UNK)(UNK)(UNK)
(UNK)(UNK)(UNK)(UNK)(UNK)(UNK)(UNK)(UNK)(UNK)(UNK)(UNK)(UNK)(UNK)(UNK)(UNK)(UNK)
(UNK)(UNK)(UNK)(UNK)(UNK)(UNK)(UNK)(UNK)(UNK)(UNK)(UNK)(UNK)(UNK)
;
H
3 'polypeptide(L)'
;(UNK)(UNK)(UNK)(UNK)(UNK)(UNK)(UNK)(UNK)(UNK)(UNK)(UNK)(UNK)(UNK)(UNK)(UNK)(UNK)
(UNK)(UNK)(UNK)(UNK)(UNK)(UNK)(UNK)(UNK)(UNK)(UNK)(UNK)(UNK)(UNK)(UNK)(UNK)(UNK)
(UNK)(UNK)(UNK)(UNK)(UNK)(UNK)(UNK)(UNK)(UNK)(UNK)(UNK)(UNK)(UNK)(UNK)(UNK)(UNK)
(UNK)(UNK)(UNK)(UNK)(UNK)(UNK)(UNK)(UNK)(UNK)(UNK)(UNK)(UNK)(UNK)(UNK)(UNK)(UNK)
(UNK)(UNK)(UNK)(UNK)(UNK)(UNK)(UNK)(UNK)(UNK)(UNK)(UNK)(UNK)(UNK)(UNK)(UNK)(UNK)
(UNK)(UNK)(UNK)(UNK)(UNK)(UNK)(UNK)(UNK)(UNK)(UNK)(UNK)(UNK)(UNK)(UNK)(UNK)(UNK)
(UNK)(UNK)(UNK)(UNK)
;
L
#
loop_
_chem_comp.id
_chem_comp.type
_chem_comp.name
_chem_comp.formula
BMA D-saccharide, beta linking beta-D-mannopyranose 'C6 H12 O6'
MAN D-saccharide, alpha linking alpha-D-mannopyranose 'C6 H12 O6'
NAG D-saccharide, beta linking 2-acetamido-2-deoxy-beta-D-glucopyranose 'C8 H15 N O6'
#
# COMPACT_ATOMS: atom_id res chain seq x y z
N ASN A 35 -57.89 8.88 23.35
CA ASN A 35 -57.76 10.27 22.87
C ASN A 35 -56.29 10.76 22.69
N LEU A 36 -55.30 9.82 22.69
CA LEU A 36 -53.88 10.13 22.59
C LEU A 36 -53.33 9.84 21.22
N TRP A 37 -52.28 10.57 20.91
CA TRP A 37 -51.56 10.59 19.64
C TRP A 37 -50.09 10.29 19.80
N VAL A 38 -49.48 9.78 18.73
CA VAL A 38 -48.06 9.54 18.73
C VAL A 38 -47.28 10.83 18.56
N THR A 39 -46.29 11.04 19.41
CA THR A 39 -45.39 12.18 19.33
C THR A 39 -43.98 11.66 19.17
N VAL A 40 -43.24 12.27 18.26
CA VAL A 40 -41.86 11.84 18.04
C VAL A 40 -40.91 12.80 18.74
N TYR A 41 -39.99 12.24 19.51
CA TYR A 41 -39.02 13.01 20.27
C TYR A 41 -37.59 12.71 19.86
N TYR A 42 -36.82 13.76 19.59
CA TYR A 42 -35.44 13.58 19.24
C TYR A 42 -34.48 14.25 20.21
N GLY A 43 -33.50 13.48 20.65
CA GLY A 43 -32.50 13.95 21.61
C GLY A 43 -32.76 13.27 22.97
N VAL A 44 -33.44 12.15 22.93
CA VAL A 44 -33.80 11.39 24.12
C VAL A 44 -32.56 10.69 24.71
N PRO A 45 -32.22 10.87 26.01
CA PRO A 45 -31.03 10.32 26.67
C PRO A 45 -31.11 8.84 27.01
N VAL A 46 -31.19 8.00 25.98
CA VAL A 46 -31.24 6.55 26.14
C VAL A 46 -30.19 5.85 25.28
N TRP A 47 -29.94 4.58 25.57
CA TRP A 47 -28.94 3.81 24.86
C TRP A 47 -29.16 2.32 24.83
N LYS A 48 -28.40 1.66 23.96
CA LYS A 48 -28.39 0.22 23.84
C LYS A 48 -26.98 -0.28 24.07
N ASP A 49 -26.85 -1.47 24.63
CA ASP A 49 -25.51 -2.00 24.82
C ASP A 49 -24.86 -2.24 23.49
N ALA A 50 -23.57 -1.89 23.33
CA ALA A 50 -22.94 -2.17 22.04
C ALA A 50 -21.45 -2.21 22.12
N GLU A 51 -20.81 -3.03 21.29
CA GLU A 51 -19.37 -2.97 21.20
C GLU A 51 -18.99 -2.24 19.93
N THR A 52 -18.00 -1.39 20.02
CA THR A 52 -17.51 -0.68 18.85
C THR A 52 -16.02 -0.51 18.99
N THR A 53 -15.43 0.18 18.04
CA THR A 53 -14.01 0.44 18.03
C THR A 53 -13.69 1.56 18.99
N LEU A 54 -12.72 1.35 19.86
CA LEU A 54 -12.30 2.38 20.79
C LEU A 54 -10.97 2.90 20.36
N PHE A 55 -10.66 4.13 20.74
CA PHE A 55 -9.34 4.62 20.39
C PHE A 55 -8.64 4.98 21.68
N CYS A 56 -7.28 5.00 21.66
CA CYS A 56 -6.48 5.31 22.83
C CYS A 56 -5.92 6.73 22.79
N ALA A 57 -5.57 7.18 23.97
CA ALA A 57 -4.91 8.44 24.18
C ALA A 57 -4.01 8.32 25.40
N SER A 58 -3.00 9.18 25.49
CA SER A 58 -2.14 9.16 26.67
C SER A 58 -1.68 10.57 27.01
N ASP A 59 -1.20 10.76 28.23
CA ASP A 59 -0.74 12.08 28.65
C ASP A 59 0.76 12.27 28.33
N ALA A 60 1.32 13.46 28.65
CA ALA A 60 2.72 13.87 28.47
C ALA A 60 3.15 13.69 27.00
N LYS A 67 12.40 9.19 24.46
CA LYS A 67 11.02 9.35 24.00
C LYS A 67 10.73 8.46 22.75
N HIS A 68 11.13 7.17 22.83
CA HIS A 68 10.95 6.12 21.83
C HIS A 68 10.09 5.02 22.36
N ASN A 69 9.25 5.37 23.31
CA ASN A 69 8.35 4.42 23.92
C ASN A 69 7.25 4.09 22.97
N VAL A 70 7.13 2.81 22.67
CA VAL A 70 6.19 2.32 21.70
C VAL A 70 4.76 2.63 22.05
N TRP A 71 4.45 2.66 23.33
CA TRP A 71 3.11 2.88 23.76
C TRP A 71 2.69 4.30 23.49
N ALA A 72 3.63 5.21 23.72
CA ALA A 72 3.42 6.63 23.56
C ALA A 72 3.39 6.98 22.10
N THR A 73 4.19 6.27 21.33
CA THR A 73 4.27 6.51 19.92
C THR A 73 2.95 6.17 19.29
N HIS A 74 2.37 5.04 19.70
CA HIS A 74 1.09 4.68 19.14
C HIS A 74 -0.05 5.56 19.66
N CYS A 75 -0.18 5.73 21.00
CA CYS A 75 -1.27 6.51 21.61
C CYS A 75 -0.78 7.94 21.71
N CYS A 76 -0.59 8.50 20.52
CA CYS A 76 -0.06 9.83 20.30
C CYS A 76 -1.11 10.89 20.53
N VAL A 77 -2.35 10.44 20.59
CA VAL A 77 -3.50 11.27 20.80
C VAL A 77 -3.44 11.70 22.26
N PRO A 78 -3.56 12.99 22.56
CA PRO A 78 -3.51 13.55 23.89
C PRO A 78 -4.77 13.27 24.64
N THR A 79 -4.67 13.32 25.94
CA THR A 79 -5.83 13.24 26.78
C THR A 79 -6.21 14.64 27.16
N ASP A 80 -7.46 14.84 27.54
CA ASP A 80 -7.90 16.13 28.01
C ASP A 80 -7.80 16.17 29.53
N PRO A 81 -8.11 17.31 30.17
CA PRO A 81 -8.21 17.46 31.60
C PRO A 81 -9.31 16.55 32.08
N ASN A 82 -9.20 16.12 33.33
CA ASN A 82 -10.12 15.23 34.01
C ASN A 82 -11.65 15.46 34.09
N PRO A 83 -12.26 16.67 33.96
CA PRO A 83 -13.71 16.88 34.08
C PRO A 83 -14.49 16.38 32.87
N GLN A 84 -14.44 15.07 32.68
CA GLN A 84 -15.05 14.35 31.58
C GLN A 84 -16.11 13.40 32.11
N GLU A 85 -16.61 13.70 33.30
CA GLU A 85 -17.56 12.83 33.99
C GLU A 85 -18.80 13.51 34.54
N ILE A 86 -19.93 12.83 34.35
CA ILE A 86 -21.21 13.22 34.93
C ILE A 86 -21.77 12.04 35.73
N HIS A 87 -22.20 12.24 36.95
CA HIS A 87 -22.78 11.10 37.66
C HIS A 87 -24.19 10.90 37.15
N LEU A 88 -24.65 9.65 37.01
CA LEU A 88 -26.02 9.50 36.55
C LEU A 88 -26.96 9.23 37.70
N GLU A 89 -27.76 10.20 38.05
CA GLU A 89 -28.65 9.98 39.15
C GLU A 89 -29.83 9.14 38.66
N ASN A 90 -30.37 8.27 39.56
CA ASN A 90 -31.49 7.34 39.34
C ASN A 90 -31.26 6.35 38.17
N VAL A 91 -30.01 5.86 37.98
CA VAL A 91 -29.65 4.88 36.94
C VAL A 91 -29.01 3.64 37.52
N THR A 92 -29.58 2.49 37.20
CA THR A 92 -29.00 1.23 37.63
C THR A 92 -28.71 0.45 36.38
N GLU A 93 -27.48 -0.01 36.24
CA GLU A 93 -27.05 -0.73 35.06
C GLU A 93 -26.44 -2.06 35.38
N GLU A 94 -26.61 -3.03 34.50
CA GLU A 94 -25.99 -4.33 34.71
C GLU A 94 -24.68 -4.48 33.97
N PHE A 95 -23.66 -4.82 34.73
CA PHE A 95 -22.32 -5.00 34.23
C PHE A 95 -21.92 -6.47 34.28
N ASN A 96 -21.04 -6.88 33.38
CA ASN A 96 -20.52 -8.23 33.40
C ASN A 96 -19.11 -8.23 32.83
N MET A 97 -18.12 -8.35 33.69
CA MET A 97 -16.73 -8.21 33.28
C MET A 97 -16.25 -9.31 32.38
N TRP A 98 -16.98 -10.42 32.36
CA TRP A 98 -16.54 -11.53 31.56
C TRP A 98 -17.27 -11.58 30.24
N LYS A 99 -18.18 -10.64 30.02
CA LYS A 99 -18.93 -10.55 28.79
C LYS A 99 -18.61 -9.21 28.15
N ASN A 100 -17.63 -8.57 28.75
CA ASN A 100 -17.09 -7.29 28.40
C ASN A 100 -16.09 -7.54 27.32
N ASN A 101 -16.37 -7.08 26.11
CA ASN A 101 -15.49 -7.43 25.03
C ASN A 101 -14.57 -6.32 24.63
N MET A 102 -14.46 -5.27 25.46
CA MET A 102 -13.51 -4.22 25.08
C MET A 102 -12.12 -4.79 25.30
N VAL A 103 -12.04 -5.81 26.15
CA VAL A 103 -10.83 -6.51 26.46
C VAL A 103 -10.28 -7.19 25.22
N GLU A 104 -11.14 -7.43 24.24
CA GLU A 104 -10.69 -8.09 23.06
C GLU A 104 -9.84 -7.13 22.28
N GLN A 105 -10.10 -5.82 22.38
CA GLN A 105 -9.26 -4.89 21.67
C GLN A 105 -7.97 -4.84 22.45
N MET A 106 -8.04 -4.98 23.76
CA MET A 106 -6.79 -4.98 24.50
C MET A 106 -5.92 -6.13 24.04
N HIS A 107 -6.51 -7.26 23.72
CA HIS A 107 -5.73 -8.41 23.32
C HIS A 107 -5.58 -8.53 21.81
N THR A 108 -5.92 -7.48 21.09
CA THR A 108 -5.72 -7.47 19.66
C THR A 108 -4.75 -6.39 19.34
N ASP A 109 -5.02 -5.21 19.86
CA ASP A 109 -4.22 -4.06 19.59
C ASP A 109 -2.87 -4.18 20.25
N ILE A 110 -2.80 -4.83 21.41
CA ILE A 110 -1.52 -4.94 22.04
C ILE A 110 -0.63 -5.83 21.21
N ILE A 111 -1.22 -6.82 20.56
CA ILE A 111 -0.47 -7.77 19.80
C ILE A 111 -0.01 -7.06 18.57
N SER A 112 -0.91 -6.32 17.96
CA SER A 112 -0.60 -5.63 16.75
C SER A 112 0.52 -4.67 16.94
N LEU A 113 0.49 -3.90 18.03
CA LEU A 113 1.53 -2.94 18.25
C LEU A 113 2.84 -3.63 18.46
N TRP A 114 2.83 -4.72 19.21
CA TRP A 114 4.03 -5.45 19.47
C TRP A 114 4.71 -5.86 18.16
N ASP A 115 3.92 -6.45 17.25
CA ASP A 115 4.50 -6.87 15.99
C ASP A 115 4.91 -5.71 15.11
N GLN A 116 4.15 -4.63 15.15
CA GLN A 116 4.49 -3.48 14.34
C GLN A 116 5.84 -2.96 14.74
N SER A 117 6.09 -2.93 16.04
CA SER A 117 7.33 -2.45 16.59
C SER A 117 8.51 -3.29 16.14
N LEU A 118 8.36 -4.61 16.16
CA LEU A 118 9.43 -5.51 15.75
C LEU A 118 9.62 -5.63 14.25
N LYS A 119 8.57 -5.39 13.49
CA LYS A 119 8.61 -5.51 12.04
C LYS A 119 9.90 -4.97 11.37
N PRO A 120 10.36 -3.73 11.58
CA PRO A 120 11.54 -3.16 10.96
C PRO A 120 12.92 -3.48 11.58
N CYS A 121 12.99 -4.34 12.62
CA CYS A 121 14.22 -4.63 13.36
C CYS A 121 15.06 -5.69 12.65
N VAL A 122 16.29 -5.85 13.13
CA VAL A 122 17.25 -6.77 12.54
C VAL A 122 16.86 -8.23 12.66
N LYS A 123 16.93 -8.95 11.54
CA LYS A 123 16.60 -10.35 11.51
C LYS A 123 17.82 -11.13 11.92
N LEU A 124 17.65 -12.21 12.67
CA LEU A 124 18.79 -13.00 13.09
C LEU A 124 18.94 -14.30 12.35
N THR A 125 18.25 -14.43 11.24
CA THR A 125 18.32 -15.61 10.40
C THR A 125 19.74 -16.18 10.20
N PRO A 126 20.77 -15.38 9.85
CA PRO A 126 22.11 -15.84 9.60
C PRO A 126 22.78 -16.50 10.79
N LEU A 127 22.20 -16.40 11.97
CA LEU A 127 22.83 -17.00 13.12
C LEU A 127 22.42 -18.48 13.39
N CYS A 128 21.49 -19.07 12.60
CA CYS A 128 21.06 -20.46 12.76
C CYS A 128 22.08 -21.43 12.13
N VAL A 129 23.18 -21.57 12.84
CA VAL A 129 24.30 -22.40 12.44
C VAL A 129 24.64 -23.36 13.55
N THR A 130 25.41 -24.39 13.24
CA THR A 130 25.81 -25.30 14.29
C THR A 130 26.74 -24.58 15.24
N LEU A 131 26.47 -24.69 16.53
CA LEU A 131 27.28 -24.07 17.55
C LEU A 131 28.11 -25.11 18.27
N GLN A 132 29.34 -24.79 18.68
CA GLN A 132 30.10 -25.73 19.51
C GLN A 132 30.31 -25.12 20.89
N CYS A 133 29.66 -25.74 21.91
CA CYS A 133 29.57 -25.19 23.26
C CYS A 133 30.24 -26.08 24.31
N THR A 134 30.73 -25.41 25.36
CA THR A 134 31.28 -26.03 26.57
C THR A 134 30.69 -25.32 27.81
N ASN A 135 30.87 -25.90 29.01
CA ASN A 135 30.43 -25.32 30.28
C ASN A 135 31.43 -24.26 30.76
N VAL A 136 31.00 -23.45 31.75
CA VAL A 136 31.79 -22.45 32.44
C VAL A 136 31.87 -22.80 33.90
N THR A 137 33.09 -22.77 34.44
CA THR A 137 33.35 -23.07 35.84
C THR A 137 34.07 -21.93 36.57
N ASN A 138 34.19 -20.78 35.93
CA ASN A 138 34.97 -19.69 36.49
C ASN A 138 34.23 -18.75 37.43
N ASN A 139 34.53 -18.87 38.73
CA ASN A 139 33.90 -18.09 39.79
C ASN A 139 32.38 -18.22 39.79
N ILE A 140 31.90 -19.44 39.62
CA ILE A 140 30.48 -19.69 39.56
C ILE A 140 29.87 -20.38 40.75
N THR A 141 28.81 -19.80 41.33
CA THR A 141 28.18 -20.47 42.45
C THR A 141 27.75 -21.83 41.96
N ASP A 142 27.88 -22.85 42.78
CA ASP A 142 27.56 -24.19 42.32
C ASP A 142 26.17 -24.27 41.77
N ASP A 143 25.25 -23.51 42.33
CA ASP A 143 23.86 -23.56 41.98
C ASP A 143 23.49 -23.01 40.62
N MET A 144 24.45 -22.49 39.87
CA MET A 144 24.08 -22.12 38.52
C MET A 144 23.85 -23.43 37.78
N ARG A 145 24.56 -24.50 38.18
CA ARG A 145 24.43 -25.84 37.61
C ARG A 145 24.45 -25.88 36.10
N GLY A 146 25.40 -25.17 35.48
CA GLY A 146 25.50 -25.19 34.02
C GLY A 146 24.53 -24.26 33.30
N GLU A 147 23.93 -23.29 33.99
CA GLU A 147 22.99 -22.36 33.38
C GLU A 147 23.58 -21.62 32.22
N LEU A 148 24.84 -21.23 32.33
CA LEU A 148 25.47 -20.54 31.23
C LEU A 148 26.41 -21.42 30.48
N LYS A 149 26.49 -21.17 29.19
CA LYS A 149 27.43 -21.88 28.33
C LYS A 149 28.34 -20.92 27.57
N ASN A 150 29.62 -21.32 27.44
CA ASN A 150 30.71 -20.66 26.70
C ASN A 150 30.72 -21.30 25.31
N CYS A 151 30.25 -20.56 24.28
CA CYS A 151 30.01 -21.16 22.98
C CYS A 151 30.39 -20.26 21.81
N SER A 152 30.85 -20.92 20.74
CA SER A 152 31.25 -20.18 19.56
C SER A 152 30.88 -20.78 18.21
N PHE A 153 30.87 -19.90 17.22
CA PHE A 153 30.50 -20.25 15.84
C PHE A 153 31.06 -19.28 14.76
N ASN A 154 30.98 -19.69 13.47
CA ASN A 154 31.37 -18.88 12.29
C ASN A 154 30.17 -18.03 11.81
N MET A 155 30.20 -16.71 12.06
CA MET A 155 29.14 -15.75 11.74
C MET A 155 29.46 -15.08 10.39
N THR A 156 28.45 -14.84 9.54
CA THR A 156 28.72 -14.14 8.27
C THR A 156 28.67 -12.64 8.45
N THR A 157 29.72 -11.95 8.04
CA THR A 157 29.85 -10.51 8.21
C THR A 157 29.27 -9.75 7.02
N GLU A 158 29.37 -8.41 7.02
CA GLU A 158 28.72 -7.67 5.95
C GLU A 158 29.27 -7.99 4.56
N LEU A 159 30.49 -8.49 4.44
CA LEU A 159 30.91 -8.89 3.12
C LEU A 159 30.60 -10.36 3.07
N ARG A 160 29.91 -10.74 2.02
CA ARG A 160 29.34 -12.04 1.82
C ARG A 160 30.34 -13.18 1.74
N ASP A 161 31.57 -12.87 1.46
CA ASP A 161 32.61 -13.87 1.40
C ASP A 161 33.41 -13.99 2.68
N LYS A 162 32.99 -13.32 3.76
CA LYS A 162 33.78 -13.38 4.98
C LYS A 162 33.05 -13.87 6.21
N LYS A 163 33.78 -14.61 7.02
CA LYS A 163 33.27 -15.11 8.30
C LYS A 163 34.05 -14.54 9.46
N GLN A 164 33.38 -14.48 10.60
CA GLN A 164 33.99 -14.04 11.85
C GLN A 164 33.69 -15.01 12.96
N LYS A 165 34.72 -15.43 13.68
CA LYS A 165 34.46 -16.29 14.80
C LYS A 165 33.88 -15.47 15.92
N VAL A 166 32.76 -15.93 16.46
CA VAL A 166 32.09 -15.23 17.51
C VAL A 166 31.99 -16.08 18.72
N TYR A 167 32.32 -15.47 19.85
CA TYR A 167 32.29 -16.15 21.12
C TYR A 167 31.32 -15.41 22.01
N SER A 168 30.47 -16.14 22.73
CA SER A 168 29.52 -15.49 23.63
C SER A 168 28.95 -16.43 24.69
N LEU A 169 28.25 -15.86 25.67
CA LEU A 169 27.59 -16.69 26.66
C LEU A 169 26.12 -16.84 26.37
N PHE A 170 25.61 -18.03 26.58
CA PHE A 170 24.20 -18.34 26.38
C PHE A 170 23.56 -18.96 27.58
N TYR A 171 22.27 -18.79 27.72
CA TYR A 171 21.56 -19.48 28.78
C TYR A 171 21.21 -20.86 28.27
N ARG A 172 21.14 -21.83 29.16
CA ARG A 172 20.78 -23.17 28.71
C ARG A 172 19.39 -23.20 28.14
N LEU A 173 18.57 -22.26 28.53
CA LEU A 173 17.18 -22.23 28.13
C LEU A 173 16.98 -21.78 26.70
N ASP A 174 18.01 -21.23 26.10
CA ASP A 174 17.92 -20.75 24.74
C ASP A 174 18.54 -21.77 23.78
N VAL A 175 19.21 -22.80 24.32
CA VAL A 175 20.02 -23.69 23.49
C VAL A 175 19.71 -25.18 23.66
N VAL A 176 19.61 -25.89 22.53
CA VAL A 176 19.34 -27.32 22.56
C VAL A 176 20.44 -28.14 21.91
N GLN A 177 20.83 -29.22 22.55
CA GLN A 177 21.87 -30.09 22.04
C GLN A 177 21.42 -30.84 20.82
N ILE A 178 22.30 -30.98 19.85
CA ILE A 178 21.98 -31.69 18.64
C ILE A 178 22.17 -33.22 18.72
N ASN A 179 23.34 -33.71 19.21
CA ASN A 179 23.70 -35.14 19.33
C ASN A 179 23.53 -35.89 18.00
N ASN A 190 33.55 -29.53 23.63
CA ASN A 190 32.95 -28.91 22.47
C ASN A 190 31.91 -29.86 21.84
N LYS A 191 30.63 -29.75 22.27
CA LYS A 191 29.51 -30.54 21.74
C LYS A 191 28.67 -29.66 20.87
N GLU A 192 27.96 -30.27 19.93
CA GLU A 192 27.15 -29.50 19.02
C GLU A 192 25.73 -29.24 19.49
N TYR A 193 25.39 -27.97 19.39
CA TYR A 193 24.15 -27.35 19.78
C TYR A 193 23.58 -26.42 18.74
N ARG A 194 22.31 -26.15 18.85
CA ARG A 194 21.64 -25.17 18.02
C ARG A 194 20.69 -24.37 18.87
N LEU A 195 20.24 -23.25 18.35
CA LEU A 195 19.30 -22.49 19.12
C LEU A 195 17.97 -23.19 19.07
N ILE A 196 17.22 -23.08 20.15
CA ILE A 196 15.96 -23.77 20.25
C ILE A 196 14.91 -23.45 19.22
N ASN A 197 14.91 -22.26 18.66
CA ASN A 197 13.86 -21.95 17.72
C ASN A 197 14.19 -22.04 16.22
N CYS A 198 15.39 -22.56 15.81
CA CYS A 198 15.79 -22.55 14.39
C CYS A 198 15.04 -23.57 13.55
N ASN A 199 14.33 -24.48 14.18
CA ASN A 199 13.51 -25.44 13.45
C ASN A 199 12.03 -25.01 13.33
N THR A 200 11.63 -23.88 13.99
CA THR A 200 10.23 -23.43 14.10
C THR A 200 9.93 -22.10 13.46
N SER A 201 10.74 -21.08 13.71
CA SER A 201 10.38 -19.78 13.15
C SER A 201 11.53 -18.81 13.07
N ALA A 202 11.30 -17.71 12.41
CA ALA A 202 12.31 -16.67 12.32
C ALA A 202 12.51 -16.04 13.66
N ILE A 203 13.73 -15.62 13.95
CA ILE A 203 14.01 -14.93 15.19
C ILE A 203 14.38 -13.51 14.83
N THR A 204 13.71 -12.54 15.45
CA THR A 204 13.99 -11.13 15.20
C THR A 204 14.51 -10.45 16.45
N GLN A 205 15.58 -9.69 16.33
CA GLN A 205 16.11 -8.99 17.48
C GLN A 205 15.29 -7.80 17.76
N ALA A 206 14.90 -7.62 19.00
CA ALA A 206 14.16 -6.43 19.34
C ALA A 206 15.08 -5.23 19.20
N CYS A 207 14.56 -4.07 18.71
CA CYS A 207 15.32 -2.84 18.58
C CYS A 207 15.64 -2.26 19.99
N PRO A 208 16.93 -2.04 20.31
CA PRO A 208 17.41 -1.59 21.60
C PRO A 208 17.04 -0.17 21.92
N LYS A 209 16.60 0.56 20.93
CA LYS A 209 16.27 1.95 21.13
C LYS A 209 14.80 2.15 21.39
N VAL A 210 14.03 1.08 21.38
CA VAL A 210 12.62 1.21 21.59
C VAL A 210 12.24 0.82 22.98
N SER A 211 11.51 1.69 23.67
CA SER A 211 11.10 1.36 25.02
C SER A 211 9.78 0.64 25.00
N PHE A 212 9.68 -0.36 25.89
CA PHE A 212 8.43 -1.15 26.03
C PHE A 212 7.85 -0.93 27.42
N GLU A 213 8.37 0.08 28.17
CA GLU A 213 7.83 0.30 29.48
C GLU A 213 6.37 0.69 29.43
N PRO A 214 5.46 -0.04 30.06
CA PRO A 214 4.06 0.24 30.00
C PRO A 214 3.77 1.56 30.67
N ILE A 215 2.93 2.36 30.05
CA ILE A 215 2.53 3.64 30.57
C ILE A 215 1.03 3.54 30.61
N PRO A 216 0.31 4.30 31.40
CA PRO A 216 -1.11 4.23 31.43
C PRO A 216 -1.68 4.66 30.11
N ILE A 217 -2.60 3.86 29.58
CA ILE A 217 -3.28 4.15 28.33
C ILE A 217 -4.75 4.33 28.60
N HIS A 218 -5.32 5.41 28.10
CA HIS A 218 -6.71 5.73 28.33
C HIS A 218 -7.52 5.30 27.14
N TYR A 219 -8.71 4.74 27.36
CA TYR A 219 -9.55 4.38 26.23
C TYR A 219 -10.75 5.29 26.14
N CYS A 220 -10.91 5.91 24.96
CA CYS A 220 -11.89 6.95 24.65
C CYS A 220 -12.95 6.46 23.67
N ALA A 221 -14.19 6.87 23.95
CA ALA A 221 -15.31 6.52 23.09
C ALA A 221 -15.37 7.42 21.85
N PRO A 222 -15.83 6.89 20.71
CA PRO A 222 -16.13 7.61 19.49
C PRO A 222 -17.45 8.36 19.64
N ALA A 223 -17.70 9.33 18.78
CA ALA A 223 -18.98 10.03 18.85
C ALA A 223 -20.12 9.06 18.71
N GLY A 224 -21.17 9.27 19.50
CA GLY A 224 -22.36 8.44 19.50
C GLY A 224 -22.30 7.38 20.59
N PHE A 225 -21.14 7.26 21.21
CA PHE A 225 -20.92 6.28 22.25
C PHE A 225 -20.48 6.90 23.56
N ALA A 226 -20.73 6.17 24.63
CA ALA A 226 -20.34 6.61 25.97
C ALA A 226 -19.94 5.45 26.85
N ILE A 227 -19.12 5.73 27.86
CA ILE A 227 -18.64 4.71 28.76
C ILE A 227 -19.29 4.81 30.13
N LEU A 228 -19.89 3.73 30.56
CA LEU A 228 -20.54 3.70 31.84
C LEU A 228 -19.59 3.09 32.84
N LYS A 229 -19.33 3.83 33.91
CA LYS A 229 -18.40 3.42 34.94
C LYS A 229 -19.11 3.05 36.26
N CYS A 230 -18.82 1.84 36.80
CA CYS A 230 -19.37 1.34 38.06
C CYS A 230 -18.42 1.67 39.21
N LYS A 231 -18.95 2.38 40.20
CA LYS A 231 -18.19 2.79 41.37
C LYS A 231 -18.56 2.00 42.60
N ASP A 232 -19.33 0.94 42.44
CA ASP A 232 -19.72 0.15 43.59
C ASP A 232 -18.54 -0.66 44.08
N LYS A 233 -18.09 -0.33 45.28
CA LYS A 233 -16.93 -0.93 45.92
C LYS A 233 -17.10 -2.41 46.17
N LYS A 234 -18.35 -2.87 46.20
CA LYS A 234 -18.63 -4.27 46.45
C LYS A 234 -18.91 -5.02 45.17
N PHE A 235 -18.74 -4.37 44.03
CA PHE A 235 -19.07 -5.07 42.81
C PHE A 235 -18.10 -6.24 42.64
N ASN A 236 -18.68 -7.44 42.40
CA ASN A 236 -18.01 -8.75 42.28
C ASN A 236 -17.86 -9.21 40.81
N GLY A 237 -17.90 -8.28 39.85
CA GLY A 237 -17.70 -8.52 38.42
C GLY A 237 -18.99 -8.72 37.66
N THR A 238 -20.09 -8.86 38.36
CA THR A 238 -21.33 -9.05 37.65
C THR A 238 -22.57 -8.59 38.39
N GLY A 239 -23.54 -8.16 37.61
CA GLY A 239 -24.85 -7.79 38.10
C GLY A 239 -25.06 -6.28 38.13
N PRO A 240 -26.22 -5.83 38.60
CA PRO A 240 -26.65 -4.45 38.68
C PRO A 240 -25.69 -3.65 39.55
N CYS A 241 -25.46 -2.39 39.19
CA CYS A 241 -24.63 -1.41 39.86
C CYS A 241 -25.42 -0.12 39.90
N THR A 242 -25.57 0.45 41.09
CA THR A 242 -26.33 1.68 41.24
C THR A 242 -25.49 2.97 41.28
N ASN A 243 -24.20 2.90 41.69
CA ASN A 243 -23.31 4.05 41.72
C ASN A 243 -22.61 4.13 40.34
N VAL A 244 -23.37 4.61 39.33
CA VAL A 244 -22.95 4.65 37.92
C VAL A 244 -22.84 6.06 37.40
N SER A 245 -21.68 6.33 36.83
CA SER A 245 -21.41 7.62 36.20
C SER A 245 -21.06 7.40 34.75
N THR A 246 -21.15 8.46 33.96
CA THR A 246 -20.77 8.37 32.57
C THR A 246 -19.57 9.22 32.26
N VAL A 247 -18.64 8.61 31.55
CA VAL A 247 -17.46 9.33 31.13
C VAL A 247 -17.29 9.18 29.65
N GLN A 248 -16.56 10.10 29.06
CA GLN A 248 -16.24 9.87 27.67
C GLN A 248 -14.92 9.15 27.38
N CYS A 249 -14.00 9.06 28.37
CA CYS A 249 -12.71 8.40 28.25
C CYS A 249 -12.32 7.98 29.66
N THR A 250 -11.78 6.78 29.77
CA THR A 250 -11.38 6.20 31.05
C THR A 250 -10.04 6.74 31.48
N HIS A 251 -9.68 6.42 32.71
CA HIS A 251 -8.37 6.74 33.23
C HIS A 251 -7.41 5.81 32.54
N GLY A 252 -6.12 6.00 32.74
CA GLY A 252 -5.24 5.13 32.03
C GLY A 252 -4.95 3.87 32.81
N ILE A 253 -4.72 2.79 32.07
CA ILE A 253 -4.35 1.51 32.61
C ILE A 253 -3.02 1.10 32.03
N LYS A 254 -2.04 0.75 32.86
CA LYS A 254 -0.78 0.32 32.28
C LYS A 254 -0.93 -1.09 31.73
N PRO A 255 -0.48 -1.35 30.49
CA PRO A 255 -0.51 -2.65 29.84
C PRO A 255 0.60 -3.55 30.34
N VAL A 256 0.52 -3.90 31.60
CA VAL A 256 1.51 -4.74 32.23
C VAL A 256 1.19 -6.19 31.89
N VAL A 257 2.18 -6.94 31.46
CA VAL A 257 1.98 -8.32 31.09
C VAL A 257 2.70 -9.26 32.05
N SER A 258 1.95 -10.19 32.61
CA SER A 258 2.52 -11.17 33.54
C SER A 258 1.64 -12.40 33.71
N THR A 259 2.22 -13.41 34.34
CA THR A 259 1.45 -14.61 34.71
C THR A 259 1.42 -14.80 36.22
N GLN A 260 0.47 -15.57 36.71
CA GLN A 260 0.32 -15.92 38.15
C GLN A 260 0.00 -14.73 39.07
N LEU A 261 0.91 -13.77 39.15
CA LEU A 261 0.71 -12.58 39.96
C LEU A 261 0.61 -11.35 39.10
N LEU A 262 -0.40 -10.57 39.43
CA LEU A 262 -0.77 -9.35 38.78
C LEU A 262 -0.03 -8.22 39.43
N LEU A 263 0.75 -7.51 38.64
CA LEU A 263 1.56 -6.43 39.14
C LEU A 263 1.07 -5.06 38.68
N ASN A 264 1.30 -4.03 39.51
CA ASN A 264 1.11 -2.60 39.29
C ASN A 264 -0.31 -2.22 38.80
N GLY A 265 -1.37 -2.87 39.34
CA GLY A 265 -2.77 -2.58 39.02
C GLY A 265 -3.40 -1.74 40.10
N SER A 266 -4.72 -1.66 40.09
CA SER A 266 -5.44 -0.90 41.07
C SER A 266 -5.70 -1.77 42.28
N LEU A 267 -5.82 -1.15 43.43
CA LEU A 267 -6.20 -1.90 44.62
C LEU A 267 -7.67 -1.73 44.90
N ALA A 268 -8.22 -2.73 45.54
CA ALA A 268 -9.59 -2.76 45.99
C ALA A 268 -9.71 -1.83 47.19
N GLU A 269 -10.89 -1.31 47.45
CA GLU A 269 -11.05 -0.53 48.65
C GLU A 269 -11.52 -1.45 49.75
N GLU A 270 -11.11 -1.19 50.99
CA GLU A 270 -11.62 -1.86 52.20
C GLU A 270 -11.32 -3.34 52.44
N GLU A 271 -11.51 -4.17 51.41
CA GLU A 271 -11.34 -5.61 51.52
C GLU A 271 -10.86 -6.24 50.22
N VAL A 272 -10.31 -7.44 50.33
CA VAL A 272 -9.92 -8.18 49.15
C VAL A 272 -11.18 -8.68 48.46
N ILE A 273 -11.26 -8.49 47.15
CA ILE A 273 -12.44 -8.94 46.45
C ILE A 273 -12.08 -10.03 45.46
N ILE A 274 -12.79 -11.13 45.57
CA ILE A 274 -12.51 -12.25 44.70
C ILE A 274 -13.62 -12.42 43.69
N ARG A 275 -13.26 -12.47 42.41
CA ARG A 275 -14.26 -12.54 41.35
C ARG A 275 -14.03 -13.71 40.39
N SER A 276 -15.11 -14.35 39.94
CA SER A 276 -15.01 -15.41 38.92
C SER A 276 -16.31 -15.57 38.15
N GLU A 277 -16.26 -16.18 36.98
CA GLU A 277 -17.49 -16.44 36.22
C GLU A 277 -18.44 -17.51 36.80
N ASN A 278 -17.83 -18.57 37.34
CA ASN A 278 -18.56 -19.74 37.91
C ASN A 278 -17.77 -20.29 39.10
N ILE A 279 -18.22 -19.93 40.30
CA ILE A 279 -17.49 -20.16 41.56
C ILE A 279 -17.16 -21.60 41.85
N THR A 280 -18.10 -22.47 41.61
CA THR A 280 -17.89 -23.86 41.91
C THR A 280 -17.34 -24.67 40.73
N ASN A 281 -17.04 -24.01 39.63
CA ASN A 281 -16.44 -24.68 38.49
C ASN A 281 -14.93 -24.53 38.63
N ASN A 282 -14.24 -25.63 38.87
CA ASN A 282 -12.81 -25.58 39.17
C ASN A 282 -11.96 -25.24 37.95
N ALA A 283 -12.58 -25.17 36.79
CA ALA A 283 -11.88 -24.87 35.55
C ALA A 283 -11.71 -23.36 35.33
N LYS A 284 -12.37 -22.55 36.15
CA LYS A 284 -12.28 -21.11 35.96
C LYS A 284 -11.15 -20.46 36.74
N ASN A 285 -10.63 -19.37 36.20
CA ASN A 285 -9.67 -18.60 36.94
C ASN A 285 -10.38 -17.73 37.94
N ILE A 286 -9.77 -17.60 39.08
CA ILE A 286 -10.22 -16.76 40.15
C ILE A 286 -9.35 -15.55 40.17
N LEU A 287 -9.95 -14.39 40.03
CA LEU A 287 -9.14 -13.20 40.03
C LEU A 287 -9.28 -12.52 41.37
N VAL A 288 -8.17 -12.37 42.05
CA VAL A 288 -8.17 -11.78 43.37
C VAL A 288 -7.60 -10.39 43.36
N GLN A 289 -8.41 -9.41 43.73
CA GLN A 289 -7.95 -8.04 43.77
C GLN A 289 -7.69 -7.66 45.21
N LEU A 290 -6.45 -7.37 45.50
CA LEU A 290 -6.08 -7.08 46.87
C LEU A 290 -6.41 -5.63 47.16
N ASN A 291 -6.68 -5.28 48.44
CA ASN A 291 -6.87 -3.88 48.87
C ASN A 291 -5.57 -3.24 49.44
N GLU A 292 -4.45 -4.00 49.49
CA GLU A 292 -3.11 -3.59 49.93
C GLU A 292 -2.13 -4.25 48.98
N SER A 293 -1.07 -3.56 48.61
CA SER A 293 -0.08 -4.19 47.74
C SER A 293 1.02 -4.87 48.53
N VAL A 294 1.73 -5.77 47.86
CA VAL A 294 2.88 -6.44 48.46
C VAL A 294 4.12 -6.12 47.65
N GLN A 295 5.19 -5.68 48.28
CA GLN A 295 6.34 -5.33 47.46
C GLN A 295 7.25 -6.49 47.20
N ILE A 296 7.71 -6.57 45.95
CA ILE A 296 8.68 -7.59 45.58
C ILE A 296 9.93 -6.98 44.89
N ASN A 297 11.12 -7.30 45.43
CA ASN A 297 12.44 -6.83 44.95
C ASN A 297 13.09 -7.87 44.05
N CYS A 298 13.10 -7.65 42.72
CA CYS A 298 13.63 -8.59 41.73
C CYS A 298 14.95 -8.11 41.16
N THR A 299 15.94 -9.00 41.23
CA THR A 299 17.28 -8.69 40.79
C THR A 299 17.94 -9.74 39.88
N ARG A 300 18.71 -9.23 38.94
CA ARG A 300 19.60 -9.98 38.06
C ARG A 300 20.97 -9.41 38.40
N PRO A 301 21.63 -9.98 39.42
CA PRO A 301 22.79 -9.45 40.14
C PRO A 301 24.13 -9.40 39.45
N ASN A 302 24.33 -10.17 38.39
CA ASN A 302 25.64 -10.22 37.79
C ASN A 302 25.90 -8.98 36.97
N ASN A 303 27.13 -8.41 37.02
CA ASN A 303 27.53 -7.28 36.19
C ASN A 303 27.84 -7.80 34.78
N ASN A 304 27.50 -7.02 33.75
CA ASN A 304 27.52 -7.45 32.35
C ASN A 304 28.21 -6.57 31.41
N THR A 305 28.56 -7.19 30.30
CA THR A 305 29.18 -6.55 29.19
C THR A 305 28.37 -6.81 27.95
N VAL A 306 28.08 -5.79 27.21
CA VAL A 306 27.38 -5.99 25.98
C VAL A 306 28.28 -5.67 24.82
N LYS A 307 28.39 -6.64 23.94
CA LYS A 307 29.20 -6.57 22.76
C LYS A 307 28.32 -6.54 21.55
N SER A 308 28.82 -5.99 20.46
CA SER A 308 28.03 -6.05 19.28
C SER A 308 28.88 -6.30 18.08
N ILE A 309 28.26 -6.90 17.10
CA ILE A 309 28.91 -7.19 15.87
C ILE A 309 28.04 -6.86 14.69
N ARG A 310 28.65 -6.37 13.64
CA ARG A 310 27.87 -6.11 12.46
C ARG A 310 27.73 -7.41 11.71
N ILE A 311 26.48 -7.76 11.41
CA ILE A 311 26.18 -9.01 10.73
C ILE A 311 25.72 -8.73 9.31
N GLY A 312 25.58 -7.46 8.99
CA GLY A 312 25.15 -7.09 7.66
C GLY A 312 25.24 -5.59 7.46
N PRO A 313 24.76 -5.06 6.35
CA PRO A 313 24.87 -3.68 5.94
C PRO A 313 24.00 -2.79 6.81
N GLY A 314 24.55 -2.43 7.95
CA GLY A 314 23.87 -1.62 8.95
C GLY A 314 23.08 -2.51 9.90
N GLN A 315 23.36 -3.78 9.84
CA GLN A 315 22.65 -4.73 10.64
C GLN A 315 23.49 -5.14 11.82
N TRP A 316 23.09 -4.71 13.00
CA TRP A 316 23.88 -5.02 14.19
C TRP A 316 23.22 -6.00 15.11
N PHE A 317 24.03 -6.90 15.61
CA PHE A 317 23.63 -7.90 16.57
C PHE A 317 24.28 -7.69 17.91
N TYR A 318 23.48 -7.79 18.96
CA TYR A 318 24.00 -7.61 20.30
C TYR A 318 24.09 -8.92 21.05
N TYR A 319 25.18 -9.07 21.77
CA TYR A 319 25.43 -10.27 22.53
C TYR A 319 26.15 -10.01 23.83
N THR A 320 26.21 -11.06 24.62
CA THR A 320 26.66 -11.05 25.98
C THR A 320 28.12 -10.88 26.37
N GLY A 321 29.09 -11.02 25.50
CA GLY A 321 30.42 -10.80 26.02
C GLY A 321 30.70 -11.79 27.15
N ASP A 322 31.06 -11.25 28.31
CA ASP A 322 31.36 -12.02 29.50
C ASP A 322 30.84 -11.28 30.74
N ILE A 323 31.01 -11.87 31.90
CA ILE A 323 30.53 -11.34 33.17
C ILE A 323 31.61 -10.83 34.09
N ILE A 324 31.31 -9.66 34.64
CA ILE A 324 32.20 -8.99 35.54
C ILE A 324 31.85 -9.40 36.96
N GLY A 325 32.84 -9.89 37.68
CA GLY A 325 32.62 -10.36 39.03
C GLY A 325 32.21 -11.82 38.97
N ASP A 326 31.77 -12.38 40.09
CA ASP A 326 31.42 -13.79 40.11
C ASP A 326 29.99 -13.99 39.66
N ILE A 327 29.53 -15.25 39.63
CA ILE A 327 28.19 -15.50 39.13
C ILE A 327 27.20 -15.94 40.21
N ARG A 328 26.08 -15.23 40.25
CA ARG A 328 24.99 -15.49 41.17
C ARG A 328 23.69 -15.72 40.41
N GLN A 329 22.74 -16.37 41.08
CA GLN A 329 21.43 -16.60 40.47
C GLN A 329 20.52 -15.40 40.58
N ALA A 330 19.67 -15.20 39.59
CA ALA A 330 18.65 -14.16 39.68
C ALA A 330 17.65 -14.59 40.71
N HIS A 331 17.06 -13.64 41.41
CA HIS A 331 16.09 -13.94 42.46
C HIS A 331 15.19 -12.74 42.82
N CYS A 332 14.06 -13.00 43.54
CA CYS A 332 13.14 -11.97 44.05
C CYS A 332 12.87 -12.13 45.57
N ASN A 333 12.80 -10.99 46.29
CA ASN A 333 12.55 -10.96 47.73
C ASN A 333 11.20 -10.34 48.11
N VAL A 334 10.38 -11.09 48.90
CA VAL A 334 9.05 -10.69 49.44
C VAL A 334 8.94 -10.83 50.96
N SER A 335 8.46 -9.84 51.69
CA SER A 335 8.35 -10.02 53.15
C SER A 335 7.47 -11.23 53.48
N LYS A 336 7.94 -12.16 54.31
CA LYS A 336 7.11 -13.32 54.61
C LYS A 336 5.88 -12.93 55.37
N ALA A 337 6.02 -12.02 56.31
CA ALA A 337 4.87 -11.64 57.09
C ALA A 337 3.85 -10.97 56.22
N THR A 338 4.29 -10.13 55.28
CA THR A 338 3.34 -9.43 54.47
C THR A 338 2.57 -10.44 53.64
N TRP A 339 3.30 -11.39 53.07
CA TRP A 339 2.69 -12.44 52.28
C TRP A 339 1.67 -13.26 53.07
N ASN A 340 2.02 -13.65 54.32
CA ASN A 340 1.19 -14.44 55.22
C ASN A 340 -0.10 -13.70 55.60
N GLU A 341 -0.01 -12.36 55.84
CA GLU A 341 -1.15 -11.49 56.15
C GLU A 341 -2.05 -11.40 54.94
N THR A 342 -1.44 -11.32 53.77
CA THR A 342 -2.18 -11.25 52.54
C THR A 342 -2.95 -12.52 52.36
N LEU A 343 -2.33 -13.65 52.60
CA LEU A 343 -3.06 -14.88 52.45
C LEU A 343 -4.15 -14.96 53.46
N GLY A 344 -3.93 -14.50 54.69
CA GLY A 344 -4.98 -14.56 55.69
C GLY A 344 -6.22 -13.81 55.20
N LYS A 345 -6.01 -12.64 54.58
CA LYS A 345 -7.12 -11.86 54.07
C LYS A 345 -7.86 -12.65 52.98
N VAL A 346 -7.08 -13.28 52.12
CA VAL A 346 -7.63 -14.05 51.02
C VAL A 346 -8.40 -15.27 51.46
N VAL A 347 -7.89 -16.02 52.42
CA VAL A 347 -8.59 -17.22 52.81
C VAL A 347 -9.89 -16.86 53.48
N LYS A 348 -9.96 -15.76 54.21
CA LYS A 348 -11.26 -15.42 54.78
C LYS A 348 -12.26 -15.17 53.66
N GLN A 349 -11.81 -14.47 52.62
CA GLN A 349 -12.67 -14.17 51.50
C GLN A 349 -12.99 -15.39 50.66
N LEU A 350 -12.08 -16.34 50.57
CA LEU A 350 -12.41 -17.53 49.83
C LEU A 350 -13.44 -18.34 50.57
N ARG A 351 -13.28 -18.46 51.89
CA ARG A 351 -14.18 -19.28 52.68
C ARG A 351 -15.61 -18.82 52.62
N LYS A 352 -15.86 -17.53 52.49
CA LYS A 352 -17.26 -17.12 52.50
C LYS A 352 -18.07 -17.76 51.35
N HIS A 353 -17.40 -18.26 50.31
CA HIS A 353 -18.09 -18.89 49.21
C HIS A 353 -18.04 -20.42 49.20
N PHE A 354 -17.30 -21.00 50.13
CA PHE A 354 -17.15 -22.45 50.16
C PHE A 354 -17.63 -23.05 51.47
N GLY A 355 -17.67 -22.20 52.49
CA GLY A 355 -18.02 -22.55 53.85
C GLY A 355 -16.89 -22.07 54.74
N ASN A 356 -17.19 -21.75 56.01
CA ASN A 356 -16.23 -21.23 57.00
C ASN A 356 -15.67 -22.33 57.93
N ASN A 357 -15.89 -23.60 57.59
CA ASN A 357 -15.44 -24.80 58.26
C ASN A 357 -14.46 -25.54 57.38
N THR A 358 -13.80 -24.82 56.50
CA THR A 358 -12.91 -25.47 55.56
C THR A 358 -11.45 -25.14 55.75
N ILE A 359 -10.64 -25.99 55.14
CA ILE A 359 -9.21 -25.83 55.12
C ILE A 359 -8.72 -25.45 53.75
N ILE A 360 -8.00 -24.36 53.70
CA ILE A 360 -7.49 -23.89 52.45
C ILE A 360 -6.02 -24.16 52.32
N ARG A 361 -5.66 -24.81 51.25
CA ARG A 361 -4.31 -25.17 50.97
C ARG A 361 -3.78 -24.44 49.78
N PHE A 362 -2.52 -24.07 49.85
CA PHE A 362 -1.87 -23.47 48.71
C PHE A 362 -0.73 -24.34 48.28
N ALA A 363 -0.59 -24.44 46.98
CA ALA A 363 0.40 -25.26 46.32
C ALA A 363 0.82 -24.59 45.01
N ASN A 364 1.92 -25.08 44.39
CA ASN A 364 2.42 -24.62 43.09
C ASN A 364 1.55 -25.24 41.98
N SER A 365 1.82 -24.91 40.70
CA SER A 365 1.03 -25.42 39.56
C SER A 365 1.29 -26.89 39.31
N SER A 366 0.44 -27.50 38.50
CA SER A 366 0.56 -28.91 38.19
C SER A 366 1.64 -29.24 37.16
N GLY A 367 2.12 -28.23 36.46
CA GLY A 367 3.11 -28.44 35.43
C GLY A 367 2.75 -27.73 34.13
N GLY A 368 3.74 -27.63 33.26
CA GLY A 368 3.62 -26.94 31.98
C GLY A 368 4.95 -26.30 31.71
N ASP A 369 5.02 -25.43 30.72
CA ASP A 369 6.30 -24.80 30.42
C ASP A 369 6.49 -23.65 31.39
N LEU A 370 7.63 -22.97 31.29
CA LEU A 370 7.92 -21.89 32.21
C LEU A 370 6.89 -20.80 32.13
N GLU A 371 6.31 -20.61 30.97
CA GLU A 371 5.35 -19.53 30.82
C GLU A 371 4.17 -19.67 31.78
N VAL A 372 3.86 -20.89 32.21
CA VAL A 372 2.76 -21.06 33.12
C VAL A 372 3.19 -21.57 34.51
N THR A 373 4.36 -22.20 34.61
CA THR A 373 4.75 -22.72 35.91
C THR A 373 5.48 -21.68 36.73
N THR A 374 6.02 -20.66 36.11
CA THR A 374 6.73 -19.63 36.83
C THR A 374 6.00 -18.33 36.76
N HIS A 375 6.47 -17.40 37.56
CA HIS A 375 5.97 -16.06 37.50
C HIS A 375 6.74 -15.37 36.43
N SER A 376 6.09 -15.18 35.30
CA SER A 376 6.73 -14.58 34.16
C SER A 376 6.50 -13.09 34.10
N PHE A 377 7.58 -12.34 33.99
CA PHE A 377 7.49 -10.90 33.90
C PHE A 377 8.71 -10.21 33.29
N ASN A 378 8.50 -8.99 32.83
CA ASN A 378 9.54 -8.11 32.33
C ASN A 378 10.04 -7.12 33.40
N CYS A 379 11.32 -7.23 33.81
CA CYS A 379 11.98 -6.41 34.82
C CYS A 379 13.21 -5.75 34.20
N GLY A 380 13.08 -4.47 33.91
CA GLY A 380 14.18 -3.72 33.34
C GLY A 380 14.43 -4.01 31.88
N GLY A 381 13.50 -4.71 31.24
CA GLY A 381 13.65 -5.12 29.86
C GLY A 381 14.06 -6.58 29.81
N GLU A 382 14.43 -7.15 30.94
CA GLU A 382 14.82 -8.54 30.93
C GLU A 382 13.62 -9.43 31.23
N PHE A 383 13.68 -10.67 30.77
CA PHE A 383 12.61 -11.63 31.00
C PHE A 383 12.91 -12.71 32.02
N PHE A 384 12.17 -12.61 33.11
CA PHE A 384 12.26 -13.45 34.29
C PHE A 384 11.18 -14.49 34.35
N TYR A 385 11.58 -15.67 34.81
CA TYR A 385 10.74 -16.82 35.05
C TYR A 385 11.01 -17.33 36.47
N CYS A 386 10.33 -16.74 37.48
CA CYS A 386 10.61 -16.95 38.90
C CYS A 386 9.81 -18.09 39.49
N ASN A 387 10.46 -18.82 40.38
CA ASN A 387 9.81 -19.89 41.10
C ASN A 387 8.85 -19.29 42.13
N THR A 388 7.73 -19.97 42.38
CA THR A 388 6.71 -19.59 43.35
C THR A 388 6.32 -20.72 44.29
N SER A 389 6.99 -21.87 44.21
CA SER A 389 6.56 -22.98 45.05
C SER A 389 6.76 -22.74 46.52
N GLY A 390 7.70 -21.88 46.88
CA GLY A 390 7.93 -21.59 48.28
C GLY A 390 7.04 -20.46 48.75
N LEU A 391 6.26 -19.91 47.85
CA LEU A 391 5.39 -18.81 48.14
C LEU A 391 4.03 -19.44 48.38
N PHE A 392 3.62 -20.28 47.45
CA PHE A 392 2.36 -20.99 47.57
C PHE A 392 2.54 -22.34 48.23
N ASN A 393 2.89 -22.32 49.54
CA ASN A 393 3.15 -23.50 50.37
C ASN A 393 2.58 -23.26 51.77
N SER A 394 1.26 -23.52 51.96
CA SER A 394 0.57 -23.22 53.23
C SER A 394 -0.73 -23.97 53.47
N THR A 395 -1.14 -23.95 54.75
CA THR A 395 -2.42 -24.49 55.20
C THR A 395 -3.11 -23.48 56.09
N TRP A 396 -4.38 -23.22 55.82
CA TRP A 396 -5.14 -22.30 56.66
C TRP A 396 -6.39 -22.97 57.21
N ILE A 397 -6.44 -23.10 58.54
CA ILE A 397 -7.54 -23.81 59.18
C ILE A 397 -8.36 -22.89 60.08
N SER A 398 -9.70 -22.86 59.90
CA SER A 398 -10.65 -22.08 60.70
C SER A 398 -10.52 -22.40 62.20
N SER A 410 16.28 -8.46 59.22
CA SER A 410 15.22 -7.88 60.03
C SER A 410 13.81 -8.16 59.46
N ASN A 411 13.67 -8.08 58.11
CA ASN A 411 12.42 -8.27 57.37
C ASN A 411 11.96 -9.72 57.27
N ASP A 412 12.90 -10.67 57.32
CA ASP A 412 12.54 -12.08 57.16
C ASP A 412 11.77 -12.29 55.87
N SER A 413 12.36 -11.89 54.75
CA SER A 413 11.76 -12.06 53.46
C SER A 413 11.99 -13.45 52.92
N ILE A 414 11.23 -13.81 51.92
CA ILE A 414 11.39 -15.07 51.23
C ILE A 414 12.06 -14.78 49.93
N THR A 415 13.09 -15.55 49.64
CA THR A 415 13.80 -15.38 48.40
C THR A 415 13.40 -16.47 47.45
N LEU A 416 12.99 -16.09 46.27
CA LEU A 416 12.62 -17.04 45.26
C LEU A 416 13.65 -16.95 44.14
N PRO A 417 14.18 -18.06 43.62
CA PRO A 417 15.14 -18.11 42.53
C PRO A 417 14.41 -17.77 41.25
N CYS A 418 15.12 -17.19 40.26
CA CYS A 418 14.58 -16.82 38.95
C CYS A 418 15.46 -17.24 37.79
N ARG A 419 14.82 -17.72 36.73
CA ARG A 419 15.49 -18.05 35.49
C ARG A 419 15.37 -16.93 34.49
N ILE A 420 16.36 -16.81 33.61
CA ILE A 420 16.38 -15.77 32.58
C ILE A 420 16.42 -16.35 31.18
N LYS A 421 15.61 -15.80 30.26
CA LYS A 421 15.65 -16.27 28.85
C LYS A 421 15.83 -15.13 27.86
N GLN A 422 16.45 -15.42 26.72
CA GLN A 422 16.57 -14.44 25.65
C GLN A 422 15.70 -14.76 24.44
N ILE A 423 15.40 -16.03 24.21
CA ILE A 423 14.54 -16.34 23.07
C ILE A 423 13.12 -16.51 23.59
N ILE A 424 12.26 -15.60 23.18
CA ILE A 424 10.93 -15.48 23.73
C ILE A 424 9.76 -15.77 22.81
N ASN A 425 8.92 -16.69 23.25
CA ASN A 425 7.70 -17.01 22.53
C ASN A 425 6.61 -16.09 23.01
N MET A 426 6.68 -14.87 22.55
CA MET A 426 5.82 -13.88 23.10
C MET A 426 4.37 -14.22 22.78
N TRP A 427 3.51 -13.95 23.75
CA TRP A 427 2.07 -14.13 23.71
C TRP A 427 1.65 -15.57 23.60
N GLN A 428 2.60 -16.48 23.77
CA GLN A 428 2.32 -17.91 23.68
C GLN A 428 1.74 -18.20 22.32
N ARG A 429 2.21 -17.48 21.32
CA ARG A 429 1.75 -17.66 19.98
C ARG A 429 2.81 -18.30 19.14
N ILE A 430 2.49 -19.38 18.47
CA ILE A 430 3.50 -19.96 17.63
C ILE A 430 3.59 -19.07 16.42
N GLY A 431 4.80 -18.66 16.12
CA GLY A 431 5.06 -17.73 15.04
C GLY A 431 6.42 -17.18 15.32
N GLN A 432 6.69 -15.99 14.81
CA GLN A 432 7.99 -15.36 14.97
C GLN A 432 8.42 -15.24 16.42
N ALA A 433 9.68 -15.52 16.68
CA ALA A 433 10.22 -15.41 18.02
C ALA A 433 10.92 -14.10 18.19
N MET A 434 10.92 -13.60 19.40
CA MET A 434 11.66 -12.40 19.67
C MET A 434 12.95 -12.71 20.35
N TYR A 435 13.98 -12.03 19.98
CA TYR A 435 15.23 -12.14 20.68
C TYR A 435 15.49 -10.91 21.47
N ALA A 436 15.72 -11.11 22.75
CA ALA A 436 16.00 -10.02 23.62
C ALA A 436 17.50 -9.82 23.75
N PRO A 437 18.05 -8.69 23.33
CA PRO A 437 19.45 -8.43 23.39
C PRO A 437 19.73 -8.27 24.86
N PRO A 438 20.95 -8.52 25.32
CA PRO A 438 21.37 -8.36 26.68
C PRO A 438 21.42 -6.91 27.08
N ILE A 439 21.23 -6.68 28.36
CA ILE A 439 21.24 -5.36 28.91
C ILE A 439 22.48 -5.08 29.73
N GLN A 440 23.16 -4.01 29.34
CA GLN A 440 24.40 -3.62 29.99
C GLN A 440 24.16 -3.23 31.45
N GLY A 441 24.95 -3.80 32.34
CA GLY A 441 24.83 -3.51 33.77
C GLY A 441 24.05 -4.56 34.56
N VAL A 442 23.52 -4.13 35.70
CA VAL A 442 22.85 -4.99 36.68
C VAL A 442 21.42 -4.51 36.82
N ILE A 443 20.46 -5.43 36.85
CA ILE A 443 19.07 -5.00 36.93
C ILE A 443 18.38 -5.29 38.23
N ARG A 444 17.77 -4.26 38.78
CA ARG A 444 16.94 -4.42 39.94
C ARG A 444 15.69 -3.56 39.73
N CYS A 445 14.51 -4.07 40.13
CA CYS A 445 13.24 -3.36 40.08
C CYS A 445 12.42 -3.78 41.27
N VAL A 446 11.46 -2.95 41.63
CA VAL A 446 10.55 -3.32 42.69
C VAL A 446 9.15 -3.17 42.17
N SER A 447 8.37 -4.21 42.28
CA SER A 447 7.01 -4.14 41.79
C SER A 447 5.97 -4.27 42.90
N ASN A 448 4.78 -3.72 42.64
CA ASN A 448 3.61 -3.79 43.52
C ASN A 448 2.73 -4.98 43.13
N ILE A 449 2.61 -6.02 43.99
CA ILE A 449 1.74 -7.16 43.69
C ILE A 449 0.36 -6.70 44.12
N THR A 450 -0.55 -6.62 43.17
CA THR A 450 -1.88 -6.12 43.42
C THR A 450 -2.94 -7.20 43.29
N GLY A 451 -2.53 -8.37 42.81
CA GLY A 451 -3.52 -9.43 42.68
C GLY A 451 -2.96 -10.77 42.29
N LEU A 452 -3.86 -11.75 42.30
CA LEU A 452 -3.53 -13.13 42.00
C LEU A 452 -4.44 -13.79 41.00
N ILE A 453 -3.90 -14.76 40.27
CA ILE A 453 -4.74 -15.61 39.45
C ILE A 453 -4.67 -17.00 40.04
N LEU A 454 -5.80 -17.53 40.48
CA LEU A 454 -5.83 -18.87 41.10
C LEU A 454 -6.81 -19.83 40.44
N THR A 455 -6.51 -21.11 40.53
CA THR A 455 -7.46 -22.12 40.11
C THR A 455 -7.61 -23.13 41.22
N ARG A 456 -8.67 -23.93 41.20
CA ARG A 456 -8.83 -24.98 42.21
C ARG A 456 -8.61 -26.33 41.61
N ASP A 457 -8.19 -27.29 42.39
CA ASP A 457 -8.08 -28.61 41.81
C ASP A 457 -9.45 -29.20 41.53
N GLY A 458 -10.38 -28.98 42.44
CA GLY A 458 -11.71 -29.53 42.33
C GLY A 458 -11.61 -31.02 42.63
N GLY A 459 -12.59 -31.81 42.20
CA GLY A 459 -12.57 -33.23 42.53
C GLY A 459 -12.93 -33.45 43.99
N SER A 460 -13.77 -32.57 44.51
CA SER A 460 -14.16 -32.62 45.92
C SER A 460 -14.79 -33.92 46.35
N THR A 461 -14.39 -34.33 47.55
CA THR A 461 -14.82 -35.52 48.25
C THR A 461 -15.58 -35.10 49.51
N ASN A 462 -15.92 -33.82 49.57
CA ASN A 462 -16.61 -33.20 50.71
C ASN A 462 -15.83 -33.36 52.01
N SER A 463 -14.51 -33.15 51.91
CA SER A 463 -13.56 -33.22 53.02
C SER A 463 -13.26 -31.83 53.57
N THR A 464 -14.08 -30.86 53.11
CA THR A 464 -14.00 -29.45 53.47
C THR A 464 -12.58 -28.95 53.47
N THR A 465 -11.85 -29.37 52.45
CA THR A 465 -10.48 -29.02 52.22
C THR A 465 -10.36 -28.76 50.73
N GLU A 466 -9.66 -27.71 50.35
CA GLU A 466 -9.45 -27.45 48.93
C GLU A 466 -8.09 -26.85 48.66
N THR A 467 -7.55 -27.15 47.48
CA THR A 467 -6.25 -26.64 47.08
C THR A 467 -6.32 -25.66 45.93
N PHE A 468 -5.66 -24.55 46.17
CA PHE A 468 -5.56 -23.47 45.23
C PHE A 468 -4.16 -23.41 44.69
N ARG A 469 -4.05 -23.21 43.39
CA ARG A 469 -2.76 -23.14 42.74
C ARG A 469 -2.74 -21.91 41.86
N PRO A 470 -1.58 -21.33 41.56
CA PRO A 470 -1.45 -20.25 40.61
C PRO A 470 -1.97 -20.67 39.26
N GLY A 471 -2.67 -19.77 38.61
CA GLY A 471 -3.20 -19.97 37.27
C GLY A 471 -2.52 -19.01 36.32
N GLY A 472 -3.00 -18.90 35.09
CA GLY A 472 -2.35 -18.00 34.16
C GLY A 472 -2.61 -18.38 32.71
N GLY A 473 -1.70 -17.96 31.84
CA GLY A 473 -1.81 -18.20 30.41
C GLY A 473 -2.65 -17.16 29.70
N ASP A 474 -3.92 -17.05 30.06
CA ASP A 474 -4.72 -16.05 29.38
C ASP A 474 -4.37 -14.63 29.79
N MET A 475 -4.11 -13.79 28.80
CA MET A 475 -3.75 -12.41 29.06
C MET A 475 -4.94 -11.49 29.20
N ARG A 476 -6.08 -11.86 28.66
CA ARG A 476 -7.23 -10.98 28.69
C ARG A 476 -7.63 -10.80 30.12
N ASP A 477 -7.46 -11.88 30.88
CA ASP A 477 -7.80 -11.91 32.29
C ASP A 477 -6.99 -10.90 33.09
N ASN A 478 -5.83 -10.49 32.59
CA ASN A 478 -5.07 -9.52 33.33
C ASN A 478 -5.70 -8.16 33.21
N TRP A 479 -6.34 -7.89 32.09
CA TRP A 479 -6.90 -6.60 31.84
C TRP A 479 -8.30 -6.53 32.37
N ARG A 480 -8.93 -7.69 32.51
CA ARG A 480 -10.27 -7.74 33.04
C ARG A 480 -10.28 -7.16 34.45
N SER A 481 -9.16 -7.34 35.15
CA SER A 481 -9.03 -6.87 36.51
C SER A 481 -9.10 -5.36 36.64
N GLU A 482 -8.91 -4.64 35.54
CA GLU A 482 -9.00 -3.20 35.52
C GLU A 482 -10.25 -2.74 34.76
N LEU A 483 -10.66 -3.55 33.79
CA LEU A 483 -11.77 -3.23 32.91
C LEU A 483 -13.14 -3.56 33.45
N TYR A 484 -13.23 -4.33 34.52
CA TYR A 484 -14.52 -4.74 35.06
C TYR A 484 -15.45 -3.60 35.42
N LYS A 485 -14.91 -2.43 35.64
CA LYS A 485 -15.72 -1.28 36.02
C LYS A 485 -16.33 -0.58 34.83
N TYR A 486 -15.99 -0.96 33.60
CA TYR A 486 -16.49 -0.20 32.46
C TYR A 486 -17.36 -0.97 31.48
N LYS A 487 -18.33 -0.25 30.93
CA LYS A 487 -19.20 -0.76 29.87
C LYS A 487 -19.39 0.26 28.76
N VAL A 488 -19.52 -0.19 27.52
CA VAL A 488 -19.77 0.77 26.43
C VAL A 488 -21.14 0.63 25.80
N VAL A 489 -21.80 1.78 25.66
CA VAL A 489 -23.13 1.78 25.06
C VAL A 489 -23.23 2.76 23.90
N LYS A 490 -24.22 2.52 23.04
CA LYS A 490 -24.52 3.34 21.88
C LYS A 490 -25.78 4.15 22.13
N ILE A 491 -25.73 5.42 21.79
CA ILE A 491 -26.85 6.31 22.03
C ILE A 491 -27.93 6.25 20.95
N GLU A 492 -29.18 6.16 21.38
CA GLU A 492 -30.34 6.09 20.50
C GLU A 492 -31.33 7.23 20.80
N PRO A 493 -31.12 8.43 20.23
CA PRO A 493 -31.81 9.66 20.55
C PRO A 493 -33.24 9.75 20.06
N LEU A 494 -33.65 8.85 19.20
CA LEU A 494 -34.97 8.98 18.63
C LEU A 494 -35.95 7.97 19.20
N GLY A 495 -37.14 8.44 19.56
CA GLY A 495 -38.18 7.55 20.06
C GLY A 495 -39.53 8.25 20.12
N VAL A 496 -40.56 7.52 20.55
CA VAL A 496 -41.91 8.08 20.60
C VAL A 496 -42.55 7.88 21.94
N ALA A 497 -43.60 8.65 22.19
CA ALA A 497 -44.43 8.56 23.39
C ALA A 497 -45.80 9.18 23.07
N PRO A 498 -46.89 8.86 23.80
CA PRO A 498 -48.21 9.43 23.64
C PRO A 498 -48.35 10.87 24.10
N THR A 499 -49.25 11.58 23.45
CA THR A 499 -49.66 12.94 23.79
C THR A 499 -51.12 13.21 23.59
N ARG A 500 -51.60 14.24 24.24
CA ARG A 500 -52.96 14.74 24.02
C ARG A 500 -53.19 15.44 22.63
N CYS A 501 -52.08 15.88 21.98
CA CYS A 501 -52.01 16.64 20.73
C CYS A 501 -51.93 15.79 19.45
N LYS A 502 -52.87 16.04 18.56
CA LYS A 502 -52.88 15.48 17.22
C LYS A 502 -52.14 16.49 16.37
N ARG A 503 -51.40 16.06 15.34
CA ARG A 503 -50.79 17.10 14.53
C ARG A 503 -51.84 18.03 14.01
N ARG A 504 -51.60 19.31 14.18
CA ARG A 504 -52.54 20.27 13.69
C ARG A 504 -52.27 20.48 12.23
N VAL A 505 -53.34 20.45 11.46
CA VAL A 505 -53.22 20.61 10.03
C VAL A 505 -53.97 21.86 9.57
N VAL A 506 -53.24 22.76 8.88
CA VAL A 506 -53.74 24.03 8.35
C VAL A 506 -54.44 23.76 7.01
N LEU B 520 -28.23 19.77 33.44
CA LEU B 520 -27.50 18.69 34.11
C LEU B 520 -26.17 18.37 33.37
N GLY B 521 -26.22 18.28 32.02
CA GLY B 521 -25.11 17.93 31.13
C GLY B 521 -25.49 16.71 30.33
N PHE B 522 -24.61 16.30 29.44
CA PHE B 522 -24.91 15.20 28.53
C PHE B 522 -25.21 13.94 29.30
N LEU B 523 -26.34 13.33 28.97
CA LEU B 523 -26.90 12.13 29.57
C LEU B 523 -27.23 12.28 31.04
N GLY B 524 -27.21 13.49 31.57
CA GLY B 524 -27.51 13.68 32.99
C GLY B 524 -28.97 13.41 33.26
N ALA B 525 -29.76 13.50 32.22
CA ALA B 525 -31.19 13.31 32.30
C ALA B 525 -31.56 11.86 32.12
N ALA B 526 -30.60 10.97 31.95
CA ALA B 526 -30.95 9.58 31.66
C ALA B 526 -31.84 8.95 32.73
N GLY B 527 -31.67 9.28 33.99
CA GLY B 527 -32.52 8.69 35.03
C GLY B 527 -33.73 9.55 35.39
N SER B 528 -33.91 10.66 34.70
CA SER B 528 -34.99 11.58 35.02
C SER B 528 -36.25 11.09 34.36
N THR B 529 -37.38 11.68 34.72
CA THR B 529 -38.61 11.24 34.13
C THR B 529 -38.70 11.74 32.71
N MET B 530 -39.63 11.17 31.97
CA MET B 530 -39.77 11.48 30.59
C MET B 530 -40.04 12.94 30.33
N GLY B 531 -40.87 13.56 31.17
CA GLY B 531 -41.19 14.96 31.00
C GLY B 531 -39.95 15.80 31.25
N ALA B 532 -39.25 15.52 32.33
CA ALA B 532 -38.09 16.30 32.71
C ALA B 532 -37.00 16.28 31.65
N ALA B 533 -36.85 15.14 31.03
CA ALA B 533 -35.80 14.89 30.05
C ALA B 533 -36.00 15.69 28.77
N SER B 534 -37.18 16.26 28.56
CA SER B 534 -37.42 17.00 27.34
C SER B 534 -36.64 18.31 27.35
N MET B 535 -36.07 18.67 28.50
CA MET B 535 -35.35 19.92 28.62
C MET B 535 -33.90 19.82 28.15
N THR B 536 -33.40 18.61 27.86
CA THR B 536 -32.00 18.44 27.50
C THR B 536 -31.80 17.92 26.09
N LEU B 537 -32.82 18.01 25.27
CA LEU B 537 -32.74 17.40 23.95
C LEU B 537 -31.61 17.95 23.06
N THR B 538 -31.20 19.22 23.23
CA THR B 538 -30.14 19.71 22.37
C THR B 538 -28.74 19.40 22.87
N VAL B 539 -28.57 19.03 24.15
CA VAL B 539 -27.21 18.70 24.53
C VAL B 539 -26.99 17.34 23.97
N GLN B 540 -28.06 16.53 23.99
CA GLN B 540 -27.91 15.20 23.50
C GLN B 540 -27.64 15.23 22.02
N ALA B 541 -28.32 16.11 21.28
CA ALA B 541 -28.11 16.16 19.84
C ALA B 541 -26.71 16.61 19.44
N ARG B 542 -26.17 17.59 20.13
CA ARG B 542 -24.85 18.10 19.74
C ARG B 542 -23.73 17.10 19.92
N ASN B 543 -23.86 16.26 20.93
CA ASN B 543 -22.79 15.34 21.25
C ASN B 543 -22.86 14.06 20.44
N LEU B 544 -23.74 14.02 19.47
CA LEU B 544 -23.79 12.90 18.57
C LEU B 544 -22.96 13.19 17.35
N LEU B 545 -22.76 14.47 17.03
CA LEU B 545 -22.12 14.80 15.78
C LEU B 545 -20.72 15.38 15.94
N SER B 546 -20.51 16.20 16.96
CA SER B 546 -19.23 16.91 17.09
C SER B 546 -18.10 16.05 17.67
N GLY B 547 -17.71 15.04 16.91
CA GLY B 547 -16.65 14.10 17.26
C GLY B 547 -15.30 14.70 16.88
N THR B 569 -1.47 2.08 8.68
CA THR B 569 -2.62 2.08 7.78
C THR B 569 -3.82 1.40 8.39
N HIS B 570 -3.58 0.35 9.16
CA HIS B 570 -4.68 -0.36 9.78
C HIS B 570 -5.34 0.50 10.82
N TRP B 571 -4.51 1.32 11.43
CA TRP B 571 -4.90 2.24 12.47
C TRP B 571 -5.80 3.30 11.87
N GLY B 572 -5.32 3.90 10.79
CA GLY B 572 -6.08 4.94 10.14
C GLY B 572 -7.43 4.41 9.65
N ILE B 573 -7.47 3.17 9.17
CA ILE B 573 -8.75 2.66 8.73
C ILE B 573 -9.68 2.45 9.89
N LYS B 574 -9.22 1.89 11.00
CA LYS B 574 -10.17 1.73 12.07
C LYS B 574 -10.81 3.06 12.44
N GLN B 575 -10.01 4.12 12.45
CA GLN B 575 -10.53 5.41 12.81
C GLN B 575 -11.53 5.92 11.78
N LEU B 576 -11.22 5.74 10.50
CA LEU B 576 -12.13 6.22 9.49
C LEU B 576 -13.41 5.45 9.48
N GLN B 577 -13.35 4.16 9.75
CA GLN B 577 -14.58 3.40 9.72
C GLN B 577 -15.51 3.88 10.78
N ALA B 578 -14.97 4.18 11.97
CA ALA B 578 -15.80 4.67 13.04
C ALA B 578 -16.43 6.00 12.69
N ARG B 579 -15.68 6.85 12.01
CA ARG B 579 -16.21 8.14 11.65
C ARG B 579 -17.30 8.02 10.60
N VAL B 580 -17.10 7.13 9.64
CA VAL B 580 -18.08 6.95 8.61
C VAL B 580 -19.36 6.38 9.14
N LEU B 581 -19.27 5.39 10.02
CA LEU B 581 -20.53 4.85 10.49
C LEU B 581 -21.23 5.84 11.38
N ALA B 582 -20.50 6.67 12.12
CA ALA B 582 -21.21 7.63 12.94
C ALA B 582 -22.04 8.53 12.05
N VAL B 583 -21.47 8.91 10.90
CA VAL B 583 -22.20 9.72 9.97
C VAL B 583 -23.39 9.01 9.42
N GLU B 584 -23.24 7.76 9.06
CA GLU B 584 -24.36 7.04 8.50
C GLU B 584 -25.50 6.96 9.50
N HIS B 585 -25.21 6.73 10.77
CA HIS B 585 -26.30 6.66 11.73
C HIS B 585 -26.95 8.00 11.89
N TYR B 586 -26.13 9.05 11.90
CA TYR B 586 -26.65 10.38 12.03
C TYR B 586 -27.63 10.67 10.93
N LEU B 587 -27.23 10.35 9.71
CA LEU B 587 -28.06 10.63 8.57
C LEU B 587 -29.32 9.83 8.57
N ARG B 588 -29.30 8.60 9.07
CA ARG B 588 -30.54 7.85 9.05
C ARG B 588 -31.57 8.51 9.92
N ASP B 589 -31.15 9.03 11.06
CA ASP B 589 -32.15 9.64 11.91
C ASP B 589 -32.67 10.88 11.25
N GLN B 590 -31.80 11.62 10.59
CA GLN B 590 -32.29 12.82 9.97
C GLN B 590 -33.20 12.50 8.80
N GLN B 591 -32.88 11.45 8.07
CA GLN B 591 -33.69 11.07 6.94
C GLN B 591 -35.05 10.66 7.39
N LEU B 592 -35.12 9.93 8.47
CA LEU B 592 -36.38 9.43 8.94
C LEU B 592 -37.26 10.55 9.46
N LEU B 593 -36.67 11.52 10.15
CA LEU B 593 -37.47 12.63 10.59
C LEU B 593 -37.97 13.36 9.37
N GLY B 594 -37.15 13.44 8.33
CA GLY B 594 -37.58 14.07 7.10
C GLY B 594 -38.77 13.31 6.50
N ILE B 595 -38.72 11.98 6.51
CA ILE B 595 -39.78 11.16 5.95
C ILE B 595 -41.08 11.43 6.63
N TRP B 596 -41.04 11.58 7.94
CA TRP B 596 -42.22 11.83 8.74
C TRP B 596 -42.67 13.30 8.78
N GLY B 597 -41.90 14.20 8.18
CA GLY B 597 -42.19 15.63 8.23
C GLY B 597 -41.87 16.32 9.58
N CYS B 598 -40.91 15.77 10.37
CA CYS B 598 -40.52 16.25 11.71
C CYS B 598 -39.10 16.77 11.71
N SER B 599 -38.56 17.09 10.55
CA SER B 599 -37.18 17.53 10.46
C SER B 599 -36.89 18.87 11.14
N GLY B 600 -37.89 19.71 11.27
CA GLY B 600 -37.69 21.01 11.89
C GLY B 600 -37.99 21.04 13.37
N LYS B 601 -38.26 19.88 13.98
CA LYS B 601 -38.65 19.86 15.37
C LYS B 601 -37.90 18.88 16.24
N LEU B 602 -37.68 19.25 17.50
CA LEU B 602 -37.17 18.26 18.44
C LEU B 602 -38.34 17.38 18.81
N ILE B 603 -39.53 18.00 18.92
CA ILE B 603 -40.73 17.27 19.27
C ILE B 603 -41.86 17.57 18.25
N CYS B 604 -42.51 16.53 17.66
CA CYS B 604 -43.63 16.76 16.72
C CYS B 604 -44.83 15.90 17.06
N CYS B 605 -45.99 16.52 16.93
CA CYS B 605 -47.25 15.82 17.08
C CYS B 605 -47.41 15.19 15.71
N THR B 606 -47.98 13.99 15.64
CA THR B 606 -48.21 13.36 14.34
C THR B 606 -49.69 13.06 14.19
N ASN B 607 -50.08 12.52 13.04
CA ASN B 607 -51.47 12.17 12.79
C ASN B 607 -51.76 10.71 13.03
N VAL B 608 -50.83 10.01 13.67
CA VAL B 608 -51.03 8.62 13.99
C VAL B 608 -51.49 8.53 15.44
N PRO B 609 -52.63 7.88 15.74
CA PRO B 609 -53.20 7.73 17.06
C PRO B 609 -52.35 6.80 17.87
N TRP B 610 -52.37 7.00 19.17
CA TRP B 610 -51.66 6.13 20.08
C TRP B 610 -52.50 4.88 20.34
N ASN B 611 -51.87 3.69 20.36
CA ASN B 611 -52.50 2.40 20.62
C ASN B 611 -52.28 1.90 22.05
N SER B 612 -53.37 1.41 22.68
CA SER B 612 -53.40 0.78 24.01
C SER B 612 -52.73 -0.60 23.95
N SER B 613 -52.58 -1.12 22.71
CA SER B 613 -51.92 -2.39 22.49
C SER B 613 -50.41 -2.22 22.60
N TRP B 614 -49.93 -0.97 22.58
CA TRP B 614 -48.51 -0.69 22.70
C TRP B 614 -48.30 -0.37 24.15
N SER B 615 -49.11 0.58 24.64
CA SER B 615 -49.10 0.97 26.04
C SER B 615 -50.44 1.49 26.49
N ASN B 616 -50.94 0.90 27.56
CA ASN B 616 -52.21 1.25 28.15
C ASN B 616 -52.04 2.00 29.46
N ARG B 617 -50.86 2.56 29.66
CA ARG B 617 -50.58 3.31 30.87
C ARG B 617 -51.20 4.70 30.77
N ASN B 618 -51.49 5.32 31.93
CA ASN B 618 -51.99 6.69 32.09
C ASN B 618 -50.95 7.68 31.55
N LEU B 619 -51.40 8.74 30.82
CA LEU B 619 -50.51 9.78 30.25
C LEU B 619 -49.66 10.43 31.34
N SER B 620 -50.25 10.62 32.52
CA SER B 620 -49.55 11.18 33.66
C SER B 620 -48.49 10.24 34.21
N GLU B 621 -48.65 8.93 34.08
CA GLU B 621 -47.64 8.03 34.62
C GLU B 621 -46.45 8.13 33.71
N ILE B 622 -46.77 8.16 32.43
CA ILE B 622 -45.77 8.17 31.41
C ILE B 622 -44.89 9.38 31.51
N TRP B 623 -45.46 10.55 31.68
CA TRP B 623 -44.61 11.72 31.74
C TRP B 623 -44.03 12.09 33.11
N ASP B 624 -44.76 11.79 34.21
CA ASP B 624 -44.30 12.17 35.54
C ASP B 624 -43.57 11.11 36.35
N ASN B 625 -43.84 9.83 36.15
CA ASN B 625 -43.18 8.82 36.98
C ASN B 625 -42.10 8.06 36.24
N MET B 626 -42.37 7.74 34.99
CA MET B 626 -41.49 6.91 34.17
C MET B 626 -40.35 7.67 33.57
N THR B 627 -39.24 6.97 33.32
CA THR B 627 -38.08 7.51 32.64
C THR B 627 -38.08 7.02 31.20
N TRP B 628 -37.24 7.63 30.35
CA TRP B 628 -37.17 7.20 28.95
C TRP B 628 -36.53 5.84 28.78
N LEU B 629 -35.65 5.45 29.68
CA LEU B 629 -35.05 4.14 29.56
C LEU B 629 -36.11 3.08 29.79
N GLN B 630 -36.97 3.33 30.78
CA GLN B 630 -38.02 2.37 31.08
C GLN B 630 -39.02 2.30 29.97
N TRP B 631 -39.34 3.47 29.45
CA TRP B 631 -40.30 3.60 28.39
C TRP B 631 -39.84 2.90 27.14
N ASP B 632 -38.59 3.08 26.78
CA ASP B 632 -38.11 2.45 25.58
C ASP B 632 -38.27 0.95 25.70
N LYS B 633 -38.00 0.39 26.86
CA LYS B 633 -38.17 -1.03 27.00
C LYS B 633 -39.63 -1.40 26.88
N GLU B 634 -40.51 -0.60 27.47
CA GLU B 634 -41.94 -0.87 27.48
C GLU B 634 -42.55 -0.98 26.10
N ILE B 635 -42.11 -0.16 25.17
CA ILE B 635 -42.69 -0.22 23.84
C ILE B 635 -41.70 -0.67 22.77
N SER B 636 -40.66 -1.39 23.18
CA SER B 636 -39.63 -1.79 22.24
C SER B 636 -40.05 -2.65 21.04
N ASN B 637 -41.17 -3.41 21.12
CA ASN B 637 -41.65 -4.29 20.04
C ASN B 637 -42.63 -3.60 19.07
N TYR B 638 -42.84 -2.26 19.17
CA TYR B 638 -43.78 -1.54 18.30
C TYR B 638 -43.14 -0.48 17.46
N THR B 639 -41.88 -0.18 17.66
CA THR B 639 -41.32 0.97 16.99
C THR B 639 -41.23 0.79 15.51
N GLN B 640 -40.98 -0.45 15.10
CA GLN B 640 -40.83 -0.80 13.71
C GLN B 640 -42.17 -0.76 12.99
N ILE B 641 -43.25 -0.72 13.76
CA ILE B 641 -44.57 -0.70 13.20
C ILE B 641 -44.97 0.73 13.03
N ILE B 642 -44.73 1.51 14.09
CA ILE B 642 -45.12 2.89 14.16
C ILE B 642 -44.47 3.68 13.05
N TYR B 643 -43.24 3.37 12.76
CA TYR B 643 -42.53 4.09 11.74
C TYR B 643 -43.26 4.08 10.41
N GLY B 644 -43.93 2.98 10.06
CA GLY B 644 -44.59 2.93 8.76
C GLY B 644 -45.98 3.53 8.80
N LEU B 645 -46.45 3.90 9.98
CA LEU B 645 -47.77 4.46 10.08
C LEU B 645 -47.56 5.92 9.84
N LEU B 646 -46.43 6.38 10.33
CA LEU B 646 -46.04 7.74 10.20
C LEU B 646 -45.70 8.01 8.75
N GLU B 647 -45.04 7.04 8.10
CA GLU B 647 -44.71 7.23 6.70
C GLU B 647 -45.96 7.42 5.87
N GLU B 648 -46.94 6.56 6.08
CA GLU B 648 -48.11 6.67 5.25
C GLU B 648 -48.93 7.92 5.53
N SER B 649 -49.06 8.31 6.80
CA SER B 649 -49.91 9.47 7.03
C SER B 649 -49.25 10.70 6.44
N GLN B 650 -47.91 10.74 6.43
CA GLN B 650 -47.24 11.88 5.84
C GLN B 650 -47.42 11.89 4.34
N ASN B 651 -47.41 10.72 3.69
CA ASN B 651 -47.58 10.75 2.26
C ASN B 651 -48.96 11.21 1.88
N GLN B 652 -49.96 10.79 2.65
CA GLN B 652 -51.29 11.20 2.29
C GLN B 652 -51.43 12.69 2.49
N GLN B 653 -50.81 13.22 3.54
CA GLN B 653 -50.90 14.62 3.81
C GLN B 653 -50.25 15.44 2.70
N GLU B 654 -49.11 15.01 2.19
CA GLU B 654 -48.49 15.82 1.14
C GLU B 654 -49.33 15.76 -0.11
N LYS B 655 -49.93 14.61 -0.39
CA LYS B 655 -50.77 14.52 -1.58
C LYS B 655 -51.97 15.43 -1.46
N ASN B 656 -52.57 15.49 -0.27
CA ASN B 656 -53.75 16.29 -0.10
C ASN B 656 -53.41 17.75 -0.33
N GLU B 657 -52.24 18.17 0.13
CA GLU B 657 -51.83 19.55 -0.06
C GLU B 657 -51.53 19.86 -1.52
N GLN B 658 -50.94 18.91 -2.23
CA GLN B 658 -50.58 19.14 -3.62
C GLN B 658 -51.82 19.38 -4.47
N ASP B 659 -52.88 18.67 -4.15
CA ASP B 659 -54.13 18.78 -4.87
C ASP B 659 -54.80 20.15 -4.71
N LEU B 660 -54.38 20.92 -3.72
CA LEU B 660 -54.99 22.22 -3.48
C LEU B 660 -54.31 23.44 -4.14
N LEU B 661 -53.16 23.26 -4.84
CA LEU B 661 -52.41 24.37 -5.48
C LEU B 661 -52.27 24.07 -6.96
N ASN C 35 -48.81 29.54 -18.11
CA ASN C 35 -49.77 28.54 -17.66
C ASN C 35 -49.12 27.48 -16.73
N LEU C 36 -48.10 26.76 -17.27
CA LEU C 36 -47.35 25.69 -16.62
C LEU C 36 -46.14 26.17 -15.88
N TRP C 37 -45.88 25.49 -14.79
CA TRP C 37 -44.77 25.70 -13.88
C TRP C 37 -43.96 24.46 -13.69
N VAL C 38 -42.70 24.66 -13.32
CA VAL C 38 -41.80 23.58 -12.98
C VAL C 38 -42.10 23.08 -11.58
N THR C 39 -42.26 21.78 -11.46
CA THR C 39 -42.45 21.14 -10.16
C THR C 39 -41.32 20.18 -9.96
N VAL C 40 -40.78 20.20 -8.75
CA VAL C 40 -39.68 19.36 -8.37
C VAL C 40 -40.13 18.15 -7.60
N TYR C 41 -39.65 16.99 -8.03
CA TYR C 41 -40.01 15.74 -7.42
C TYR C 41 -38.77 15.02 -6.91
N TYR C 42 -38.89 14.41 -5.74
CA TYR C 42 -37.83 13.61 -5.16
C TYR C 42 -38.29 12.21 -4.81
N GLY C 43 -37.52 11.22 -5.27
CA GLY C 43 -37.84 9.81 -5.04
C GLY C 43 -38.34 9.20 -6.34
N VAL C 44 -38.01 9.84 -7.44
CA VAL C 44 -38.40 9.42 -8.76
C VAL C 44 -37.71 8.11 -9.15
N PRO C 45 -38.44 7.05 -9.56
CA PRO C 45 -37.94 5.72 -9.88
C PRO C 45 -37.25 5.60 -11.25
N VAL C 46 -36.14 6.30 -11.40
CA VAL C 46 -35.37 6.27 -12.65
C VAL C 46 -33.91 5.97 -12.41
N TRP C 47 -33.19 5.62 -13.48
CA TRP C 47 -31.79 5.28 -13.37
C TRP C 47 -30.94 5.53 -14.59
N LYS C 48 -29.62 5.44 -14.38
CA LYS C 48 -28.59 5.60 -15.40
C LYS C 48 -27.56 4.49 -15.38
N ASP C 49 -27.01 4.18 -16.53
CA ASP C 49 -25.97 3.16 -16.57
C ASP C 49 -24.81 3.60 -15.72
N ALA C 50 -24.20 2.68 -14.98
CA ALA C 50 -23.11 3.11 -14.13
C ALA C 50 -22.07 2.04 -13.87
N GLU C 51 -20.90 2.50 -13.46
CA GLU C 51 -19.87 1.59 -13.02
C GLU C 51 -19.55 1.88 -11.58
N THR C 52 -19.80 0.92 -10.73
CA THR C 52 -19.52 1.07 -9.32
C THR C 52 -18.88 -0.17 -8.87
N THR C 53 -18.43 -0.18 -7.62
CA THR C 53 -17.81 -1.35 -7.05
C THR C 53 -18.84 -2.22 -6.37
N LEU C 54 -18.83 -3.49 -6.71
CA LEU C 54 -19.74 -4.45 -6.12
C LEU C 54 -19.04 -5.17 -5.02
N PHE C 55 -19.79 -5.75 -4.12
CA PHE C 55 -19.15 -6.53 -3.08
C PHE C 55 -19.68 -7.95 -3.19
N CYS C 56 -18.93 -8.94 -2.68
CA CYS C 56 -19.31 -10.35 -2.75
C CYS C 56 -19.86 -10.85 -1.42
N ALA C 57 -20.66 -11.89 -1.52
CA ALA C 57 -21.17 -12.59 -0.36
C ALA C 57 -21.23 -14.10 -0.60
N SER C 58 -21.03 -14.85 0.47
CA SER C 58 -21.03 -16.30 0.47
C SER C 58 -22.29 -16.93 1.02
N ASP C 59 -22.90 -17.78 0.21
CA ASP C 59 -24.14 -18.42 0.64
C ASP C 59 -23.85 -19.64 1.53
N ALA C 60 -23.50 -19.37 2.81
CA ALA C 60 -23.12 -20.33 3.86
C ALA C 60 -22.17 -21.42 3.33
N LYS C 67 -14.29 -25.46 5.01
CA LYS C 67 -14.48 -24.14 5.63
C LYS C 67 -13.16 -23.32 5.78
N HIS C 68 -12.07 -23.70 5.07
CA HIS C 68 -10.83 -22.85 5.08
C HIS C 68 -10.57 -22.19 3.71
N ASN C 69 -11.41 -22.45 2.70
CA ASN C 69 -11.09 -22.08 1.35
C ASN C 69 -10.95 -20.57 1.28
N VAL C 70 -10.41 -20.12 0.18
CA VAL C 70 -10.18 -18.70 -0.01
C VAL C 70 -11.44 -17.93 -0.22
N TRP C 71 -12.38 -18.54 -0.89
CA TRP C 71 -13.58 -17.87 -1.26
C TRP C 71 -14.42 -17.49 -0.07
N ALA C 72 -14.57 -18.43 0.85
CA ALA C 72 -15.34 -18.25 2.06
C ALA C 72 -14.66 -17.30 2.99
N THR C 73 -13.33 -17.34 3.02
CA THR C 73 -12.61 -16.46 3.89
C THR C 73 -12.78 -15.03 3.43
N HIS C 74 -12.64 -14.81 2.13
CA HIS C 74 -12.76 -13.47 1.58
C HIS C 74 -14.19 -12.92 1.56
N CYS C 75 -15.16 -13.69 1.03
CA CYS C 75 -16.56 -13.30 0.91
C CYS C 75 -17.21 -13.76 2.20
N CYS C 76 -16.77 -13.13 3.27
CA CYS C 76 -17.18 -13.46 4.62
C CYS C 76 -18.58 -12.95 4.92
N VAL C 77 -19.04 -12.06 4.06
CA VAL C 77 -20.33 -11.45 4.15
C VAL C 77 -21.36 -12.49 3.74
N PRO C 78 -22.40 -12.76 4.54
CA PRO C 78 -23.45 -13.72 4.25
C PRO C 78 -24.36 -13.17 3.19
N THR C 79 -25.03 -14.05 2.49
CA THR C 79 -26.02 -13.65 1.53
C THR C 79 -27.35 -13.51 2.21
N ASP C 80 -28.26 -12.84 1.53
CA ASP C 80 -29.62 -12.73 2.03
C ASP C 80 -30.23 -14.13 2.07
N PRO C 81 -31.18 -14.42 2.98
CA PRO C 81 -31.95 -15.65 3.06
C PRO C 81 -32.68 -15.97 1.76
N ASN C 82 -32.93 -14.94 0.98
CA ASN C 82 -33.59 -15.02 -0.30
C ASN C 82 -33.68 -13.63 -0.91
N PRO C 83 -33.10 -13.39 -2.08
CA PRO C 83 -33.18 -12.15 -2.81
C PRO C 83 -34.55 -12.13 -3.45
N GLN C 84 -35.05 -10.98 -3.80
CA GLN C 84 -36.31 -10.97 -4.52
C GLN C 84 -36.11 -10.32 -5.85
N GLU C 85 -36.80 -10.82 -6.87
CA GLU C 85 -36.74 -10.24 -8.19
C GLU C 85 -38.03 -9.49 -8.47
N ILE C 86 -37.91 -8.21 -8.69
CA ILE C 86 -39.09 -7.41 -8.95
C ILE C 86 -39.23 -7.21 -10.41
N HIS C 87 -40.28 -7.74 -10.99
CA HIS C 87 -40.41 -7.58 -12.42
C HIS C 87 -40.90 -6.22 -12.70
N LEU C 88 -40.41 -5.68 -13.78
CA LEU C 88 -40.87 -4.40 -14.18
C LEU C 88 -41.86 -4.54 -15.29
N GLU C 89 -43.04 -4.08 -15.01
CA GLU C 89 -44.12 -4.16 -15.96
C GLU C 89 -43.88 -3.08 -16.99
N ASN C 90 -44.19 -3.35 -18.24
CA ASN C 90 -44.10 -2.35 -19.29
C ASN C 90 -42.72 -1.72 -19.51
N VAL C 91 -41.64 -2.50 -19.45
CA VAL C 91 -40.34 -1.89 -19.72
C VAL C 91 -39.56 -2.65 -20.77
N THR C 92 -38.59 -1.96 -21.35
CA THR C 92 -37.60 -2.54 -22.24
C THR C 92 -36.29 -1.95 -21.79
N GLU C 93 -35.24 -2.74 -21.75
CA GLU C 93 -33.93 -2.23 -21.38
C GLU C 93 -32.87 -2.86 -22.26
N GLU C 94 -31.76 -2.16 -22.46
CA GLU C 94 -30.68 -2.70 -23.29
C GLU C 94 -29.49 -3.20 -22.50
N PHE C 95 -29.13 -4.44 -22.79
CA PHE C 95 -28.03 -5.13 -22.15
C PHE C 95 -26.92 -5.42 -23.17
N ASN C 96 -25.66 -5.48 -22.73
CA ASN C 96 -24.58 -5.83 -23.63
C ASN C 96 -23.47 -6.55 -22.88
N MET C 97 -23.38 -7.85 -23.05
CA MET C 97 -22.44 -8.62 -22.27
C MET C 97 -20.99 -8.30 -22.61
N TRP C 98 -20.73 -7.81 -23.81
CA TRP C 98 -19.34 -7.61 -24.16
C TRP C 98 -18.86 -6.25 -23.77
N LYS C 99 -19.75 -5.46 -23.18
CA LYS C 99 -19.42 -4.12 -22.76
C LYS C 99 -19.65 -4.01 -21.27
N ASN C 100 -19.79 -5.17 -20.61
CA ASN C 100 -20.08 -5.22 -19.20
C ASN C 100 -18.85 -4.85 -18.40
N ASN C 101 -19.08 -4.39 -17.17
CA ASN C 101 -17.99 -4.04 -16.27
C ASN C 101 -17.97 -4.94 -15.03
N MET C 102 -18.97 -5.80 -14.92
CA MET C 102 -19.06 -6.69 -13.78
C MET C 102 -17.97 -7.71 -13.89
N VAL C 103 -17.65 -8.05 -15.14
CA VAL C 103 -16.64 -9.02 -15.47
C VAL C 103 -15.27 -8.50 -15.14
N GLU C 104 -15.07 -7.20 -15.27
CA GLU C 104 -13.78 -6.66 -14.99
C GLU C 104 -13.55 -6.76 -13.52
N GLN C 105 -14.60 -6.53 -12.73
CA GLN C 105 -14.41 -6.66 -11.31
C GLN C 105 -14.19 -8.11 -10.98
N MET C 106 -14.93 -9.02 -11.60
CA MET C 106 -14.70 -10.40 -11.21
C MET C 106 -13.28 -10.80 -11.50
N HIS C 107 -12.73 -10.34 -12.62
CA HIS C 107 -11.37 -10.69 -12.95
C HIS C 107 -10.42 -10.11 -11.92
N THR C 108 -10.62 -8.85 -11.58
CA THR C 108 -9.75 -8.22 -10.63
C THR C 108 -9.82 -8.90 -9.28
N ASP C 109 -11.01 -9.25 -8.85
CA ASP C 109 -11.17 -9.85 -7.55
C ASP C 109 -10.53 -11.20 -7.48
N ILE C 110 -10.66 -11.99 -8.54
CA ILE C 110 -10.07 -13.30 -8.46
C ILE C 110 -8.57 -13.23 -8.47
N ILE C 111 -7.97 -12.31 -9.22
CA ILE C 111 -6.54 -12.25 -9.16
C ILE C 111 -6.08 -11.72 -7.83
N SER C 112 -6.79 -10.76 -7.27
CA SER C 112 -6.38 -10.22 -6.00
C SER C 112 -6.43 -11.28 -4.95
N LEU C 113 -7.50 -12.06 -4.92
CA LEU C 113 -7.64 -13.09 -3.93
C LEU C 113 -6.58 -14.14 -4.08
N TRP C 114 -6.34 -14.54 -5.31
CA TRP C 114 -5.36 -15.54 -5.57
C TRP C 114 -4.02 -15.16 -4.99
N ASP C 115 -3.58 -13.97 -5.30
CA ASP C 115 -2.28 -13.59 -4.83
C ASP C 115 -2.24 -13.40 -3.34
N GLN C 116 -3.29 -12.86 -2.76
CA GLN C 116 -3.24 -12.62 -1.34
C GLN C 116 -3.13 -13.92 -0.58
N SER C 117 -3.77 -14.95 -1.10
CA SER C 117 -3.73 -16.25 -0.47
C SER C 117 -2.36 -16.88 -0.55
N LEU C 118 -1.61 -16.58 -1.59
CA LEU C 118 -0.29 -17.17 -1.72
C LEU C 118 0.81 -16.38 -1.04
N LYS C 119 0.58 -15.11 -0.75
CA LYS C 119 1.60 -14.29 -0.11
C LYS C 119 2.29 -14.91 1.11
N PRO C 120 1.59 -15.52 2.10
CA PRO C 120 2.21 -16.09 3.28
C PRO C 120 2.79 -17.51 3.17
N CYS C 121 2.82 -18.12 1.96
CA CYS C 121 3.29 -19.49 1.74
C CYS C 121 4.81 -19.54 1.61
N VAL C 122 5.35 -20.74 1.74
CA VAL C 122 6.79 -20.94 1.69
C VAL C 122 7.35 -20.65 0.32
N LYS C 123 8.43 -19.86 0.30
CA LYS C 123 9.11 -19.49 -0.91
C LYS C 123 10.11 -20.58 -1.19
N LEU C 124 10.26 -20.98 -2.45
CA LEU C 124 11.14 -22.08 -2.76
C LEU C 124 12.39 -21.73 -3.50
N THR C 125 12.89 -20.53 -3.33
CA THR C 125 14.14 -20.16 -3.96
C THR C 125 15.22 -21.25 -3.85
N PRO C 126 15.43 -21.95 -2.70
CA PRO C 126 16.42 -22.97 -2.51
C PRO C 126 16.40 -24.11 -3.51
N LEU C 127 15.29 -24.30 -4.23
CA LEU C 127 15.23 -25.37 -5.23
C LEU C 127 15.96 -25.07 -6.53
N CYS C 128 16.35 -23.80 -6.81
CA CYS C 128 17.00 -23.40 -8.05
C CYS C 128 18.49 -23.72 -8.01
N VAL C 129 18.75 -25.01 -8.03
CA VAL C 129 20.08 -25.55 -7.96
C VAL C 129 20.25 -26.47 -9.12
N THR C 130 21.47 -26.77 -9.46
CA THR C 130 21.71 -27.72 -10.51
C THR C 130 21.21 -29.09 -10.07
N LEU C 131 20.44 -29.73 -10.94
CA LEU C 131 19.90 -31.04 -10.64
C LEU C 131 20.60 -32.10 -11.46
N GLN C 132 20.75 -33.28 -10.89
CA GLN C 132 21.26 -34.44 -11.62
C GLN C 132 20.09 -35.38 -11.88
N CYS C 133 19.64 -35.54 -13.16
CA CYS C 133 18.43 -36.29 -13.49
C CYS C 133 18.64 -37.37 -14.55
N THR C 134 17.93 -38.47 -14.36
CA THR C 134 17.85 -39.59 -15.29
C THR C 134 16.37 -39.94 -15.49
N ASN C 135 16.03 -40.76 -16.52
CA ASN C 135 14.65 -41.18 -16.83
C ASN C 135 14.18 -42.28 -15.86
N VAL C 136 12.86 -42.30 -15.57
CA VAL C 136 12.21 -43.37 -14.81
C VAL C 136 11.81 -44.46 -15.83
N THR C 137 12.27 -45.69 -15.64
CA THR C 137 11.97 -46.74 -16.61
C THR C 137 11.18 -47.96 -16.09
N ASN C 138 11.10 -48.12 -14.78
CA ASN C 138 10.47 -49.30 -14.23
C ASN C 138 8.94 -49.25 -14.16
N ASN C 139 8.31 -50.29 -14.68
CA ASN C 139 6.86 -50.42 -14.70
C ASN C 139 6.18 -49.25 -15.40
N ILE C 140 6.75 -48.81 -16.51
CA ILE C 140 6.18 -47.68 -17.22
C ILE C 140 5.48 -48.12 -18.49
N THR C 141 4.23 -47.73 -18.66
CA THR C 141 3.54 -48.06 -19.90
C THR C 141 4.26 -47.29 -21.00
N ASP C 142 4.30 -47.79 -22.21
CA ASP C 142 5.05 -47.07 -23.24
C ASP C 142 4.57 -45.64 -23.47
N ASP C 143 3.30 -45.38 -23.26
CA ASP C 143 2.72 -44.06 -23.44
C ASP C 143 3.30 -43.03 -22.46
N MET C 144 3.94 -43.52 -21.41
CA MET C 144 4.53 -42.73 -20.35
C MET C 144 6.04 -42.75 -20.36
N ARG C 145 6.66 -43.15 -21.46
CA ARG C 145 8.11 -43.11 -21.46
C ARG C 145 8.46 -41.66 -21.50
N GLY C 146 9.54 -41.30 -20.83
CA GLY C 146 9.86 -39.89 -20.75
C GLY C 146 8.94 -39.43 -19.65
N GLU C 147 8.34 -38.28 -19.79
CA GLU C 147 7.50 -37.77 -18.73
C GLU C 147 8.28 -37.63 -17.43
N LEU C 148 8.20 -38.62 -16.57
CA LEU C 148 8.88 -38.52 -15.29
C LEU C 148 10.36 -38.81 -15.32
N LYS C 149 11.08 -37.97 -14.57
CA LYS C 149 12.50 -38.14 -14.39
C LYS C 149 12.84 -38.15 -12.90
N ASN C 150 13.87 -38.95 -12.56
CA ASN C 150 14.41 -39.15 -11.22
C ASN C 150 15.59 -38.19 -11.00
N CYS C 151 15.37 -37.15 -10.17
CA CYS C 151 16.30 -36.07 -9.91
C CYS C 151 16.83 -36.09 -8.50
N SER C 152 18.08 -35.66 -8.36
CA SER C 152 18.73 -35.55 -7.08
C SER C 152 19.49 -34.24 -6.93
N PHE C 153 19.41 -33.68 -5.74
CA PHE C 153 20.07 -32.39 -5.43
C PHE C 153 20.42 -32.21 -3.94
N ASN C 154 21.34 -31.25 -3.63
CA ASN C 154 21.76 -30.88 -2.27
C ASN C 154 20.92 -29.69 -1.75
N MET C 155 19.99 -29.95 -0.81
CA MET C 155 19.05 -28.99 -0.23
C MET C 155 19.50 -28.47 1.12
N THR C 156 19.30 -27.19 1.36
CA THR C 156 19.64 -26.55 2.63
C THR C 156 18.63 -26.94 3.69
N THR C 157 19.11 -27.27 4.89
CA THR C 157 18.26 -27.67 6.01
C THR C 157 17.96 -26.46 6.85
N GLU C 158 17.31 -26.63 8.01
CA GLU C 158 17.03 -25.44 8.78
C GLU C 158 18.32 -24.76 9.24
N LEU C 159 19.44 -25.48 9.29
CA LEU C 159 20.68 -24.82 9.65
C LEU C 159 21.34 -24.48 8.35
N ARG C 160 22.03 -23.37 8.35
CA ARG C 160 22.68 -22.87 7.16
C ARG C 160 23.82 -23.72 6.63
N ASP C 161 24.56 -24.34 7.53
CA ASP C 161 25.72 -25.14 7.15
C ASP C 161 25.42 -26.56 6.70
N LYS C 162 24.36 -27.14 7.23
CA LYS C 162 23.98 -28.51 6.89
C LYS C 162 23.08 -28.59 5.66
N LYS C 163 23.38 -29.59 4.83
CA LYS C 163 22.65 -29.90 3.61
C LYS C 163 22.23 -31.36 3.56
N GLN C 164 21.17 -31.66 2.83
CA GLN C 164 20.73 -33.04 2.62
C GLN C 164 20.65 -33.38 1.17
N LYS C 165 20.87 -34.64 0.86
CA LYS C 165 20.68 -35.07 -0.50
C LYS C 165 19.24 -35.51 -0.60
N VAL C 166 18.52 -34.91 -1.53
CA VAL C 166 17.12 -35.15 -1.71
C VAL C 166 16.83 -35.69 -3.07
N TYR C 167 15.97 -36.69 -3.12
CA TYR C 167 15.59 -37.33 -4.35
C TYR C 167 14.12 -37.14 -4.59
N SER C 168 13.73 -36.95 -5.84
CA SER C 168 12.33 -36.82 -6.15
C SER C 168 12.01 -37.09 -7.61
N LEU C 169 10.72 -37.11 -7.95
CA LEU C 169 10.32 -37.35 -9.33
C LEU C 169 9.57 -36.16 -9.91
N PHE C 170 10.00 -35.71 -11.06
CA PHE C 170 9.34 -34.57 -11.67
C PHE C 170 8.92 -34.83 -13.07
N TYR C 171 7.90 -34.12 -13.50
CA TYR C 171 7.51 -34.22 -14.89
C TYR C 171 8.45 -33.36 -15.68
N ARG C 172 8.76 -33.78 -16.89
CA ARG C 172 9.64 -33.06 -17.79
C ARG C 172 9.07 -31.72 -18.18
N LEU C 173 7.79 -31.56 -18.00
CA LEU C 173 7.09 -30.36 -18.39
C LEU C 173 7.48 -29.18 -17.52
N ASP C 174 8.10 -29.47 -16.36
CA ASP C 174 8.56 -28.47 -15.42
C ASP C 174 10.09 -28.38 -15.35
N VAL C 175 10.79 -29.14 -16.19
CA VAL C 175 12.24 -29.24 -16.08
C VAL C 175 12.97 -29.09 -17.41
N VAL C 176 14.07 -28.35 -17.42
CA VAL C 176 14.84 -28.25 -18.64
C VAL C 176 16.27 -28.62 -18.45
N GLN C 177 16.90 -28.99 -19.55
CA GLN C 177 18.29 -29.37 -19.56
C GLN C 177 19.16 -28.14 -19.56
N ILE C 178 20.24 -28.19 -18.84
CA ILE C 178 21.17 -27.07 -18.80
C ILE C 178 22.24 -27.08 -19.90
N ASN C 179 22.95 -28.23 -20.11
CA ASN C 179 24.05 -28.39 -21.09
C ASN C 179 25.15 -27.36 -20.87
N ASN C 190 22.53 -38.99 -17.31
CA ASN C 190 23.14 -38.37 -16.13
C ASN C 190 23.56 -36.90 -16.42
N LYS C 191 22.62 -36.10 -16.98
CA LYS C 191 22.82 -34.69 -17.36
C LYS C 191 22.29 -33.72 -16.32
N GLU C 192 22.79 -32.49 -16.41
CA GLU C 192 22.37 -31.41 -15.55
C GLU C 192 21.10 -30.76 -16.05
N TYR C 193 20.19 -30.53 -15.12
CA TYR C 193 18.87 -29.94 -15.29
C TYR C 193 18.54 -28.87 -14.27
N ARG C 194 17.57 -28.05 -14.61
CA ARG C 194 17.04 -27.04 -13.70
C ARG C 194 15.55 -26.92 -13.82
N LEU C 195 14.92 -26.35 -12.82
CA LEU C 195 13.51 -26.13 -12.95
C LEU C 195 13.30 -25.07 -13.99
N ILE C 196 12.24 -25.25 -14.75
CA ILE C 196 11.91 -24.34 -15.83
C ILE C 196 11.85 -22.87 -15.50
N ASN C 197 11.39 -22.48 -14.34
CA ASN C 197 11.26 -21.04 -14.10
C ASN C 197 12.38 -20.34 -13.34
N CYS C 198 13.53 -20.99 -13.06
CA CYS C 198 14.62 -20.41 -12.27
C CYS C 198 15.36 -19.32 -13.02
N ASN C 199 15.10 -19.21 -14.30
CA ASN C 199 15.71 -18.17 -15.10
C ASN C 199 14.80 -16.93 -15.27
N THR C 200 13.52 -16.99 -14.80
CA THR C 200 12.49 -15.97 -15.00
C THR C 200 11.93 -15.39 -13.73
N SER C 201 11.58 -16.22 -12.76
CA SER C 201 10.87 -15.70 -11.60
C SER C 201 10.89 -16.58 -10.36
N ALA C 202 10.40 -16.03 -9.27
CA ALA C 202 10.30 -16.75 -8.02
C ALA C 202 9.31 -17.90 -8.10
N ILE C 203 9.61 -18.95 -7.37
CA ILE C 203 8.74 -20.10 -7.28
C ILE C 203 8.17 -20.20 -5.87
N THR C 204 6.85 -20.27 -5.75
CA THR C 204 6.17 -20.36 -4.45
C THR C 204 5.32 -21.61 -4.34
N GLN C 205 5.34 -22.26 -3.20
CA GLN C 205 4.53 -23.45 -3.04
C GLN C 205 3.17 -23.05 -2.62
N ALA C 206 2.15 -23.52 -3.28
CA ALA C 206 0.84 -23.16 -2.78
C ALA C 206 0.65 -23.91 -1.48
N CYS C 207 0.05 -23.27 -0.46
CA CYS C 207 -0.21 -23.86 0.84
C CYS C 207 -1.23 -25.02 0.77
N PRO C 208 -0.91 -26.19 1.33
CA PRO C 208 -1.75 -27.39 1.32
C PRO C 208 -2.96 -27.25 2.21
N LYS C 209 -2.97 -26.21 3.03
CA LYS C 209 -4.05 -26.00 3.96
C LYS C 209 -5.02 -24.97 3.43
N VAL C 210 -4.83 -24.55 2.19
CA VAL C 210 -5.71 -23.59 1.60
C VAL C 210 -6.46 -24.19 0.45
N SER C 211 -7.77 -24.13 0.52
CA SER C 211 -8.58 -24.68 -0.55
C SER C 211 -9.01 -23.62 -1.54
N PHE C 212 -9.07 -24.00 -2.79
CA PHE C 212 -9.54 -23.10 -3.83
C PHE C 212 -10.84 -23.53 -4.46
N GLU C 213 -11.55 -24.44 -3.80
CA GLU C 213 -12.79 -24.94 -4.37
C GLU C 213 -13.65 -23.76 -4.81
N PRO C 214 -14.10 -23.70 -6.05
CA PRO C 214 -14.89 -22.62 -6.61
C PRO C 214 -16.33 -22.65 -6.18
N ILE C 215 -16.56 -22.40 -4.91
CA ILE C 215 -17.90 -22.37 -4.36
C ILE C 215 -18.57 -21.15 -4.97
N PRO C 216 -19.87 -21.19 -5.29
CA PRO C 216 -20.56 -20.10 -5.92
C PRO C 216 -20.60 -18.88 -5.05
N ILE C 217 -20.31 -17.74 -5.66
CA ILE C 217 -20.28 -16.43 -5.01
C ILE C 217 -21.29 -15.46 -5.60
N HIS C 218 -21.98 -14.73 -4.73
CA HIS C 218 -23.00 -13.79 -5.17
C HIS C 218 -22.50 -12.37 -5.16
N TYR C 219 -22.75 -11.61 -6.22
CA TYR C 219 -22.37 -10.20 -6.19
C TYR C 219 -23.58 -9.36 -5.82
N CYS C 220 -23.39 -8.36 -4.95
CA CYS C 220 -24.42 -7.49 -4.41
C CYS C 220 -24.11 -6.01 -4.64
N ALA C 221 -25.17 -5.26 -4.94
CA ALA C 221 -25.06 -3.84 -5.17
C ALA C 221 -24.84 -3.05 -3.87
N PRO C 222 -24.09 -1.95 -3.91
CA PRO C 222 -23.92 -0.98 -2.86
C PRO C 222 -25.15 -0.11 -2.79
N ALA C 223 -25.35 0.57 -1.68
CA ALA C 223 -26.49 1.47 -1.59
C ALA C 223 -26.46 2.49 -2.70
N GLY C 224 -27.64 2.76 -3.26
CA GLY C 224 -27.80 3.74 -4.33
C GLY C 224 -27.75 3.11 -5.72
N PHE C 225 -27.43 1.82 -5.76
CA PHE C 225 -27.32 1.06 -6.99
C PHE C 225 -28.20 -0.16 -7.03
N ALA C 226 -28.46 -0.64 -8.23
CA ALA C 226 -29.27 -1.82 -8.42
C ALA C 226 -28.79 -2.68 -9.55
N ILE C 227 -29.09 -3.97 -9.47
CA ILE C 227 -28.71 -4.88 -10.51
C ILE C 227 -29.94 -5.22 -11.32
N LEU C 228 -29.84 -5.05 -12.62
CA LEU C 228 -30.92 -5.37 -13.49
C LEU C 228 -30.63 -6.72 -14.04
N LYS C 229 -31.66 -7.50 -14.28
CA LYS C 229 -31.46 -8.82 -14.84
C LYS C 229 -32.35 -9.04 -16.07
N CYS C 230 -31.75 -9.64 -17.13
CA CYS C 230 -32.42 -10.00 -18.37
C CYS C 230 -32.80 -11.47 -18.35
N LYS C 231 -34.08 -11.74 -18.44
CA LYS C 231 -34.61 -13.08 -18.39
C LYS C 231 -35.12 -13.61 -19.74
N ASP C 232 -34.94 -12.84 -20.82
CA ASP C 232 -35.45 -13.27 -22.11
C ASP C 232 -34.80 -14.59 -22.54
N LYS C 233 -35.63 -15.50 -23.01
CA LYS C 233 -35.19 -16.84 -23.39
C LYS C 233 -34.20 -16.87 -24.53
N LYS C 234 -34.32 -15.90 -25.41
CA LYS C 234 -33.50 -15.80 -26.60
C LYS C 234 -32.46 -14.72 -26.51
N PHE C 235 -32.23 -14.16 -25.34
CA PHE C 235 -31.28 -13.07 -25.36
C PHE C 235 -29.91 -13.58 -25.84
N ASN C 236 -29.38 -12.93 -26.91
CA ASN C 236 -28.15 -13.30 -27.62
C ASN C 236 -26.89 -12.56 -27.12
N GLY C 237 -26.98 -11.86 -25.97
CA GLY C 237 -25.89 -11.14 -25.34
C GLY C 237 -25.94 -9.66 -25.63
N THR C 238 -26.75 -9.24 -26.59
CA THR C 238 -26.80 -7.82 -26.83
C THR C 238 -28.12 -7.30 -27.34
N GLY C 239 -28.44 -6.08 -26.93
CA GLY C 239 -29.60 -5.39 -27.43
C GLY C 239 -30.73 -5.38 -26.41
N PRO C 240 -31.90 -4.92 -26.82
CA PRO C 240 -33.09 -4.77 -26.02
C PRO C 240 -33.50 -6.11 -25.44
N CYS C 241 -34.04 -6.09 -24.23
CA CYS C 241 -34.55 -7.19 -23.45
C CYS C 241 -35.86 -6.70 -22.85
N THR C 242 -36.90 -7.49 -22.93
CA THR C 242 -38.16 -7.05 -22.35
C THR C 242 -38.55 -7.72 -21.02
N ASN C 243 -38.07 -8.97 -20.76
CA ASN C 243 -38.35 -9.67 -19.50
C ASN C 243 -37.28 -9.22 -18.50
N VAL C 244 -37.51 -8.02 -17.93
CA VAL C 244 -36.55 -7.34 -17.06
C VAL C 244 -37.10 -7.23 -15.67
N SER C 245 -36.22 -7.55 -14.72
CA SER C 245 -36.52 -7.47 -13.32
C SER C 245 -35.33 -6.87 -12.61
N THR C 246 -35.54 -6.42 -11.37
CA THR C 246 -34.44 -5.86 -10.61
C THR C 246 -34.15 -6.76 -9.44
N VAL C 247 -32.90 -6.73 -8.98
CA VAL C 247 -32.52 -7.55 -7.85
C VAL C 247 -31.41 -6.88 -7.03
N GLN C 248 -31.39 -7.16 -5.74
CA GLN C 248 -30.29 -6.69 -4.89
C GLN C 248 -28.92 -7.37 -5.13
N CYS C 249 -28.93 -8.69 -5.46
CA CYS C 249 -27.77 -9.54 -5.66
C CYS C 249 -28.00 -10.49 -6.83
N THR C 250 -26.90 -10.98 -7.39
CA THR C 250 -26.92 -11.98 -8.43
C THR C 250 -27.02 -13.33 -7.74
N HIS C 251 -27.23 -14.37 -8.53
CA HIS C 251 -27.21 -15.70 -8.00
C HIS C 251 -25.76 -16.04 -7.80
N GLY C 252 -25.48 -17.20 -7.24
CA GLY C 252 -24.09 -17.49 -7.04
C GLY C 252 -23.46 -17.99 -8.31
N ILE C 253 -22.28 -17.48 -8.60
CA ILE C 253 -21.49 -17.90 -9.73
C ILE C 253 -20.26 -18.62 -9.29
N LYS C 254 -20.08 -19.83 -9.78
CA LYS C 254 -18.88 -20.55 -9.42
C LYS C 254 -17.72 -20.06 -10.28
N PRO C 255 -16.61 -19.60 -9.69
CA PRO C 255 -15.44 -19.10 -10.36
C PRO C 255 -14.60 -20.26 -10.85
N VAL C 256 -15.15 -21.00 -11.78
CA VAL C 256 -14.50 -22.16 -12.32
C VAL C 256 -13.55 -21.70 -13.39
N VAL C 257 -12.34 -22.19 -13.34
CA VAL C 257 -11.36 -21.80 -14.32
C VAL C 257 -10.93 -22.91 -15.24
N SER C 258 -11.05 -22.63 -16.52
CA SER C 258 -10.64 -23.56 -17.55
C SER C 258 -10.38 -22.85 -18.85
N THR C 259 -9.73 -23.55 -19.75
CA THR C 259 -9.54 -23.04 -21.11
C THR C 259 -10.29 -23.95 -22.04
N GLN C 260 -10.58 -23.49 -23.26
CA GLN C 260 -11.23 -24.27 -24.32
C GLN C 260 -12.66 -24.74 -24.01
N LEU C 261 -12.80 -25.59 -23.02
CA LEU C 261 -14.09 -26.15 -22.67
C LEU C 261 -14.48 -25.70 -21.25
N LEU C 262 -15.69 -25.18 -21.15
CA LEU C 262 -16.22 -24.63 -19.91
C LEU C 262 -16.97 -25.66 -19.11
N LEU C 263 -16.53 -25.81 -17.87
CA LEU C 263 -17.11 -26.75 -16.95
C LEU C 263 -17.91 -26.06 -15.85
N ASN C 264 -18.94 -26.77 -15.33
CA ASN C 264 -19.78 -26.45 -14.16
C ASN C 264 -20.41 -25.04 -14.20
N GLY C 265 -20.86 -24.57 -15.39
CA GLY C 265 -21.51 -23.28 -15.60
C GLY C 265 -23.00 -23.48 -15.78
N SER C 266 -23.64 -22.47 -16.34
CA SER C 266 -25.06 -22.52 -16.57
C SER C 266 -25.38 -23.20 -17.87
N LEU C 267 -26.64 -23.61 -18.00
CA LEU C 267 -27.14 -24.15 -19.23
C LEU C 267 -28.16 -23.22 -19.82
N ALA C 268 -28.28 -23.29 -21.13
CA ALA C 268 -29.27 -22.58 -21.91
C ALA C 268 -30.60 -23.22 -21.55
N GLU C 269 -31.69 -22.46 -21.56
CA GLU C 269 -32.95 -23.06 -21.14
C GLU C 269 -33.79 -23.76 -22.20
N GLU C 270 -33.70 -23.34 -23.46
CA GLU C 270 -34.53 -23.97 -24.48
C GLU C 270 -33.75 -24.71 -25.55
N GLU C 271 -32.64 -24.14 -25.95
CA GLU C 271 -31.81 -24.70 -27.01
C GLU C 271 -30.42 -24.16 -26.89
N VAL C 272 -29.48 -24.79 -27.56
CA VAL C 272 -28.13 -24.29 -27.54
C VAL C 272 -28.13 -22.92 -28.16
N ILE C 273 -27.50 -21.99 -27.49
CA ILE C 273 -27.46 -20.64 -28.03
C ILE C 273 -26.02 -20.21 -28.20
N ILE C 274 -25.74 -19.60 -29.34
CA ILE C 274 -24.38 -19.18 -29.58
C ILE C 274 -24.34 -17.68 -29.61
N ARG C 275 -23.45 -17.11 -28.82
CA ARG C 275 -23.35 -15.67 -28.74
C ARG C 275 -21.96 -15.19 -29.12
N SER C 276 -21.86 -14.07 -29.81
CA SER C 276 -20.55 -13.51 -30.13
C SER C 276 -20.64 -12.01 -30.29
N GLU C 277 -19.55 -11.32 -30.01
CA GLU C 277 -19.53 -9.87 -30.19
C GLU C 277 -19.74 -9.38 -31.64
N ASN C 278 -19.10 -10.07 -32.60
CA ASN C 278 -19.10 -9.76 -34.04
C ASN C 278 -19.08 -11.09 -34.81
N ILE C 279 -20.25 -11.53 -35.31
CA ILE C 279 -20.48 -12.86 -35.92
C ILE C 279 -19.66 -13.15 -37.14
N THR C 280 -19.53 -12.15 -37.97
CA THR C 280 -18.84 -12.27 -39.22
C THR C 280 -17.36 -11.96 -39.13
N ASN C 281 -16.88 -11.67 -37.94
CA ASN C 281 -15.49 -11.32 -37.75
C ASN C 281 -14.70 -12.43 -37.09
N ASN C 282 -13.79 -13.06 -37.80
CA ASN C 282 -13.06 -14.20 -37.24
C ASN C 282 -12.05 -13.78 -36.17
N ALA C 283 -11.92 -12.48 -35.94
CA ALA C 283 -11.05 -11.96 -34.90
C ALA C 283 -11.69 -12.13 -33.53
N LYS C 284 -12.99 -12.47 -33.49
CA LYS C 284 -13.70 -12.64 -32.25
C LYS C 284 -13.95 -14.11 -32.00
N ASN C 285 -14.05 -14.50 -30.74
CA ASN C 285 -14.37 -15.89 -30.48
C ASN C 285 -15.87 -16.01 -30.42
N ILE C 286 -16.37 -17.22 -30.27
CA ILE C 286 -17.78 -17.40 -30.08
C ILE C 286 -17.96 -18.21 -28.81
N LEU C 287 -19.04 -17.96 -28.09
CA LEU C 287 -19.30 -18.71 -26.90
C LEU C 287 -20.56 -19.53 -27.07
N VAL C 288 -20.42 -20.81 -26.83
CA VAL C 288 -21.54 -21.70 -27.00
C VAL C 288 -22.09 -22.15 -25.68
N GLN C 289 -23.34 -21.84 -25.42
CA GLN C 289 -23.98 -22.23 -24.18
C GLN C 289 -24.87 -23.42 -24.45
N LEU C 290 -24.52 -24.55 -23.89
CA LEU C 290 -25.28 -25.74 -24.18
C LEU C 290 -26.50 -25.73 -23.31
N ASN C 291 -27.63 -26.36 -23.74
CA ASN C 291 -28.86 -26.47 -22.95
C ASN C 291 -28.94 -27.78 -22.13
N GLU C 292 -27.97 -28.70 -22.30
CA GLU C 292 -27.86 -29.99 -21.61
C GLU C 292 -26.40 -30.17 -21.28
N SER C 293 -26.10 -30.71 -20.12
CA SER C 293 -24.72 -30.95 -19.74
C SER C 293 -24.19 -32.27 -20.27
N VAL C 294 -22.88 -32.36 -20.39
CA VAL C 294 -22.21 -33.61 -20.75
C VAL C 294 -21.20 -33.98 -19.68
N GLN C 295 -21.23 -35.20 -19.18
CA GLN C 295 -20.23 -35.47 -18.15
C GLN C 295 -18.90 -35.93 -18.69
N ILE C 296 -17.86 -35.48 -18.02
CA ILE C 296 -16.50 -35.87 -18.29
C ILE C 296 -15.83 -36.41 -17.02
N ASN C 297 -15.27 -37.63 -17.11
CA ASN C 297 -14.63 -38.37 -16.01
C ASN C 297 -13.11 -38.32 -16.13
N CYS C 298 -12.43 -37.57 -15.24
CA CYS C 298 -10.98 -37.35 -15.32
C CYS C 298 -10.24 -37.98 -14.15
N THR C 299 -9.17 -38.68 -14.51
CA THR C 299 -8.32 -39.30 -13.51
C THR C 299 -6.83 -39.15 -13.73
N ARG C 300 -6.14 -39.33 -12.62
CA ARG C 300 -4.70 -39.42 -12.51
C ARG C 300 -4.44 -40.71 -11.73
N PRO C 301 -4.29 -41.86 -12.41
CA PRO C 301 -4.29 -43.22 -11.89
C PRO C 301 -3.14 -43.69 -10.99
N ASN C 302 -2.04 -42.99 -10.98
CA ASN C 302 -0.88 -43.43 -10.23
C ASN C 302 -1.04 -43.11 -8.74
N ASN C 303 -0.77 -44.09 -7.83
CA ASN C 303 -0.90 -43.95 -6.38
C ASN C 303 0.36 -43.31 -5.77
N ASN C 304 0.30 -41.98 -5.54
CA ASN C 304 1.40 -41.15 -5.07
C ASN C 304 1.67 -41.18 -3.59
N THR C 305 2.94 -41.34 -3.23
CA THR C 305 3.36 -41.27 -1.86
C THR C 305 4.10 -39.98 -1.66
N VAL C 306 3.57 -39.13 -0.79
CA VAL C 306 4.11 -37.82 -0.53
C VAL C 306 5.15 -37.81 0.56
N LYS C 307 6.25 -37.13 0.27
CA LYS C 307 7.35 -36.98 1.19
C LYS C 307 7.58 -35.51 1.47
N SER C 308 8.17 -35.17 2.60
CA SER C 308 8.43 -33.77 2.85
C SER C 308 9.72 -33.55 3.61
N ILE C 309 10.25 -32.36 3.46
CA ILE C 309 11.46 -31.93 4.12
C ILE C 309 11.37 -30.54 4.71
N ARG C 310 11.96 -30.37 5.88
CA ARG C 310 12.07 -29.06 6.48
C ARG C 310 13.35 -28.44 5.95
N ILE C 311 13.23 -27.28 5.34
CA ILE C 311 14.34 -26.59 4.69
C ILE C 311 14.60 -25.19 5.22
N GLY C 312 14.09 -24.94 6.39
CA GLY C 312 14.19 -23.65 7.02
C GLY C 312 13.41 -23.67 8.32
N PRO C 313 13.35 -22.58 9.03
CA PRO C 313 12.72 -22.46 10.32
C PRO C 313 11.22 -22.54 10.22
N GLY C 314 10.76 -23.78 10.14
CA GLY C 314 9.34 -24.09 10.00
C GLY C 314 8.93 -24.01 8.55
N GLN C 315 9.91 -24.10 7.68
CA GLN C 315 9.66 -24.00 6.26
C GLN C 315 9.60 -25.36 5.63
N TRP C 316 8.42 -25.77 5.21
CA TRP C 316 8.27 -27.09 4.66
C TRP C 316 8.02 -27.17 3.19
N PHE C 317 8.71 -28.12 2.58
CA PHE C 317 8.62 -28.45 1.19
C PHE C 317 8.07 -29.84 0.96
N TYR C 318 7.09 -29.93 0.10
CA TYR C 318 6.49 -31.20 -0.18
C TYR C 318 6.88 -31.64 -1.57
N TYR C 319 7.17 -32.92 -1.70
CA TYR C 319 7.56 -33.46 -2.96
C TYR C 319 6.94 -34.81 -3.24
N THR C 320 7.00 -35.18 -4.49
CA THR C 320 6.31 -36.33 -5.04
C THR C 320 6.72 -37.69 -4.57
N GLY C 321 7.85 -37.82 -3.88
CA GLY C 321 8.17 -39.12 -3.36
C GLY C 321 8.28 -40.14 -4.47
N ASP C 322 7.42 -41.14 -4.40
CA ASP C 322 7.43 -42.22 -5.38
C ASP C 322 6.01 -42.76 -5.66
N ILE C 323 5.91 -43.73 -6.56
CA ILE C 323 4.63 -44.32 -6.92
C ILE C 323 4.47 -45.78 -6.56
N ILE C 324 3.33 -46.07 -5.98
CA ILE C 324 2.97 -47.41 -5.65
C ILE C 324 2.21 -47.95 -6.84
N GLY C 325 2.72 -49.01 -7.43
CA GLY C 325 2.09 -49.59 -8.61
C GLY C 325 2.68 -49.07 -9.91
N ASP C 326 2.07 -49.49 -11.02
CA ASP C 326 2.51 -49.19 -12.38
C ASP C 326 2.18 -47.77 -12.77
N ILE C 327 2.93 -47.25 -13.74
CA ILE C 327 2.68 -45.91 -14.25
C ILE C 327 1.87 -45.88 -15.50
N ARG C 328 0.78 -45.14 -15.40
CA ARG C 328 -0.20 -44.93 -16.44
C ARG C 328 -0.42 -43.44 -16.64
N GLN C 329 -0.90 -43.05 -17.80
CA GLN C 329 -1.17 -41.65 -18.03
C GLN C 329 -2.52 -41.19 -17.52
N ALA C 330 -2.59 -39.91 -17.21
CA ALA C 330 -3.83 -39.28 -16.86
C ALA C 330 -4.66 -39.22 -18.10
N HIS C 331 -5.96 -39.24 -17.93
CA HIS C 331 -6.87 -39.20 -19.05
C HIS C 331 -8.29 -38.79 -18.62
N CYS C 332 -9.15 -38.41 -19.60
CA CYS C 332 -10.57 -38.08 -19.40
C CYS C 332 -11.50 -38.86 -20.35
N ASN C 333 -12.63 -39.32 -19.82
CA ASN C 333 -13.62 -40.07 -20.59
C ASN C 333 -14.91 -39.27 -20.81
N VAL C 334 -15.35 -39.21 -22.10
CA VAL C 334 -16.60 -38.58 -22.58
C VAL C 334 -17.39 -39.56 -23.46
N SER C 335 -18.70 -39.69 -23.26
CA SER C 335 -19.47 -40.57 -24.14
C SER C 335 -19.42 -40.09 -25.58
N LYS C 336 -19.17 -40.99 -26.54
CA LYS C 336 -19.06 -40.57 -27.92
C LYS C 336 -20.37 -40.15 -28.47
N ALA C 337 -21.41 -40.91 -28.15
CA ALA C 337 -22.69 -40.58 -28.70
C ALA C 337 -23.16 -39.28 -28.13
N THR C 338 -22.89 -39.04 -26.85
CA THR C 338 -23.37 -37.83 -26.26
C THR C 338 -22.68 -36.66 -26.89
N TRP C 339 -21.37 -36.78 -27.08
CA TRP C 339 -20.62 -35.71 -27.69
C TRP C 339 -21.11 -35.41 -29.10
N ASN C 340 -21.37 -36.48 -29.92
CA ASN C 340 -21.83 -36.37 -31.31
C ASN C 340 -23.19 -35.68 -31.40
N GLU C 341 -24.13 -35.99 -30.45
CA GLU C 341 -25.45 -35.37 -30.37
C GLU C 341 -25.29 -33.91 -30.02
N THR C 342 -24.34 -33.63 -29.13
CA THR C 342 -24.08 -32.28 -28.71
C THR C 342 -23.59 -31.49 -29.89
N LEU C 343 -22.68 -32.05 -30.67
CA LEU C 343 -22.20 -31.32 -31.82
C LEU C 343 -23.32 -31.10 -32.80
N GLY C 344 -24.20 -32.09 -32.95
CA GLY C 344 -25.31 -31.95 -33.86
C GLY C 344 -26.13 -30.72 -33.47
N LYS C 345 -26.45 -30.61 -32.19
CA LYS C 345 -27.24 -29.51 -31.68
C LYS C 345 -26.56 -28.17 -31.97
N VAL C 346 -25.23 -28.16 -31.89
CA VAL C 346 -24.46 -26.96 -32.15
C VAL C 346 -24.44 -26.58 -33.62
N VAL C 347 -24.20 -27.53 -34.50
CA VAL C 347 -24.12 -27.19 -35.91
C VAL C 347 -25.46 -26.69 -36.41
N LYS C 348 -26.54 -27.16 -35.82
CA LYS C 348 -27.84 -26.65 -36.19
C LYS C 348 -27.94 -25.15 -35.92
N GLN C 349 -27.30 -24.67 -34.86
CA GLN C 349 -27.37 -23.28 -34.53
C GLN C 349 -26.44 -22.50 -35.42
N LEU C 350 -25.31 -23.09 -35.74
CA LEU C 350 -24.34 -22.39 -36.56
C LEU C 350 -24.91 -22.11 -37.93
N ARG C 351 -25.68 -23.05 -38.47
CA ARG C 351 -26.25 -22.84 -39.79
C ARG C 351 -27.26 -21.70 -39.83
N LYS C 352 -27.72 -21.22 -38.68
CA LYS C 352 -28.64 -20.11 -38.68
C LYS C 352 -27.94 -18.85 -39.16
N HIS C 353 -26.62 -18.86 -39.11
CA HIS C 353 -25.83 -17.72 -39.53
C HIS C 353 -25.13 -18.00 -40.85
N PHE C 354 -24.97 -19.27 -41.19
CA PHE C 354 -24.21 -19.56 -42.40
C PHE C 354 -24.99 -20.11 -43.60
N GLY C 355 -26.20 -20.62 -43.39
CA GLY C 355 -26.99 -21.16 -44.50
C GLY C 355 -27.19 -22.68 -44.48
N ASN C 356 -28.30 -23.14 -45.07
CA ASN C 356 -28.59 -24.60 -45.11
C ASN C 356 -27.44 -25.34 -45.80
N ASN C 357 -26.94 -24.78 -46.90
CA ASN C 357 -25.99 -25.41 -47.81
C ASN C 357 -24.57 -25.44 -47.29
N THR C 358 -24.35 -25.09 -46.03
CA THR C 358 -22.97 -25.13 -45.57
C THR C 358 -22.62 -26.41 -44.86
N ILE C 359 -21.32 -26.62 -44.78
CA ILE C 359 -20.70 -27.74 -44.12
C ILE C 359 -19.86 -27.28 -42.98
N ILE C 360 -20.09 -27.89 -41.83
CA ILE C 360 -19.35 -27.51 -40.65
C ILE C 360 -18.40 -28.58 -40.24
N ARG C 361 -17.14 -28.23 -40.23
CA ARG C 361 -16.11 -29.17 -39.90
C ARG C 361 -15.42 -28.76 -38.64
N PHE C 362 -14.98 -29.74 -37.89
CA PHE C 362 -14.22 -29.45 -36.71
C PHE C 362 -12.85 -30.04 -36.86
N ALA C 363 -11.89 -29.32 -36.31
CA ALA C 363 -10.49 -29.69 -36.32
C ALA C 363 -9.91 -29.30 -34.97
N ASN C 364 -8.69 -29.79 -34.63
CA ASN C 364 -8.04 -29.56 -33.34
C ASN C 364 -7.44 -28.14 -33.26
N SER C 365 -6.77 -27.82 -32.13
CA SER C 365 -6.21 -26.50 -31.82
C SER C 365 -5.02 -26.18 -32.71
N SER C 366 -4.64 -24.90 -32.79
CA SER C 366 -3.59 -24.48 -33.69
C SER C 366 -2.14 -24.59 -33.23
N GLY C 367 -1.90 -24.65 -31.93
CA GLY C 367 -0.52 -24.71 -31.44
C GLY C 367 -0.21 -23.58 -30.47
N GLY C 368 0.83 -23.76 -29.67
CA GLY C 368 1.19 -22.77 -28.66
C GLY C 368 1.41 -23.49 -27.33
N ASP C 369 1.32 -22.73 -26.25
CA ASP C 369 1.51 -23.22 -24.90
C ASP C 369 0.42 -24.23 -24.56
N LEU C 370 0.66 -25.08 -23.57
CA LEU C 370 -0.34 -26.06 -23.17
C LEU C 370 -1.55 -25.33 -22.71
N GLU C 371 -1.36 -24.15 -22.14
CA GLU C 371 -2.49 -23.40 -21.65
C GLU C 371 -3.49 -23.08 -22.75
N VAL C 372 -3.05 -23.02 -24.00
CA VAL C 372 -3.97 -22.72 -25.08
C VAL C 372 -4.23 -23.91 -26.01
N THR C 373 -3.31 -24.87 -26.09
CA THR C 373 -3.51 -26.00 -26.99
C THR C 373 -4.27 -27.14 -26.38
N THR C 374 -4.27 -27.23 -25.06
CA THR C 374 -4.95 -28.31 -24.35
C THR C 374 -6.07 -27.77 -23.54
N HIS C 375 -6.85 -28.67 -22.99
CA HIS C 375 -7.90 -28.32 -22.08
C HIS C 375 -7.29 -28.23 -20.71
N SER C 376 -7.09 -27.00 -20.25
CA SER C 376 -6.45 -26.74 -18.98
C SER C 376 -7.48 -26.56 -17.89
N PHE C 377 -7.38 -27.37 -16.85
CA PHE C 377 -8.30 -27.31 -15.71
C PHE C 377 -7.74 -27.93 -14.43
N ASN C 378 -8.33 -27.58 -13.30
CA ASN C 378 -7.99 -28.21 -12.04
C ASN C 378 -8.98 -29.33 -11.67
N CYS C 379 -8.47 -30.53 -11.35
CA CYS C 379 -9.21 -31.71 -10.93
C CYS C 379 -8.60 -32.28 -9.66
N GLY C 380 -9.30 -32.10 -8.56
CA GLY C 380 -8.82 -32.62 -7.30
C GLY C 380 -7.61 -31.88 -6.75
N GLY C 381 -7.37 -30.66 -7.20
CA GLY C 381 -6.21 -29.94 -6.77
C GLY C 381 -5.06 -30.10 -7.76
N GLU C 382 -5.16 -31.04 -8.68
CA GLU C 382 -4.10 -31.22 -9.64
C GLU C 382 -4.40 -30.46 -10.92
N PHE C 383 -3.37 -30.11 -11.66
CA PHE C 383 -3.56 -29.43 -12.93
C PHE C 383 -3.31 -30.28 -14.16
N PHE C 384 -4.40 -30.42 -14.91
CA PHE C 384 -4.52 -31.21 -16.11
C PHE C 384 -4.48 -30.38 -17.36
N TYR C 385 -3.79 -30.92 -18.34
CA TYR C 385 -3.66 -30.37 -19.68
C TYR C 385 -4.00 -31.45 -20.70
N CYS C 386 -5.31 -31.61 -20.99
CA CYS C 386 -5.84 -32.73 -21.75
C CYS C 386 -5.91 -32.46 -23.25
N ASN C 387 -5.64 -33.51 -24.01
CA ASN C 387 -5.78 -33.40 -25.45
C ASN C 387 -7.26 -33.39 -25.79
N THR C 388 -7.62 -32.57 -26.79
CA THR C 388 -8.99 -32.38 -27.27
C THR C 388 -9.14 -32.66 -28.73
N SER C 389 -8.11 -33.15 -29.39
CA SER C 389 -8.26 -33.36 -30.81
C SER C 389 -9.34 -34.37 -31.14
N GLY C 390 -9.60 -35.31 -30.26
CA GLY C 390 -10.59 -36.33 -30.50
C GLY C 390 -12.01 -35.81 -30.38
N LEU C 391 -12.15 -34.61 -29.86
CA LEU C 391 -13.46 -34.03 -29.72
C LEU C 391 -13.78 -33.15 -30.91
N PHE C 392 -12.78 -32.86 -31.73
CA PHE C 392 -12.95 -31.94 -32.84
C PHE C 392 -12.34 -32.51 -34.10
N ASN C 393 -12.89 -33.62 -34.59
CA ASN C 393 -12.41 -34.34 -35.79
C ASN C 393 -13.63 -34.97 -36.48
N SER C 394 -14.44 -34.12 -37.16
CA SER C 394 -15.70 -34.53 -37.82
C SER C 394 -16.17 -33.54 -38.85
N THR C 395 -17.04 -33.98 -39.74
CA THR C 395 -17.66 -33.05 -40.69
C THR C 395 -19.17 -33.25 -40.70
N TRP C 396 -19.89 -32.16 -40.54
CA TRP C 396 -21.34 -32.14 -40.54
C TRP C 396 -21.88 -31.62 -41.85
N ILE C 397 -22.60 -32.46 -42.55
CA ILE C 397 -23.12 -32.07 -43.86
C ILE C 397 -24.65 -32.11 -43.87
N SER C 398 -25.29 -31.00 -44.32
CA SER C 398 -26.73 -30.81 -44.42
C SER C 398 -27.32 -31.70 -45.54
N ASN C 411 -19.43 -49.51 -24.31
CA ASN C 411 -19.24 -48.22 -23.62
C ASN C 411 -19.41 -47.03 -24.55
N ASP C 412 -19.00 -47.20 -25.79
CA ASP C 412 -19.11 -46.14 -26.80
C ASP C 412 -18.57 -44.81 -26.27
N SER C 413 -17.35 -44.81 -25.73
CA SER C 413 -16.76 -43.61 -25.13
C SER C 413 -15.39 -43.31 -25.68
N ILE C 414 -14.99 -42.05 -25.58
CA ILE C 414 -13.69 -41.62 -26.03
C ILE C 414 -12.78 -41.24 -24.88
N THR C 415 -11.57 -41.75 -24.93
CA THR C 415 -10.59 -41.41 -23.93
C THR C 415 -9.63 -40.37 -24.49
N LEU C 416 -9.49 -39.29 -23.76
CA LEU C 416 -8.61 -38.20 -24.08
C LEU C 416 -7.38 -38.34 -23.19
N PRO C 417 -6.15 -38.42 -23.72
CA PRO C 417 -4.95 -38.52 -22.92
C PRO C 417 -4.76 -37.17 -22.27
N CYS C 418 -4.17 -37.12 -21.06
CA CYS C 418 -3.89 -35.88 -20.33
C CYS C 418 -2.49 -35.80 -19.76
N ARG C 419 -1.96 -34.58 -19.76
CA ARG C 419 -0.67 -34.30 -19.15
C ARG C 419 -0.84 -33.66 -17.79
N ILE C 420 0.09 -33.93 -16.90
CA ILE C 420 0.09 -33.33 -15.58
C ILE C 420 1.28 -32.42 -15.42
N LYS C 421 1.04 -31.20 -14.97
CA LYS C 421 2.13 -30.23 -14.80
C LYS C 421 2.08 -29.59 -13.41
N GLN C 422 3.25 -29.46 -12.78
CA GLN C 422 3.30 -28.94 -11.43
C GLN C 422 3.57 -27.42 -11.27
N ILE C 423 4.41 -26.80 -12.11
CA ILE C 423 4.76 -25.37 -11.92
C ILE C 423 4.00 -24.54 -12.95
N ILE C 424 3.13 -23.65 -12.47
CA ILE C 424 2.21 -22.96 -13.37
C ILE C 424 2.26 -21.45 -13.49
N ASN C 425 2.37 -20.96 -14.71
CA ASN C 425 2.36 -19.52 -14.98
C ASN C 425 0.94 -19.08 -15.14
N MET C 426 0.24 -19.07 -14.03
CA MET C 426 -1.17 -18.85 -14.06
C MET C 426 -1.42 -17.44 -14.50
N TRP C 427 -2.59 -17.22 -15.10
CA TRP C 427 -3.04 -15.90 -15.52
C TRP C 427 -2.30 -15.38 -16.71
N GLN C 428 -1.42 -16.21 -17.29
CA GLN C 428 -0.62 -15.84 -18.44
C GLN C 428 0.26 -14.66 -18.08
N ARG C 429 0.56 -14.56 -16.80
CA ARG C 429 1.39 -13.53 -16.26
C ARG C 429 2.84 -13.90 -16.24
N ILE C 430 3.68 -12.93 -16.49
CA ILE C 430 5.09 -13.18 -16.35
C ILE C 430 5.43 -12.65 -15.01
N GLY C 431 5.85 -13.53 -14.15
CA GLY C 431 6.10 -13.21 -12.78
C GLY C 431 6.17 -14.50 -12.04
N GLN C 432 6.05 -14.43 -10.73
CA GLN C 432 6.17 -15.61 -9.90
C GLN C 432 5.13 -16.64 -10.26
N ALA C 433 5.55 -17.89 -10.22
CA ALA C 433 4.67 -19.00 -10.51
C ALA C 433 4.48 -19.81 -9.27
N MET C 434 3.21 -20.14 -9.02
CA MET C 434 2.78 -21.11 -7.98
C MET C 434 3.27 -22.49 -8.44
N TYR C 435 3.34 -23.42 -7.48
CA TYR C 435 3.76 -24.82 -7.70
C TYR C 435 2.81 -25.74 -6.92
N ALA C 436 2.03 -26.61 -7.57
CA ALA C 436 1.19 -27.46 -6.78
C ALA C 436 2.02 -28.36 -5.88
N PRO C 437 1.61 -28.61 -4.65
CA PRO C 437 2.21 -29.57 -3.80
C PRO C 437 1.77 -30.87 -4.43
N PRO C 438 2.42 -31.98 -4.15
CA PRO C 438 2.05 -33.28 -4.60
C PRO C 438 0.80 -33.69 -3.88
N ILE C 439 -0.01 -34.53 -4.49
CA ILE C 439 -1.20 -35.01 -3.82
C ILE C 439 -1.15 -36.48 -3.59
N GLN C 440 -1.32 -36.87 -2.34
CA GLN C 440 -1.28 -38.25 -1.90
C GLN C 440 -2.42 -39.08 -2.47
N GLY C 441 -2.09 -40.26 -2.99
CA GLY C 441 -3.10 -41.15 -3.54
C GLY C 441 -3.36 -40.95 -5.03
N VAL C 442 -4.61 -41.24 -5.42
CA VAL C 442 -5.08 -41.26 -6.81
C VAL C 442 -6.21 -40.27 -6.97
N ILE C 443 -6.22 -39.53 -8.07
CA ILE C 443 -7.27 -38.54 -8.27
C ILE C 443 -8.30 -38.89 -9.28
N ARG C 444 -9.55 -38.71 -8.88
CA ARG C 444 -10.69 -38.88 -9.74
C ARG C 444 -11.72 -37.77 -9.48
N CYS C 445 -12.31 -37.19 -10.56
CA CYS C 445 -13.41 -36.23 -10.46
C CYS C 445 -14.32 -36.40 -11.68
N VAL C 446 -15.55 -35.96 -11.53
CA VAL C 446 -16.48 -35.92 -12.64
C VAL C 446 -17.04 -34.53 -12.74
N SER C 447 -16.92 -33.94 -13.91
CA SER C 447 -17.39 -32.58 -14.11
C SER C 447 -18.46 -32.52 -15.20
N ASN C 448 -19.26 -31.43 -15.19
CA ASN C 448 -20.31 -31.13 -16.16
C ASN C 448 -19.81 -30.15 -17.21
N ILE C 449 -19.83 -30.53 -18.49
CA ILE C 449 -19.49 -29.66 -19.61
C ILE C 449 -20.72 -28.86 -19.91
N THR C 450 -20.59 -27.55 -19.81
CA THR C 450 -21.73 -26.68 -19.99
C THR C 450 -21.59 -25.73 -21.17
N GLY C 451 -20.37 -25.57 -21.69
CA GLY C 451 -20.21 -24.68 -22.83
C GLY C 451 -18.83 -24.73 -23.43
N LEU C 452 -18.69 -24.09 -24.59
CA LEU C 452 -17.45 -24.11 -25.33
C LEU C 452 -16.95 -22.75 -25.80
N ILE C 453 -15.64 -22.62 -25.95
CA ILE C 453 -15.11 -21.44 -26.59
C ILE C 453 -14.58 -21.90 -27.93
N LEU C 454 -15.07 -21.33 -29.02
CA LEU C 454 -14.65 -21.70 -30.37
C LEU C 454 -14.26 -20.54 -31.23
N THR C 455 -13.49 -20.82 -32.26
CA THR C 455 -13.18 -19.79 -33.23
C THR C 455 -13.43 -20.26 -34.65
N ARG C 456 -13.57 -19.30 -35.53
CA ARG C 456 -13.75 -19.55 -36.96
C ARG C 456 -12.37 -19.71 -37.54
N ASP C 457 -12.23 -20.33 -38.70
CA ASP C 457 -10.90 -20.46 -39.27
C ASP C 457 -10.42 -19.14 -39.88
N GLY C 458 -11.24 -18.54 -40.71
CA GLY C 458 -10.93 -17.26 -41.36
C GLY C 458 -10.26 -17.49 -42.71
N GLY C 459 -10.19 -16.44 -43.54
CA GLY C 459 -9.58 -16.61 -44.85
C GLY C 459 -10.51 -17.35 -45.81
N SER C 460 -11.81 -17.21 -45.61
CA SER C 460 -12.81 -17.90 -46.39
C SER C 460 -12.77 -17.57 -47.87
N THR C 461 -13.01 -18.62 -48.66
CA THR C 461 -13.06 -18.59 -50.10
C THR C 461 -14.48 -18.80 -50.57
N ASN C 462 -15.41 -18.74 -49.61
CA ASN C 462 -16.83 -18.94 -49.84
C ASN C 462 -17.11 -20.30 -50.46
N SER C 463 -16.41 -21.32 -49.96
CA SER C 463 -16.52 -22.69 -50.43
C SER C 463 -17.75 -23.39 -49.86
N THR C 464 -18.38 -22.73 -48.89
CA THR C 464 -19.53 -23.15 -48.07
C THR C 464 -19.12 -24.13 -46.99
N THR C 465 -17.84 -24.52 -46.96
CA THR C 465 -17.34 -25.39 -45.93
C THR C 465 -16.45 -24.58 -45.04
N GLU C 466 -16.73 -24.62 -43.74
CA GLU C 466 -15.95 -23.88 -42.76
C GLU C 466 -15.49 -24.74 -41.62
N THR C 467 -14.24 -24.56 -41.21
CA THR C 467 -13.75 -25.34 -40.12
C THR C 467 -13.64 -24.53 -38.84
N PHE C 468 -14.21 -25.05 -37.79
CA PHE C 468 -14.18 -24.44 -36.49
C PHE C 468 -13.09 -25.10 -35.69
N ARG C 469 -12.39 -24.26 -34.94
CA ARG C 469 -11.27 -24.72 -34.16
C ARG C 469 -11.60 -24.47 -32.70
N PRO C 470 -11.06 -25.23 -31.74
CA PRO C 470 -11.19 -24.98 -30.34
C PRO C 470 -10.67 -23.60 -30.12
N GLY C 471 -11.38 -22.86 -29.31
CA GLY C 471 -10.98 -21.52 -29.02
C GLY C 471 -10.39 -21.51 -27.64
N GLY C 472 -10.27 -20.34 -27.09
CA GLY C 472 -9.69 -20.14 -25.80
C GLY C 472 -9.68 -18.65 -25.66
N GLY C 473 -9.22 -18.16 -24.54
CA GLY C 473 -9.25 -16.73 -24.39
C GLY C 473 -8.97 -16.32 -22.98
N ASP C 474 -9.21 -15.06 -22.72
CA ASP C 474 -9.01 -14.52 -21.41
C ASP C 474 -10.00 -15.15 -20.48
N MET C 475 -9.65 -15.24 -19.21
CA MET C 475 -10.50 -15.82 -18.19
C MET C 475 -11.81 -15.07 -18.07
N ARG C 476 -11.82 -13.81 -18.44
CA ARG C 476 -13.04 -13.03 -18.38
C ARG C 476 -14.16 -13.67 -19.19
N ASP C 477 -13.81 -14.33 -20.28
CA ASP C 477 -14.79 -14.91 -21.17
C ASP C 477 -15.52 -16.04 -20.52
N ASN C 478 -14.94 -16.62 -19.47
CA ASN C 478 -15.55 -17.74 -18.81
C ASN C 478 -16.64 -17.30 -17.88
N TRP C 479 -16.67 -16.00 -17.58
CA TRP C 479 -17.60 -15.47 -16.61
C TRP C 479 -18.67 -14.69 -17.30
N ARG C 480 -18.41 -14.31 -18.55
CA ARG C 480 -19.38 -13.58 -19.34
C ARG C 480 -20.59 -14.49 -19.53
N SER C 481 -20.33 -15.77 -19.38
CA SER C 481 -21.23 -16.89 -19.51
C SER C 481 -22.36 -16.83 -18.50
N GLU C 482 -22.17 -16.10 -17.43
CA GLU C 482 -23.17 -15.89 -16.41
C GLU C 482 -23.60 -14.43 -16.40
N LEU C 483 -22.62 -13.56 -16.61
CA LEU C 483 -22.81 -12.13 -16.45
C LEU C 483 -23.55 -11.48 -17.59
N TYR C 484 -23.78 -12.18 -18.68
CA TYR C 484 -24.57 -11.65 -19.77
C TYR C 484 -25.98 -11.34 -19.32
N LYS C 485 -26.40 -11.94 -18.21
CA LYS C 485 -27.73 -11.75 -17.68
C LYS C 485 -27.84 -10.47 -16.87
N TYR C 486 -26.73 -9.81 -16.56
CA TYR C 486 -26.80 -8.67 -15.66
C TYR C 486 -26.26 -7.34 -16.14
N LYS C 487 -26.86 -6.29 -15.58
CA LYS C 487 -26.40 -4.92 -15.79
C LYS C 487 -26.46 -4.13 -14.48
N VAL C 488 -25.55 -3.19 -14.26
CA VAL C 488 -25.64 -2.36 -13.05
C VAL C 488 -25.91 -0.92 -13.34
N VAL C 489 -26.91 -0.38 -12.63
CA VAL C 489 -27.29 1.00 -12.80
C VAL C 489 -27.35 1.77 -11.49
N LYS C 490 -27.26 3.08 -11.61
CA LYS C 490 -27.35 4.02 -10.51
C LYS C 490 -28.74 4.61 -10.44
N ILE C 491 -29.26 4.79 -9.25
CA ILE C 491 -30.57 5.37 -9.10
C ILE C 491 -30.49 6.89 -8.97
N GLU C 492 -31.33 7.59 -9.74
CA GLU C 492 -31.34 9.04 -9.77
C GLU C 492 -32.69 9.64 -9.36
N PRO C 493 -32.93 9.89 -8.07
CA PRO C 493 -34.21 10.27 -7.47
C PRO C 493 -34.74 11.67 -7.78
N LEU C 494 -33.95 12.55 -8.37
CA LEU C 494 -34.49 13.87 -8.66
C LEU C 494 -34.92 14.08 -10.08
N GLY C 495 -35.97 14.86 -10.24
CA GLY C 495 -36.41 15.27 -11.57
C GLY C 495 -37.52 16.30 -11.49
N VAL C 496 -37.89 16.82 -12.65
CA VAL C 496 -38.92 17.84 -12.73
C VAL C 496 -39.93 17.49 -13.78
N ALA C 497 -41.09 18.14 -13.72
CA ALA C 497 -42.13 17.99 -14.72
C ALA C 497 -43.03 19.23 -14.69
N PRO C 498 -43.75 19.55 -15.78
CA PRO C 498 -44.71 20.63 -15.88
C PRO C 498 -45.99 20.35 -15.13
N THR C 499 -46.62 21.40 -14.63
CA THR C 499 -47.96 21.31 -14.05
C THR C 499 -48.64 22.66 -13.93
N ARG C 500 -49.97 22.67 -13.87
CA ARG C 500 -50.66 23.94 -13.62
C ARG C 500 -50.75 24.20 -12.09
N CYS C 501 -49.58 24.48 -11.50
CA CYS C 501 -49.35 24.71 -10.06
C CYS C 501 -48.14 25.62 -9.86
N LYS C 502 -48.41 26.84 -9.43
CA LYS C 502 -47.36 27.81 -9.21
C LYS C 502 -47.03 27.79 -7.74
N ARG C 503 -45.78 27.98 -7.38
CA ARG C 503 -45.50 28.03 -5.96
C ARG C 503 -46.26 29.14 -5.30
N ARG C 504 -46.78 28.85 -4.11
CA ARG C 504 -47.51 29.85 -3.38
C ARG C 504 -46.54 30.78 -2.67
N VAL C 505 -45.97 31.67 -3.46
CA VAL C 505 -45.00 32.62 -2.96
C VAL C 505 -45.80 33.71 -2.24
N LEU D 520 -46.01 -2.98 -3.36
CA LEU D 520 -45.44 -2.76 -4.72
C LEU D 520 -43.98 -3.22 -4.72
N GLY D 521 -43.03 -2.33 -4.43
CA GLY D 521 -41.60 -2.71 -4.40
C GLY D 521 -40.69 -1.59 -4.85
N PHE D 522 -39.45 -1.58 -4.36
CA PHE D 522 -38.49 -0.51 -4.70
C PHE D 522 -38.25 -0.53 -6.21
N LEU D 523 -38.29 0.65 -6.84
CA LEU D 523 -38.13 0.81 -8.31
C LEU D 523 -39.33 0.18 -9.03
N GLY D 524 -40.32 -0.30 -8.28
CA GLY D 524 -41.49 -0.97 -8.89
C GLY D 524 -42.32 -0.04 -9.77
N ALA D 525 -42.53 1.21 -9.36
CA ALA D 525 -43.42 2.14 -10.11
C ALA D 525 -42.91 2.49 -11.51
N ALA D 526 -41.69 2.09 -11.84
CA ALA D 526 -41.02 2.46 -13.07
C ALA D 526 -41.83 1.87 -14.21
N GLY D 527 -42.73 0.94 -13.88
CA GLY D 527 -43.59 0.30 -14.87
C GLY D 527 -44.90 1.07 -15.03
N SER D 528 -45.06 2.20 -14.36
CA SER D 528 -46.30 2.92 -14.49
C SER D 528 -46.05 4.37 -14.80
N THR D 529 -47.11 5.13 -14.76
CA THR D 529 -47.04 6.51 -15.15
C THR D 529 -46.42 7.40 -14.13
N MET D 530 -46.08 8.58 -14.58
CA MET D 530 -45.49 9.59 -13.76
C MET D 530 -46.40 9.95 -12.62
N GLY D 531 -47.70 10.04 -12.91
CA GLY D 531 -48.66 10.36 -11.89
C GLY D 531 -48.73 9.26 -10.86
N ALA D 532 -48.85 8.02 -11.31
CA ALA D 532 -49.00 6.91 -10.39
C ALA D 532 -47.85 6.79 -9.41
N ALA D 533 -46.66 7.06 -9.91
CA ALA D 533 -45.42 6.93 -9.17
C ALA D 533 -45.31 7.94 -8.05
N SER D 534 -46.14 8.96 -8.03
CA SER D 534 -46.01 9.97 -7.01
C SER D 534 -46.25 9.43 -5.60
N MET D 535 -46.96 8.32 -5.44
CA MET D 535 -47.18 7.83 -4.09
C MET D 535 -46.13 6.81 -3.62
N THR D 536 -45.11 6.56 -4.45
CA THR D 536 -44.08 5.59 -4.10
C THR D 536 -42.75 6.28 -3.88
N LEU D 537 -42.78 7.59 -3.77
CA LEU D 537 -41.55 8.35 -3.65
C LEU D 537 -40.80 8.00 -2.37
N THR D 538 -41.52 7.65 -1.32
CA THR D 538 -40.86 7.31 -0.07
C THR D 538 -40.32 5.90 -0.09
N VAL D 539 -40.68 5.12 -1.10
CA VAL D 539 -40.12 3.80 -1.18
C VAL D 539 -38.73 4.01 -1.69
N GLN D 540 -38.64 4.79 -2.76
CA GLN D 540 -37.41 5.02 -3.43
C GLN D 540 -36.40 5.76 -2.58
N ALA D 541 -36.88 6.62 -1.70
CA ALA D 541 -36.05 7.41 -0.83
C ALA D 541 -35.50 6.66 0.38
N ARG D 542 -35.95 5.43 0.60
CA ARG D 542 -35.59 4.68 1.79
C ARG D 542 -34.26 3.89 1.78
N ASN D 543 -33.82 3.36 0.65
CA ASN D 543 -32.65 2.48 0.69
C ASN D 543 -31.36 3.18 0.32
N LEU D 544 -31.41 4.48 0.26
CA LEU D 544 -30.27 5.25 -0.14
C LEU D 544 -29.16 5.16 0.88
N LEU D 545 -29.54 4.96 2.14
CA LEU D 545 -28.60 4.86 3.23
C LEU D 545 -28.53 3.41 3.79
N SER D 546 -28.84 2.41 2.95
CA SER D 546 -28.88 0.98 3.30
C SER D 546 -27.55 0.39 3.78
N THR D 569 -7.03 -5.83 4.22
CA THR D 569 -6.33 -4.53 4.24
C THR D 569 -6.45 -3.73 2.95
N HIS D 570 -6.50 -4.41 1.82
CA HIS D 570 -6.66 -3.72 0.55
C HIS D 570 -8.13 -3.59 0.25
N TRP D 571 -8.83 -4.69 0.42
CA TRP D 571 -10.23 -4.78 0.10
C TRP D 571 -11.10 -3.77 0.81
N GLY D 572 -10.87 -3.59 2.09
CA GLY D 572 -11.68 -2.69 2.87
C GLY D 572 -11.52 -1.24 2.44
N ILE D 573 -10.50 -0.93 1.67
CA ILE D 573 -10.29 0.43 1.24
C ILE D 573 -11.34 0.78 0.24
N LYS D 574 -11.63 -0.17 -0.64
CA LYS D 574 -12.53 0.09 -1.71
C LYS D 574 -13.92 0.16 -1.14
N GLN D 575 -14.15 -0.65 -0.12
CA GLN D 575 -15.47 -0.67 0.43
C GLN D 575 -15.72 0.59 1.23
N LEU D 576 -14.70 1.09 1.90
CA LEU D 576 -14.91 2.27 2.68
C LEU D 576 -15.12 3.44 1.74
N GLN D 577 -14.40 3.50 0.63
CA GLN D 577 -14.63 4.59 -0.28
C GLN D 577 -16.03 4.53 -0.84
N ALA D 578 -16.53 3.33 -1.12
CA ALA D 578 -17.86 3.22 -1.67
C ALA D 578 -18.90 3.79 -0.73
N ARG D 579 -18.72 3.57 0.56
CA ARG D 579 -19.67 4.07 1.53
C ARG D 579 -19.63 5.58 1.54
N VAL D 580 -18.43 6.12 1.42
CA VAL D 580 -18.28 7.56 1.39
C VAL D 580 -18.99 8.14 0.18
N LEU D 581 -18.85 7.51 -0.97
CA LEU D 581 -19.48 8.06 -2.14
C LEU D 581 -20.98 8.06 -2.00
N ALA D 582 -21.56 7.02 -1.43
CA ALA D 582 -23.00 7.03 -1.29
C ALA D 582 -23.46 8.20 -0.47
N VAL D 583 -22.70 8.52 0.57
CA VAL D 583 -23.04 9.64 1.40
C VAL D 583 -22.94 10.93 0.63
N GLU D 584 -21.89 11.08 -0.15
CA GLU D 584 -21.72 12.30 -0.90
C GLU D 584 -22.85 12.52 -1.88
N HIS D 585 -23.34 11.46 -2.51
CA HIS D 585 -24.41 11.67 -3.46
C HIS D 585 -25.68 12.06 -2.73
N TYR D 586 -25.91 11.42 -1.60
CA TYR D 586 -27.07 11.73 -0.82
C TYR D 586 -27.07 13.18 -0.41
N LEU D 587 -25.94 13.63 0.12
CA LEU D 587 -25.87 14.98 0.61
C LEU D 587 -25.99 15.97 -0.49
N ARG D 588 -25.44 15.69 -1.67
CA ARG D 588 -25.57 16.64 -2.74
C ARG D 588 -27.02 16.88 -3.06
N ASP D 589 -27.80 15.81 -3.16
CA ASP D 589 -29.18 16.02 -3.52
C ASP D 589 -29.91 16.75 -2.44
N GLN D 590 -29.59 16.47 -1.19
CA GLN D 590 -30.28 17.16 -0.14
C GLN D 590 -29.92 18.63 -0.14
N GLN D 591 -28.66 18.95 -0.44
CA GLN D 591 -28.30 20.34 -0.46
C GLN D 591 -29.05 21.05 -1.54
N LEU D 592 -29.19 20.42 -2.70
CA LEU D 592 -29.86 21.06 -3.80
C LEU D 592 -31.31 21.33 -3.48
N LEU D 593 -31.97 20.42 -2.79
CA LEU D 593 -33.35 20.69 -2.43
C LEU D 593 -33.41 21.89 -1.51
N GLY D 594 -32.43 22.02 -0.61
CA GLY D 594 -32.36 23.19 0.27
C GLY D 594 -32.13 24.47 -0.54
N ILE D 595 -31.28 24.38 -1.54
CA ILE D 595 -30.96 25.50 -2.41
C ILE D 595 -32.21 25.94 -3.13
N TRP D 596 -33.03 24.99 -3.51
CA TRP D 596 -34.25 25.23 -4.21
C TRP D 596 -35.45 25.35 -3.27
N GLY D 597 -35.22 25.72 -2.02
CA GLY D 597 -36.29 26.06 -1.10
C GLY D 597 -37.02 24.95 -0.37
N CYS D 598 -37.65 24.04 -1.11
CA CYS D 598 -38.48 22.95 -0.58
C CYS D 598 -37.63 21.77 -0.08
N SER D 599 -36.85 22.06 0.95
CA SER D 599 -35.89 21.11 1.50
C SER D 599 -36.55 19.90 2.11
N GLY D 600 -37.76 20.08 2.62
CA GLY D 600 -38.50 19.02 3.29
C GLY D 600 -39.66 18.44 2.50
N LYS D 601 -39.77 18.70 1.21
CA LYS D 601 -40.95 18.18 0.50
C LYS D 601 -40.60 17.08 -0.48
N LEU D 602 -41.51 16.12 -0.66
CA LEU D 602 -41.26 15.15 -1.72
C LEU D 602 -41.57 15.80 -3.04
N ILE D 603 -42.61 16.63 -3.03
CA ILE D 603 -43.03 17.34 -4.22
C ILE D 603 -43.23 18.82 -3.89
N CYS D 604 -42.68 19.76 -4.71
CA CYS D 604 -42.96 21.19 -4.51
C CYS D 604 -43.14 21.91 -5.83
N CYS D 605 -44.06 22.85 -5.82
CA CYS D 605 -44.25 23.69 -6.96
C CYS D 605 -43.20 24.77 -6.74
N THR D 606 -42.63 25.27 -7.84
CA THR D 606 -41.63 26.32 -7.76
C THR D 606 -42.10 27.57 -8.47
N ASN D 607 -41.25 28.58 -8.45
CA ASN D 607 -41.54 29.84 -9.11
C ASN D 607 -40.74 29.98 -10.42
N VAL D 608 -40.42 28.86 -11.04
CA VAL D 608 -39.81 28.85 -12.36
C VAL D 608 -40.88 28.36 -13.33
N PRO D 609 -41.24 29.11 -14.38
CA PRO D 609 -42.24 28.76 -15.35
C PRO D 609 -41.72 27.63 -16.20
N TRP D 610 -42.63 26.80 -16.67
CA TRP D 610 -42.25 25.71 -17.56
C TRP D 610 -42.13 26.27 -18.98
N ASN D 611 -41.10 25.84 -19.74
CA ASN D 611 -40.85 26.24 -21.11
C ASN D 611 -41.33 25.20 -22.14
N SER D 612 -42.02 25.70 -23.20
CA SER D 612 -42.49 24.94 -24.36
C SER D 612 -41.30 24.51 -25.24
N SER D 613 -40.16 25.17 -25.03
CA SER D 613 -38.94 24.86 -25.75
C SER D 613 -38.33 23.58 -25.17
N TRP D 614 -38.78 23.16 -23.98
CA TRP D 614 -38.25 21.96 -23.36
C TRP D 614 -39.24 20.87 -23.72
N SER D 615 -40.51 21.17 -23.47
CA SER D 615 -41.60 20.28 -23.81
C SER D 615 -42.89 21.03 -23.96
N ASN D 616 -43.54 20.83 -25.10
CA ASN D 616 -44.79 21.47 -25.40
C ASN D 616 -45.94 20.47 -25.42
N ARG D 617 -45.74 19.33 -24.78
CA ARG D 617 -46.77 18.32 -24.72
C ARG D 617 -47.69 18.67 -23.54
N ASN D 618 -48.97 18.27 -23.62
CA ASN D 618 -49.93 18.63 -22.56
C ASN D 618 -49.92 17.60 -21.42
N LEU D 619 -50.31 18.07 -20.23
CA LEU D 619 -50.29 17.34 -18.96
C LEU D 619 -51.15 16.11 -19.00
N SER D 620 -52.22 16.18 -19.77
CA SER D 620 -53.15 15.09 -19.92
C SER D 620 -52.47 13.90 -20.60
N GLU D 621 -51.35 14.16 -21.28
CA GLU D 621 -50.62 13.07 -21.89
C GLU D 621 -49.35 12.78 -21.10
N ILE D 622 -48.73 13.80 -20.54
CA ILE D 622 -47.49 13.55 -19.84
C ILE D 622 -47.68 12.75 -18.58
N TRP D 623 -48.62 13.16 -17.74
CA TRP D 623 -48.79 12.49 -16.47
C TRP D 623 -49.46 11.15 -16.54
N ASP D 624 -50.31 10.99 -17.53
CA ASP D 624 -51.07 9.77 -17.73
C ASP D 624 -50.48 8.78 -18.73
N ASN D 625 -49.73 9.23 -19.74
CA ASN D 625 -49.20 8.28 -20.71
C ASN D 625 -47.72 7.98 -20.52
N MET D 626 -46.97 8.87 -19.85
CA MET D 626 -45.55 8.64 -19.76
C MET D 626 -45.14 8.13 -18.42
N THR D 627 -44.06 7.36 -18.42
CA THR D 627 -43.41 6.88 -17.23
C THR D 627 -42.31 7.87 -16.90
N TRP D 628 -41.74 7.80 -15.70
CA TRP D 628 -40.66 8.74 -15.39
C TRP D 628 -39.40 8.47 -16.21
N LEU D 629 -39.18 7.22 -16.60
CA LEU D 629 -38.00 6.94 -17.39
C LEU D 629 -38.12 7.60 -18.75
N GLN D 630 -39.31 7.53 -19.33
CA GLN D 630 -39.51 8.11 -20.63
C GLN D 630 -39.40 9.60 -20.55
N TRP D 631 -39.93 10.15 -19.49
CA TRP D 631 -39.91 11.56 -19.31
C TRP D 631 -38.50 12.06 -19.18
N ASP D 632 -37.70 11.40 -18.38
CA ASP D 632 -36.35 11.84 -18.20
C ASP D 632 -35.61 11.83 -19.53
N LYS D 633 -35.86 10.80 -20.33
CA LYS D 633 -35.21 10.73 -21.62
C LYS D 633 -35.68 11.85 -22.54
N GLU D 634 -36.94 12.22 -22.42
CA GLU D 634 -37.57 13.24 -23.24
C GLU D 634 -37.01 14.63 -23.00
N ILE D 635 -36.69 14.96 -21.75
CA ILE D 635 -36.20 16.30 -21.43
C ILE D 635 -34.78 16.31 -20.87
N SER D 636 -33.97 15.34 -21.26
CA SER D 636 -32.61 15.20 -20.75
C SER D 636 -31.63 16.38 -20.99
N ASN D 637 -32.01 17.29 -21.89
CA ASN D 637 -31.16 18.46 -22.26
C ASN D 637 -31.33 19.62 -21.26
N TYR D 638 -32.45 19.62 -20.53
CA TYR D 638 -32.94 20.76 -19.74
C TYR D 638 -32.94 20.41 -18.28
N THR D 639 -31.76 20.34 -17.72
CA THR D 639 -31.60 19.92 -16.36
C THR D 639 -30.79 20.98 -15.67
N GLN D 640 -29.61 21.18 -16.22
CA GLN D 640 -28.58 22.06 -15.73
C GLN D 640 -29.01 23.51 -15.83
N ILE D 641 -30.00 23.77 -16.66
CA ILE D 641 -30.48 25.12 -16.81
C ILE D 641 -31.49 25.41 -15.71
N ILE D 642 -32.27 24.40 -15.34
CA ILE D 642 -33.33 24.57 -14.39
C ILE D 642 -32.73 24.74 -13.05
N TYR D 643 -31.72 23.98 -12.76
CA TYR D 643 -31.09 24.05 -11.46
C TYR D 643 -30.67 25.49 -11.18
N GLY D 644 -30.17 26.17 -12.20
CA GLY D 644 -29.80 27.58 -12.09
C GLY D 644 -31.04 28.47 -11.93
N LEU D 645 -32.08 28.21 -12.74
CA LEU D 645 -33.29 29.03 -12.69
C LEU D 645 -33.95 28.96 -11.34
N LEU D 646 -33.86 27.82 -10.72
CA LEU D 646 -34.44 27.63 -9.42
C LEU D 646 -33.78 28.52 -8.38
N GLU D 647 -32.48 28.85 -8.53
CA GLU D 647 -31.91 29.74 -7.53
C GLU D 647 -32.48 31.11 -7.76
N GLU D 648 -32.61 31.49 -9.02
CA GLU D 648 -33.08 32.83 -9.33
C GLU D 648 -34.47 33.04 -8.79
N SER D 649 -35.28 32.01 -8.87
CA SER D 649 -36.65 32.06 -8.42
C SER D 649 -36.83 31.74 -6.96
N GLN D 650 -35.72 31.51 -6.26
CA GLN D 650 -35.72 31.24 -4.85
C GLN D 650 -35.18 32.42 -4.05
N ASN D 651 -34.09 32.99 -4.52
CA ASN D 651 -33.43 34.01 -3.75
C ASN D 651 -34.12 35.36 -3.78
N GLN D 652 -34.97 35.62 -4.77
CA GLN D 652 -35.61 36.91 -4.78
C GLN D 652 -36.60 37.03 -3.65
N GLN D 653 -37.35 35.96 -3.40
CA GLN D 653 -38.28 36.05 -2.30
C GLN D 653 -37.55 35.96 -1.00
N GLU D 654 -36.39 35.32 -0.97
CA GLU D 654 -35.70 35.31 0.29
C GLU D 654 -35.36 36.74 0.66
N LYS D 655 -34.96 37.53 -0.34
CA LYS D 655 -34.73 38.93 -0.05
C LYS D 655 -36.02 39.62 0.37
N ASN D 656 -37.11 39.33 -0.32
CA ASN D 656 -38.37 39.98 -0.01
C ASN D 656 -39.14 39.25 1.09
N GLU D 657 -38.44 39.05 2.20
CA GLU D 657 -38.85 38.42 3.44
C GLU D 657 -38.00 39.03 4.51
N GLN D 658 -36.92 39.67 4.10
CA GLN D 658 -36.01 40.29 5.06
C GLN D 658 -36.56 41.62 5.53
N ASP D 659 -37.31 42.30 4.68
CA ASP D 659 -37.81 43.63 4.99
C ASP D 659 -39.15 43.59 5.70
N LEU D 660 -39.19 42.79 6.75
CA LEU D 660 -40.39 42.62 7.59
C LEU D 660 -40.32 43.19 9.02
N ASN E 35 -33.39 47.77 19.34
CA ASN E 35 -33.55 48.08 17.91
C ASN E 35 -33.08 46.92 17.02
N LEU E 36 -31.80 46.53 17.15
CA LEU E 36 -31.13 45.49 16.37
C LEU E 36 -31.29 44.12 16.94
N TRP E 37 -31.38 43.17 16.03
CA TRP E 37 -31.52 41.76 16.27
C TRP E 37 -30.44 41.00 15.56
N VAL E 38 -30.14 39.82 16.08
CA VAL E 38 -29.17 38.96 15.46
C VAL E 38 -29.76 38.21 14.28
N THR E 39 -29.07 38.27 13.15
CA THR E 39 -29.43 37.53 11.96
C THR E 39 -28.27 36.64 11.59
N VAL E 40 -28.60 35.41 11.25
CA VAL E 40 -27.59 34.45 10.88
C VAL E 40 -27.53 34.35 9.38
N TYR E 41 -26.31 34.42 8.86
CA TYR E 41 -26.07 34.38 7.42
C TYR E 41 -25.19 33.17 7.05
N TYR E 42 -25.62 32.40 6.07
CA TYR E 42 -24.84 31.26 5.65
C TYR E 42 -24.42 31.38 4.20
N GLY E 43 -23.14 31.21 3.96
CA GLY E 43 -22.54 31.35 2.65
C GLY E 43 -21.71 32.62 2.66
N VAL E 44 -21.27 33.03 3.82
CA VAL E 44 -20.47 34.23 3.99
C VAL E 44 -19.07 34.01 3.40
N PRO E 45 -18.58 34.86 2.49
CA PRO E 45 -17.30 34.71 1.80
C PRO E 45 -16.07 35.07 2.63
N VAL E 46 -15.83 34.30 3.69
CA VAL E 46 -14.68 34.51 4.58
C VAL E 46 -13.86 33.25 4.79
N TRP E 47 -12.64 33.40 5.27
CA TRP E 47 -11.75 32.27 5.49
C TRP E 47 -10.73 32.44 6.60
N LYS E 48 -10.12 31.32 6.96
CA LYS E 48 -9.08 31.25 7.99
C LYS E 48 -7.84 30.53 7.49
N ASP E 49 -6.68 30.84 8.05
CA ASP E 49 -5.49 30.07 7.66
C ASP E 49 -5.71 28.61 7.96
N ALA E 50 -5.31 27.72 7.07
CA ALA E 50 -5.53 26.32 7.39
C ALA E 50 -4.52 25.40 6.73
N GLU E 51 -4.32 24.23 7.32
CA GLU E 51 -3.41 23.27 6.74
C GLU E 51 -4.13 21.99 6.40
N THR E 52 -4.13 21.65 5.13
CA THR E 52 -4.81 20.45 4.69
C THR E 52 -4.02 19.67 3.67
N THR E 53 -4.58 18.55 3.28
CA THR E 53 -4.02 17.67 2.27
C THR E 53 -4.38 18.17 0.90
N LEU E 54 -3.41 18.24 0.01
CA LEU E 54 -3.68 18.70 -1.35
C LEU E 54 -3.73 17.54 -2.31
N PHE E 55 -4.40 17.77 -3.43
CA PHE E 55 -4.41 16.81 -4.51
C PHE E 55 -3.32 17.19 -5.48
N CYS E 56 -2.67 16.19 -6.12
CA CYS E 56 -1.69 16.41 -7.18
C CYS E 56 -2.34 16.02 -8.51
N ALA E 57 -2.14 16.86 -9.50
CA ALA E 57 -2.72 16.65 -10.81
C ALA E 57 -1.77 17.09 -11.91
N SER E 58 -1.98 16.59 -13.11
CA SER E 58 -1.15 16.97 -14.24
C SER E 58 -1.87 16.94 -15.58
N ASP E 59 -1.23 17.55 -16.57
CA ASP E 59 -1.72 17.62 -17.96
C ASP E 59 -1.38 16.31 -18.69
N ALA E 60 -2.40 15.51 -19.06
CA ALA E 60 -2.29 14.17 -19.67
C ALA E 60 -1.27 14.13 -20.82
N HIS E 68 6.44 6.03 -18.79
CA HIS E 68 6.47 5.28 -17.51
C HIS E 68 7.01 6.21 -16.44
N ASN E 69 6.76 7.54 -16.46
CA ASN E 69 7.58 8.18 -15.48
C ASN E 69 6.94 7.95 -14.15
N VAL E 70 7.53 8.51 -13.11
CA VAL E 70 6.94 8.39 -11.80
C VAL E 70 5.87 9.42 -11.56
N TRP E 71 6.05 10.60 -12.10
CA TRP E 71 5.17 11.70 -11.82
C TRP E 71 3.76 11.56 -12.39
N ALA E 72 3.66 11.15 -13.65
CA ALA E 72 2.37 11.09 -14.34
C ALA E 72 1.60 9.86 -13.97
N THR E 73 2.27 8.97 -13.29
CA THR E 73 1.71 7.71 -12.91
C THR E 73 1.32 7.78 -11.46
N HIS E 74 1.47 8.97 -10.91
CA HIS E 74 1.08 9.28 -9.57
C HIS E 74 0.02 10.39 -9.59
N CYS E 75 0.34 11.55 -10.21
CA CYS E 75 -0.50 12.75 -10.31
C CYS E 75 -1.41 12.50 -11.51
N CYS E 76 -2.29 11.54 -11.32
CA CYS E 76 -3.16 11.01 -12.36
C CYS E 76 -4.43 11.81 -12.52
N VAL E 77 -4.66 12.71 -11.59
CA VAL E 77 -5.81 13.57 -11.65
C VAL E 77 -5.49 14.56 -12.76
N PRO E 78 -6.35 14.77 -13.75
CA PRO E 78 -6.11 15.69 -14.83
C PRO E 78 -6.20 17.16 -14.44
N THR E 79 -5.38 17.96 -15.11
CA THR E 79 -5.42 19.44 -15.06
C THR E 79 -5.77 19.89 -16.43
N ASP E 80 -6.27 18.94 -17.20
CA ASP E 80 -6.68 19.08 -18.57
C ASP E 80 -7.71 20.21 -18.84
N PRO E 81 -8.78 20.43 -18.02
CA PRO E 81 -9.71 21.52 -18.19
C PRO E 81 -8.98 22.76 -17.76
N ASN E 82 -9.40 23.94 -18.20
CA ASN E 82 -8.66 25.12 -17.79
C ASN E 82 -9.45 26.30 -17.24
N PRO E 83 -10.12 26.14 -16.09
CA PRO E 83 -10.80 27.19 -15.36
C PRO E 83 -9.67 28.02 -14.83
N GLN E 84 -9.87 29.30 -14.58
CA GLN E 84 -8.76 30.07 -14.09
C GLN E 84 -8.93 30.64 -12.70
N GLU E 85 -9.18 31.94 -12.61
CA GLU E 85 -9.14 32.55 -11.29
C GLU E 85 -10.07 33.69 -11.11
N ILE E 86 -10.38 33.96 -9.86
CA ILE E 86 -11.19 35.11 -9.50
C ILE E 86 -10.37 36.14 -8.78
N HIS E 87 -10.17 37.29 -9.41
CA HIS E 87 -9.38 38.32 -8.74
C HIS E 87 -10.18 38.88 -7.61
N LEU E 88 -9.55 39.15 -6.48
CA LEU E 88 -10.31 39.71 -5.40
C LEU E 88 -10.11 41.21 -5.27
N GLU E 89 -11.14 41.95 -5.64
CA GLU E 89 -11.02 43.37 -5.57
C GLU E 89 -11.15 43.74 -4.10
N ASN E 90 -10.38 44.75 -3.65
CA ASN E 90 -10.36 45.32 -2.28
C ASN E 90 -10.02 44.27 -1.18
N VAL E 91 -9.10 43.32 -1.47
CA VAL E 91 -8.63 42.31 -0.51
C VAL E 91 -7.15 42.38 -0.34
N THR E 92 -6.73 42.55 0.90
CA THR E 92 -5.32 42.55 1.23
C THR E 92 -5.13 41.36 2.12
N GLU E 93 -4.11 40.57 1.85
CA GLU E 93 -3.87 39.39 2.67
C GLU E 93 -2.38 39.23 2.93
N GLU E 94 -2.05 38.61 4.05
CA GLU E 94 -0.65 38.38 4.42
C GLU E 94 -0.12 37.01 4.08
N PHE E 95 1.02 37.00 3.42
CA PHE E 95 1.70 35.80 2.99
C PHE E 95 3.05 35.67 3.71
N ASN E 96 3.52 34.43 3.91
CA ASN E 96 4.85 34.23 4.49
C ASN E 96 5.44 32.92 3.98
N MET E 97 6.36 33.03 3.06
CA MET E 97 6.91 31.85 2.39
C MET E 97 7.74 30.95 3.30
N TRP E 98 8.18 31.47 4.43
CA TRP E 98 8.98 30.66 5.30
C TRP E 98 8.18 30.01 6.38
N LYS E 99 6.87 30.29 6.41
CA LYS E 99 6.02 29.74 7.45
C LYS E 99 4.92 28.92 6.81
N ASN E 100 5.07 28.72 5.51
CA ASN E 100 4.11 28.00 4.70
C ASN E 100 4.28 26.53 4.95
N ASN E 101 3.22 25.76 4.73
CA ASN E 101 3.30 24.33 4.89
C ASN E 101 3.20 23.61 3.55
N MET E 102 2.94 24.34 2.49
CA MET E 102 2.78 23.68 1.20
C MET E 102 4.06 22.99 0.84
N VAL E 103 5.16 23.60 1.24
CA VAL E 103 6.48 23.10 1.00
C VAL E 103 6.74 21.80 1.74
N GLU E 104 6.06 21.57 2.86
CA GLU E 104 6.27 20.38 3.63
C GLU E 104 5.57 19.27 2.94
N GLN E 105 4.45 19.60 2.31
CA GLN E 105 3.69 18.59 1.63
C GLN E 105 4.42 18.24 0.37
N MET E 106 5.08 19.23 -0.22
CA MET E 106 5.86 19.01 -1.41
C MET E 106 6.99 18.07 -1.07
N HIS E 107 7.71 18.39 0.00
CA HIS E 107 8.86 17.60 0.40
C HIS E 107 8.45 16.19 0.72
N THR E 108 7.42 16.04 1.53
CA THR E 108 7.03 14.73 1.94
C THR E 108 6.56 13.89 0.78
N ASP E 109 5.73 14.44 -0.08
CA ASP E 109 5.23 13.60 -1.14
C ASP E 109 6.30 13.25 -2.14
N ILE E 110 7.24 14.14 -2.40
CA ILE E 110 8.26 13.78 -3.36
C ILE E 110 9.05 12.61 -2.85
N ILE E 111 9.43 12.64 -1.59
CA ILE E 111 10.21 11.55 -1.08
C ILE E 111 9.41 10.28 -1.10
N SER E 112 8.15 10.33 -0.69
CA SER E 112 7.36 9.12 -0.68
C SER E 112 7.21 8.54 -2.06
N LEU E 113 7.03 9.38 -3.07
CA LEU E 113 6.89 8.87 -4.41
C LEU E 113 8.15 8.20 -4.81
N TRP E 114 9.26 8.84 -4.51
CA TRP E 114 10.52 8.28 -4.89
C TRP E 114 10.64 6.87 -4.34
N ASP E 115 10.37 6.71 -3.04
CA ASP E 115 10.53 5.40 -2.43
C ASP E 115 9.62 4.37 -3.05
N GLN E 116 8.40 4.76 -3.42
CA GLN E 116 7.50 3.81 -4.03
C GLN E 116 8.00 3.35 -5.36
N SER E 117 8.70 4.21 -6.05
CA SER E 117 9.22 3.87 -7.35
C SER E 117 10.41 2.92 -7.25
N LEU E 118 11.16 2.99 -6.17
CA LEU E 118 12.28 2.07 -6.04
C LEU E 118 11.88 0.78 -5.36
N LYS E 119 10.82 0.84 -4.58
CA LYS E 119 10.34 -0.30 -3.85
C LYS E 119 10.32 -1.63 -4.62
N PRO E 120 9.77 -1.74 -5.84
CA PRO E 120 9.70 -2.99 -6.59
C PRO E 120 10.92 -3.40 -7.44
N CYS E 121 12.07 -2.66 -7.35
CA CYS E 121 13.24 -2.87 -8.20
C CYS E 121 14.20 -3.89 -7.60
N VAL E 122 15.09 -4.37 -8.44
CA VAL E 122 16.07 -5.40 -8.08
C VAL E 122 17.08 -4.91 -7.06
N LYS E 123 17.29 -5.72 -6.02
CA LYS E 123 18.22 -5.42 -4.95
C LYS E 123 19.62 -5.81 -5.35
N LEU E 124 20.61 -5.11 -4.83
CA LEU E 124 21.98 -5.42 -5.14
C LEU E 124 22.75 -6.07 -4.02
N THR E 125 22.06 -6.60 -3.04
CA THR E 125 22.73 -7.26 -1.93
C THR E 125 23.89 -8.18 -2.34
N PRO E 126 23.76 -9.05 -3.38
CA PRO E 126 24.78 -9.99 -3.81
C PRO E 126 26.08 -9.35 -4.21
N LEU E 127 26.11 -8.04 -4.42
CA LEU E 127 27.31 -7.35 -4.83
C LEU E 127 28.29 -6.99 -3.71
N CYS E 128 27.92 -7.16 -2.42
CA CYS E 128 28.77 -6.80 -1.28
C CYS E 128 29.78 -7.90 -1.00
N VAL E 129 30.75 -7.96 -1.90
CA VAL E 129 31.83 -8.95 -1.90
C VAL E 129 33.16 -8.25 -2.03
N THR E 130 34.24 -8.95 -1.74
CA THR E 130 35.55 -8.36 -1.96
C THR E 130 35.77 -8.18 -3.45
N LEU E 131 36.22 -7.00 -3.84
CA LEU E 131 36.51 -6.70 -5.22
C LEU E 131 38.01 -6.66 -5.40
N GLN E 132 38.51 -7.15 -6.51
CA GLN E 132 39.93 -6.99 -6.78
C GLN E 132 40.03 -5.91 -7.84
N CYS E 133 40.69 -4.76 -7.53
CA CYS E 133 40.73 -3.62 -8.46
C CYS E 133 42.16 -3.17 -8.76
N THR E 134 42.28 -2.63 -9.95
CA THR E 134 43.49 -2.06 -10.48
C THR E 134 43.15 -0.61 -10.83
N ASN E 135 44.16 0.14 -11.29
CA ASN E 135 43.90 1.52 -11.77
C ASN E 135 43.60 1.47 -13.28
N VAL E 136 43.27 2.63 -13.83
CA VAL E 136 43.05 2.84 -15.25
C VAL E 136 44.13 3.80 -15.68
N THR E 137 45.01 3.33 -16.56
CA THR E 137 46.14 4.14 -16.98
C THR E 137 46.18 4.42 -18.47
N ASN E 138 45.46 3.63 -19.25
CA ASN E 138 45.51 3.76 -20.69
C ASN E 138 44.37 4.59 -21.23
N ASN E 139 44.62 5.27 -22.34
CA ASN E 139 43.61 6.05 -23.05
C ASN E 139 42.93 7.05 -22.14
N ILE E 140 43.71 7.64 -21.25
CA ILE E 140 43.17 8.55 -20.27
C ILE E 140 43.99 9.79 -20.19
N THR E 141 43.35 10.93 -19.97
CA THR E 141 44.16 12.11 -19.78
C THR E 141 44.69 12.16 -18.37
N ASP E 142 45.62 13.05 -18.12
CA ASP E 142 46.23 13.12 -16.81
C ASP E 142 45.28 13.51 -15.70
N ASP E 143 44.34 14.35 -16.03
CA ASP E 143 43.38 14.88 -15.08
C ASP E 143 42.43 13.82 -14.57
N MET E 144 42.30 12.75 -15.31
CA MET E 144 41.40 11.67 -14.98
C MET E 144 42.07 10.52 -14.29
N ARG E 145 43.37 10.58 -14.10
CA ARG E 145 44.00 9.41 -13.54
C ARG E 145 43.58 9.22 -12.11
N GLY E 146 43.23 8.00 -11.77
CA GLY E 146 42.82 7.66 -10.42
C GLY E 146 41.31 7.75 -10.22
N GLU E 147 40.58 8.33 -11.20
CA GLU E 147 39.14 8.47 -11.09
C GLU E 147 38.40 7.19 -11.33
N LEU E 148 38.95 6.35 -12.18
CA LEU E 148 38.29 5.12 -12.53
C LEU E 148 39.11 3.93 -12.16
N LYS E 149 38.41 2.86 -11.81
CA LYS E 149 39.06 1.59 -11.53
C LYS E 149 38.41 0.42 -12.23
N ASN E 150 39.26 -0.45 -12.74
CA ASN E 150 38.87 -1.70 -13.39
C ASN E 150 38.85 -2.80 -12.34
N CYS E 151 37.64 -3.26 -11.97
CA CYS E 151 37.41 -4.22 -10.90
C CYS E 151 36.89 -5.54 -11.46
N SER E 152 37.27 -6.59 -10.76
CA SER E 152 36.85 -7.95 -11.07
C SER E 152 36.42 -8.68 -9.84
N PHE E 153 35.26 -9.32 -9.94
CA PHE E 153 34.72 -10.01 -8.78
C PHE E 153 33.81 -11.17 -9.14
N ASN E 154 33.55 -12.05 -8.15
CA ASN E 154 32.61 -13.16 -8.26
C ASN E 154 31.19 -12.66 -8.00
N MET E 155 30.23 -13.21 -8.74
CA MET E 155 28.80 -12.96 -8.67
C MET E 155 28.04 -14.24 -8.87
N THR E 156 26.87 -14.37 -8.27
CA THR E 156 26.10 -15.57 -8.49
C THR E 156 25.37 -15.51 -9.79
N THR E 157 24.90 -16.64 -10.24
CA THR E 157 24.06 -16.77 -11.43
C THR E 157 22.70 -17.12 -10.92
N GLU E 158 21.72 -17.27 -11.80
CA GLU E 158 20.40 -17.61 -11.33
C GLU E 158 20.34 -18.96 -10.60
N LEU E 159 21.35 -19.82 -10.77
CA LEU E 159 21.35 -21.04 -10.01
C LEU E 159 22.22 -20.79 -8.80
N ARG E 160 21.73 -21.28 -7.68
CA ARG E 160 22.35 -21.07 -6.40
C ARG E 160 23.73 -21.65 -6.26
N ASP E 161 24.03 -22.73 -6.94
CA ASP E 161 25.33 -23.32 -6.83
C ASP E 161 26.28 -22.96 -7.96
N LYS E 162 25.95 -21.93 -8.75
CA LYS E 162 26.81 -21.55 -9.85
C LYS E 162 27.18 -20.07 -9.77
N LYS E 163 28.44 -19.77 -10.08
CA LYS E 163 28.97 -18.42 -10.06
C LYS E 163 29.61 -18.02 -11.37
N GLN E 164 29.71 -16.72 -11.57
CA GLN E 164 30.29 -16.09 -12.74
C GLN E 164 31.23 -14.97 -12.34
N LYS E 165 32.20 -14.68 -13.20
CA LYS E 165 33.07 -13.54 -12.93
C LYS E 165 32.53 -12.35 -13.66
N VAL E 166 32.69 -11.20 -13.07
CA VAL E 166 32.25 -9.98 -13.65
C VAL E 166 33.39 -9.00 -13.76
N TYR E 167 33.52 -8.37 -14.91
CA TYR E 167 34.53 -7.35 -15.12
C TYR E 167 33.81 -6.06 -15.39
N SER E 168 34.13 -5.03 -14.63
CA SER E 168 33.46 -3.77 -14.79
C SER E 168 34.28 -2.57 -14.39
N LEU E 169 33.83 -1.41 -14.81
CA LEU E 169 34.52 -0.18 -14.55
C LEU E 169 33.72 0.73 -13.63
N PHE E 170 34.34 1.20 -12.57
CA PHE E 170 33.69 2.05 -11.59
C PHE E 170 34.36 3.37 -11.33
N TYR E 171 33.58 4.32 -10.89
CA TYR E 171 34.11 5.59 -10.45
C TYR E 171 34.60 5.38 -9.03
N ARG E 172 35.69 6.04 -8.67
CA ARG E 172 36.25 5.89 -7.33
C ARG E 172 35.35 6.38 -6.24
N LEU E 173 34.42 7.24 -6.57
CA LEU E 173 33.55 7.80 -5.56
C LEU E 173 32.63 6.75 -4.94
N ASP E 174 32.42 5.66 -5.65
CA ASP E 174 31.53 4.63 -5.19
C ASP E 174 32.27 3.45 -4.55
N VAL E 175 33.60 3.50 -4.53
CA VAL E 175 34.38 2.35 -4.08
C VAL E 175 35.43 2.73 -3.05
N VAL E 176 35.57 1.93 -2.00
CA VAL E 176 36.59 2.23 -1.02
C VAL E 176 37.48 1.04 -0.79
N GLN E 177 38.68 1.31 -0.32
CA GLN E 177 39.63 0.24 -0.07
C GLN E 177 39.35 -0.43 1.24
N ILE E 178 39.50 -1.74 1.25
CA ILE E 178 39.28 -2.52 2.46
C ILE E 178 40.40 -2.46 3.50
N ASN E 179 41.68 -2.61 3.08
CA ASN E 179 42.88 -2.63 3.95
C ASN E 179 42.73 -3.62 5.10
N ASN E 190 47.86 -5.26 -6.77
CA ASN E 190 46.45 -4.96 -6.84
C ASN E 190 45.93 -4.97 -5.40
N LYS E 191 44.82 -4.25 -5.13
CA LYS E 191 44.26 -4.09 -3.78
C LYS E 191 42.81 -4.53 -3.70
N GLU E 192 42.42 -4.87 -2.48
CA GLU E 192 41.07 -5.27 -2.17
C GLU E 192 40.19 -4.09 -1.81
N TYR E 193 39.03 -4.06 -2.44
CA TYR E 193 38.02 -3.02 -2.33
C TYR E 193 36.62 -3.52 -2.09
N ARG E 194 35.79 -2.65 -1.60
CA ARG E 194 34.37 -2.93 -1.42
C ARG E 194 33.54 -1.77 -1.86
N LEU E 195 32.27 -1.99 -2.10
CA LEU E 195 31.44 -0.86 -2.45
C LEU E 195 31.30 0.00 -1.22
N ILE E 196 31.29 1.29 -1.45
CA ILE E 196 31.25 2.27 -0.38
C ILE E 196 30.11 2.15 0.61
N ASN E 197 28.94 1.66 0.22
CA ASN E 197 27.86 1.56 1.20
C ASN E 197 27.51 0.18 1.80
N CYS E 198 28.34 -0.87 1.59
CA CYS E 198 28.03 -2.23 2.08
C CYS E 198 28.22 -2.39 3.58
N ASN E 199 28.76 -1.37 4.20
CA ASN E 199 28.92 -1.37 5.65
C ASN E 199 27.81 -0.58 6.37
N THR E 200 26.89 0.15 5.64
CA THR E 200 25.87 0.99 6.25
C THR E 200 24.45 0.64 5.87
N SER E 201 24.24 0.22 4.63
CA SER E 201 22.86 0.00 4.19
C SER E 201 22.72 -0.85 2.95
N ALA E 202 21.51 -1.29 2.69
CA ALA E 202 21.20 -2.02 1.46
C ALA E 202 21.29 -1.10 0.29
N ILE E 203 21.66 -1.63 -0.87
CA ILE E 203 21.71 -0.83 -2.07
C ILE E 203 20.72 -1.41 -3.06
N THR E 204 19.86 -0.57 -3.65
CA THR E 204 18.85 -1.03 -4.62
C THR E 204 19.07 -0.39 -5.98
N GLN E 205 19.00 -1.18 -7.04
CA GLN E 205 19.16 -0.64 -8.38
C GLN E 205 17.91 0.02 -8.83
N ALA E 206 18.01 1.22 -9.32
CA ALA E 206 16.84 1.88 -9.84
C ALA E 206 16.45 1.16 -11.11
N CYS E 207 15.13 1.02 -11.38
CA CYS E 207 14.60 0.37 -12.58
C CYS E 207 14.92 1.22 -13.83
N PRO E 208 15.53 0.63 -14.86
CA PRO E 208 15.98 1.28 -16.09
C PRO E 208 14.85 1.79 -16.96
N LYS E 209 13.64 1.33 -16.69
CA LYS E 209 12.51 1.72 -17.50
C LYS E 209 11.64 2.75 -16.80
N VAL E 210 12.09 3.26 -15.67
CA VAL E 210 11.31 4.24 -14.96
C VAL E 210 11.90 5.61 -15.14
N SER E 211 11.09 6.52 -15.64
CA SER E 211 11.59 7.87 -15.83
C SER E 211 11.32 8.78 -14.67
N PHE E 212 12.30 9.57 -14.30
CA PHE E 212 12.13 10.52 -13.22
C PHE E 212 12.07 11.94 -13.72
N GLU E 213 11.89 12.12 -15.02
CA GLU E 213 11.87 13.45 -15.58
C GLU E 213 10.87 14.31 -14.83
N PRO E 214 11.26 15.48 -14.31
CA PRO E 214 10.45 16.36 -13.51
C PRO E 214 9.47 17.18 -14.32
N ILE E 215 8.49 16.50 -14.87
CA ILE E 215 7.46 17.18 -15.63
C ILE E 215 6.78 18.10 -14.63
N PRO E 216 6.08 19.16 -15.05
CA PRO E 216 5.39 20.03 -14.14
C PRO E 216 4.20 19.32 -13.57
N ILE E 217 3.91 19.61 -12.32
CA ILE E 217 2.72 19.11 -11.66
C ILE E 217 1.98 20.26 -11.03
N HIS E 218 0.71 20.08 -10.75
CA HIS E 218 -0.08 21.15 -10.15
C HIS E 218 -0.71 20.69 -8.86
N TYR E 219 -0.82 21.58 -7.89
CA TYR E 219 -1.55 21.20 -6.68
C TYR E 219 -2.90 21.82 -6.69
N CYS E 220 -3.93 21.07 -6.22
CA CYS E 220 -5.32 21.49 -6.19
C CYS E 220 -5.91 21.37 -4.79
N ALA E 221 -6.69 22.37 -4.42
CA ALA E 221 -7.33 22.38 -3.12
C ALA E 221 -8.44 21.34 -3.02
N PRO E 222 -8.67 20.74 -1.85
CA PRO E 222 -9.79 19.90 -1.56
C PRO E 222 -11.00 20.78 -1.42
N ALA E 223 -12.17 20.24 -1.64
CA ALA E 223 -13.35 21.05 -1.47
C ALA E 223 -13.42 21.59 -0.06
N GLY E 224 -13.83 22.84 0.06
CA GLY E 224 -13.96 23.51 1.33
C GLY E 224 -12.77 24.43 1.59
N PHE E 225 -11.78 24.32 0.73
CA PHE E 225 -10.56 25.09 0.76
C PHE E 225 -10.30 25.84 -0.52
N ALA E 226 -9.48 26.86 -0.42
CA ALA E 226 -9.11 27.64 -1.59
C ALA E 226 -7.67 28.09 -1.53
N ILE E 227 -7.07 28.33 -2.69
CA ILE E 227 -5.69 28.78 -2.71
C ILE E 227 -5.63 30.25 -3.10
N LEU E 228 -5.01 31.04 -2.26
CA LEU E 228 -4.89 32.44 -2.55
C LEU E 228 -3.52 32.64 -3.15
N LYS E 229 -3.45 33.48 -4.15
CA LYS E 229 -2.18 33.72 -4.82
C LYS E 229 -1.81 35.20 -4.87
N CYS E 230 -0.56 35.52 -4.45
CA CYS E 230 0.01 36.86 -4.48
C CYS E 230 0.72 37.08 -5.80
N LYS E 231 0.29 38.07 -6.53
CA LYS E 231 0.88 38.34 -7.81
C LYS E 231 1.55 39.70 -7.86
N ASP E 232 1.94 40.18 -6.70
CA ASP E 232 2.66 41.43 -6.59
C ASP E 232 4.12 41.16 -6.97
N LYS E 233 4.55 41.75 -8.06
CA LYS E 233 5.88 41.52 -8.61
C LYS E 233 7.00 41.94 -7.68
N LYS E 234 6.69 42.80 -6.71
CA LYS E 234 7.69 43.27 -5.78
C LYS E 234 7.61 42.53 -4.44
N PHE E 235 6.78 41.50 -4.36
CA PHE E 235 6.66 40.81 -3.10
C PHE E 235 7.97 40.09 -2.74
N ASN E 236 8.49 40.34 -1.51
CA ASN E 236 9.77 39.86 -0.99
C ASN E 236 9.70 38.56 -0.15
N GLY E 237 8.54 37.89 -0.11
CA GLY E 237 8.30 36.65 0.63
C GLY E 237 7.48 36.83 1.89
N THR E 238 7.39 38.05 2.44
CA THR E 238 6.54 38.20 3.62
C THR E 238 5.66 39.43 3.60
N GLY E 239 4.60 39.36 4.38
CA GLY E 239 3.77 40.52 4.63
C GLY E 239 2.58 40.63 3.70
N PRO E 240 1.81 41.71 3.82
CA PRO E 240 0.60 42.01 3.09
C PRO E 240 0.88 42.08 1.60
N CYS E 241 -0.09 41.63 0.80
CA CYS E 241 -0.10 41.65 -0.65
C CYS E 241 -1.47 42.14 -1.03
N THR E 242 -1.49 43.18 -1.84
CA THR E 242 -2.74 43.82 -2.26
C THR E 242 -3.28 43.43 -3.65
N ASN E 243 -2.57 42.56 -4.39
CA ASN E 243 -2.95 42.05 -5.69
C ASN E 243 -3.00 40.52 -5.57
N VAL E 244 -4.19 40.04 -5.12
CA VAL E 244 -4.45 38.65 -4.76
C VAL E 244 -5.65 38.08 -5.50
N SER E 245 -5.46 36.91 -6.05
CA SER E 245 -6.53 36.21 -6.74
C SER E 245 -6.73 34.84 -6.15
N THR E 246 -7.90 34.26 -6.34
CA THR E 246 -8.18 32.93 -5.83
C THR E 246 -8.25 31.88 -6.91
N VAL E 247 -7.53 30.79 -6.68
CA VAL E 247 -7.50 29.71 -7.66
C VAL E 247 -7.85 28.37 -7.05
N GLN E 248 -8.24 27.47 -7.93
CA GLN E 248 -8.48 26.09 -7.52
C GLN E 248 -7.19 25.25 -7.48
N CYS E 249 -6.29 25.49 -8.46
CA CYS E 249 -5.04 24.78 -8.66
C CYS E 249 -3.93 25.78 -8.89
N THR E 250 -2.73 25.39 -8.52
CA THR E 250 -1.53 26.17 -8.74
C THR E 250 -1.13 25.98 -10.16
N HIS E 251 -0.19 26.79 -10.61
CA HIS E 251 0.34 26.59 -11.93
C HIS E 251 1.25 25.40 -11.87
N GLY E 252 1.76 24.96 -13.00
CA GLY E 252 2.61 23.80 -12.94
C GLY E 252 3.94 24.18 -12.38
N ILE E 253 4.47 23.31 -11.55
CA ILE E 253 5.79 23.44 -10.97
C ILE E 253 6.59 22.22 -11.28
N LYS E 254 7.77 22.39 -11.81
CA LYS E 254 8.58 21.22 -12.08
C LYS E 254 9.32 20.86 -10.81
N PRO E 255 9.25 19.63 -10.30
CA PRO E 255 9.89 19.16 -9.10
C PRO E 255 11.35 18.89 -9.39
N VAL E 256 12.07 19.95 -9.68
CA VAL E 256 13.46 19.87 -10.03
C VAL E 256 14.27 19.84 -8.76
N VAL E 257 15.21 18.93 -8.73
CA VAL E 257 16.08 18.79 -7.60
C VAL E 257 17.49 19.17 -7.92
N SER E 258 18.04 20.06 -7.11
CA SER E 258 19.40 20.51 -7.30
C SER E 258 20.01 21.07 -6.04
N THR E 259 21.32 21.27 -6.11
CA THR E 259 22.04 21.99 -5.06
C THR E 259 22.77 23.17 -5.68
N GLN E 260 23.06 24.15 -4.83
CA GLN E 260 23.83 25.37 -5.09
C GLN E 260 23.09 26.37 -5.97
N LEU E 261 22.72 25.96 -7.16
CA LEU E 261 21.94 26.81 -8.05
C LEU E 261 20.58 26.24 -8.25
N LEU E 262 19.64 27.10 -8.50
CA LEU E 262 18.27 26.73 -8.74
C LEU E 262 18.05 26.66 -10.23
N LEU E 263 17.70 25.49 -10.71
CA LEU E 263 17.52 25.28 -12.14
C LEU E 263 16.06 25.12 -12.54
N ASN E 264 15.74 25.55 -13.79
CA ASN E 264 14.50 25.37 -14.54
C ASN E 264 13.23 25.82 -13.78
N GLY E 265 13.31 26.93 -13.02
CA GLY E 265 12.19 27.51 -12.27
C GLY E 265 11.65 28.75 -12.95
N SER E 266 10.93 29.54 -12.19
CA SER E 266 10.37 30.77 -12.70
C SER E 266 11.36 31.88 -12.59
N LEU E 267 11.21 32.87 -13.45
CA LEU E 267 12.04 34.06 -13.36
C LEU E 267 11.28 35.17 -12.68
N ALA E 268 12.06 36.05 -12.06
CA ALA E 268 11.60 37.25 -11.39
C ALA E 268 11.09 38.20 -12.44
N GLU E 269 10.20 39.09 -12.06
CA GLU E 269 9.68 40.03 -13.02
C GLU E 269 10.32 41.41 -12.91
N GLU E 270 11.15 41.73 -13.90
CA GLU E 270 11.90 42.97 -14.08
C GLU E 270 12.97 43.34 -13.05
N GLU E 271 13.29 42.47 -12.10
CA GLU E 271 14.38 42.76 -11.18
C GLU E 271 14.90 41.49 -10.53
N VAL E 272 16.10 41.58 -9.96
CA VAL E 272 16.55 40.48 -9.14
C VAL E 272 15.88 40.61 -7.81
N ILE E 273 15.30 39.54 -7.34
CA ILE E 273 14.64 39.61 -6.06
C ILE E 273 15.35 38.72 -5.10
N ILE E 274 15.73 39.28 -3.98
CA ILE E 274 16.39 38.44 -3.02
C ILE E 274 15.47 38.29 -1.83
N ARG E 275 15.12 37.06 -1.53
CA ARG E 275 14.19 36.80 -0.46
C ARG E 275 14.90 36.08 0.69
N SER E 276 14.74 36.59 1.90
CA SER E 276 15.37 35.98 3.07
C SER E 276 14.52 36.08 4.31
N GLU E 277 14.44 34.97 5.05
CA GLU E 277 13.66 34.95 6.28
C GLU E 277 14.12 35.98 7.33
N ASN E 278 15.46 36.12 7.49
CA ASN E 278 16.14 37.00 8.44
C ASN E 278 17.42 37.50 7.75
N ILE E 279 17.36 38.73 7.20
CA ILE E 279 18.39 39.34 6.34
C ILE E 279 19.72 39.53 7.02
N THR E 280 19.66 39.93 8.26
CA THR E 280 20.83 40.23 9.02
C THR E 280 21.39 39.02 9.75
N ASN E 281 20.77 37.87 9.57
CA ASN E 281 21.18 36.65 10.25
C ASN E 281 21.93 35.70 9.31
N ASN E 282 23.22 35.52 9.53
CA ASN E 282 24.03 34.70 8.63
C ASN E 282 23.74 33.21 8.77
N ALA E 283 22.85 32.86 9.68
CA ALA E 283 22.44 31.48 9.87
C ALA E 283 21.36 31.09 8.85
N LYS E 284 20.85 32.06 8.10
CA LYS E 284 19.82 31.79 7.11
C LYS E 284 20.38 31.85 5.73
N ASN E 285 19.84 31.08 4.80
CA ASN E 285 20.34 31.22 3.45
C ASN E 285 19.52 32.29 2.79
N ILE E 286 19.88 32.67 1.59
CA ILE E 286 19.06 33.61 0.87
C ILE E 286 18.72 33.01 -0.47
N LEU E 287 17.55 33.33 -0.97
CA LEU E 287 17.18 32.84 -2.27
C LEU E 287 17.15 33.97 -3.26
N VAL E 288 17.97 33.83 -4.28
CA VAL E 288 18.07 34.86 -5.27
C VAL E 288 17.37 34.44 -6.53
N GLN E 289 16.37 35.21 -6.92
CA GLN E 289 15.62 34.91 -8.12
C GLN E 289 16.01 35.89 -9.20
N LEU E 290 16.41 35.36 -10.32
CA LEU E 290 16.85 36.19 -11.42
C LEU E 290 15.67 36.46 -12.30
N ASN E 291 15.64 37.61 -13.01
CA ASN E 291 14.61 37.95 -14.00
C ASN E 291 15.01 37.57 -15.46
N GLU E 292 16.21 36.98 -15.63
CA GLU E 292 16.78 36.51 -16.88
C GLU E 292 17.39 35.17 -16.57
N SER E 293 17.26 34.22 -17.47
CA SER E 293 17.87 32.93 -17.26
C SER E 293 19.30 32.93 -17.71
N VAL E 294 20.08 32.02 -17.14
CA VAL E 294 21.45 31.83 -17.58
C VAL E 294 21.61 30.44 -18.13
N GLN E 295 22.08 30.34 -19.35
CA GLN E 295 22.19 29.03 -19.95
C GLN E 295 23.44 28.29 -19.55
N ILE E 296 23.25 27.04 -19.16
CA ILE E 296 24.35 26.16 -18.82
C ILE E 296 24.30 24.83 -19.61
N ASN E 297 25.40 24.48 -20.30
CA ASN E 297 25.56 23.28 -21.14
C ASN E 297 26.44 22.23 -20.46
N CYS E 298 25.86 21.09 -20.04
CA CYS E 298 26.54 20.04 -19.28
C CYS E 298 26.69 18.76 -20.07
N THR E 299 27.82 18.09 -19.85
CA THR E 299 28.09 16.83 -20.50
C THR E 299 29.08 15.93 -19.79
N ARG E 300 28.94 14.65 -20.09
CA ARG E 300 29.90 13.64 -19.69
C ARG E 300 30.34 13.03 -21.01
N PRO E 301 31.31 13.64 -21.67
CA PRO E 301 31.63 13.50 -23.07
C PRO E 301 32.09 12.13 -23.54
N ASN E 302 32.52 11.28 -22.64
CA ASN E 302 33.01 10.00 -23.10
C ASN E 302 31.90 9.05 -23.44
N ASN E 303 32.14 8.22 -24.48
CA ASN E 303 31.21 7.19 -24.96
C ASN E 303 31.38 5.93 -24.09
N ASN E 304 30.35 5.07 -24.05
CA ASN E 304 30.26 3.94 -23.12
C ASN E 304 29.71 2.66 -23.68
N THR E 305 29.68 1.67 -22.82
CA THR E 305 29.07 0.39 -23.07
C THR E 305 28.20 0.08 -21.89
N VAL E 306 27.15 -0.66 -22.11
CA VAL E 306 26.35 -1.15 -21.03
C VAL E 306 26.18 -2.63 -21.20
N LYS E 307 26.47 -3.34 -20.15
CA LYS E 307 26.40 -4.77 -20.10
C LYS E 307 25.44 -5.17 -19.02
N SER E 308 24.87 -6.35 -19.13
CA SER E 308 24.02 -6.77 -18.05
C SER E 308 24.10 -8.23 -17.83
N ILE E 309 23.87 -8.61 -16.59
CA ILE E 309 23.85 -9.99 -16.21
C ILE E 309 22.67 -10.37 -15.38
N ARG E 310 22.33 -11.62 -15.43
CA ARG E 310 21.31 -12.11 -14.57
C ARG E 310 21.99 -12.69 -13.35
N ILE E 311 21.55 -12.23 -12.20
CA ILE E 311 22.06 -12.65 -10.92
C ILE E 311 21.15 -13.66 -10.29
N GLY E 312 19.87 -13.41 -10.45
CA GLY E 312 18.84 -14.23 -9.83
C GLY E 312 17.70 -14.50 -10.82
N PRO E 313 16.58 -15.03 -10.38
CA PRO E 313 15.45 -15.44 -11.18
C PRO E 313 14.70 -14.25 -11.73
N GLY E 314 15.22 -13.73 -12.83
CA GLY E 314 14.68 -12.55 -13.48
C GLY E 314 15.25 -11.29 -12.88
N GLN E 315 16.33 -11.45 -12.13
CA GLN E 315 16.95 -10.35 -11.46
C GLN E 315 18.16 -9.89 -12.24
N TRP E 316 18.01 -8.76 -12.92
CA TRP E 316 19.07 -8.24 -13.77
C TRP E 316 19.79 -7.03 -13.23
N PHE E 317 21.09 -7.05 -13.43
CA PHE E 317 21.99 -6.00 -13.05
C PHE E 317 22.70 -5.36 -14.21
N TYR E 318 22.77 -4.03 -14.17
CA TYR E 318 23.41 -3.30 -15.24
C TYR E 318 24.68 -2.61 -14.79
N TYR E 319 25.70 -2.73 -15.64
CA TYR E 319 27.02 -2.19 -15.43
C TYR E 319 27.64 -1.74 -16.72
N THR E 320 28.83 -1.18 -16.62
CA THR E 320 29.53 -0.54 -17.71
C THR E 320 30.33 -1.45 -18.63
N GLY E 321 31.60 -1.58 -18.33
CA GLY E 321 32.50 -2.37 -19.15
C GLY E 321 33.66 -1.51 -19.63
N ASP E 322 33.60 -1.08 -20.89
CA ASP E 322 34.66 -0.25 -21.45
C ASP E 322 34.20 1.15 -21.81
N ILE E 323 35.16 2.05 -21.84
CA ILE E 323 34.92 3.38 -22.39
C ILE E 323 35.34 3.38 -23.82
N ILE E 324 34.52 3.95 -24.65
CA ILE E 324 34.80 4.03 -26.06
C ILE E 324 35.45 5.37 -26.32
N GLY E 325 36.62 5.34 -26.93
CA GLY E 325 37.37 6.56 -27.15
C GLY E 325 38.18 6.77 -25.90
N ASP E 326 38.65 7.97 -25.65
CA ASP E 326 39.50 8.18 -24.50
C ASP E 326 38.69 8.65 -23.30
N ILE E 327 39.38 8.89 -22.19
CA ILE E 327 38.74 9.33 -20.97
C ILE E 327 39.04 10.79 -20.61
N ARG E 328 37.96 11.56 -20.46
CA ARG E 328 37.97 12.99 -20.21
C ARG E 328 37.05 13.33 -19.05
N GLN E 329 37.28 14.47 -18.44
CA GLN E 329 36.45 14.90 -17.33
C GLN E 329 35.12 15.52 -17.77
N ALA E 330 34.06 15.19 -17.02
CA ALA E 330 32.73 15.75 -17.23
C ALA E 330 32.79 17.22 -16.91
N HIS E 331 31.96 18.01 -17.56
CA HIS E 331 32.00 19.44 -17.30
C HIS E 331 30.73 20.19 -17.73
N CYS E 332 30.60 21.47 -17.26
CA CYS E 332 29.52 22.39 -17.65
C CYS E 332 30.07 23.75 -18.13
N ASN E 333 29.48 24.28 -19.20
CA ASN E 333 29.88 25.57 -19.78
C ASN E 333 28.80 26.66 -19.63
N VAL E 334 29.25 27.86 -19.15
CA VAL E 334 28.48 29.11 -19.02
C VAL E 334 29.30 30.27 -19.59
N SER E 335 28.71 31.20 -20.36
CA SER E 335 29.54 32.32 -20.81
C SER E 335 29.94 33.16 -19.62
N LYS E 336 31.16 33.67 -19.55
CA LYS E 336 31.48 34.49 -18.41
C LYS E 336 30.86 35.84 -18.54
N ALA E 337 30.47 36.23 -19.76
CA ALA E 337 29.92 37.55 -19.89
C ALA E 337 28.59 37.61 -19.20
N THR E 338 27.78 36.56 -19.39
CA THR E 338 26.48 36.59 -18.81
C THR E 338 26.61 36.37 -17.33
N TRP E 339 27.58 35.56 -16.93
CA TRP E 339 27.78 35.34 -15.51
C TRP E 339 28.13 36.65 -14.78
N ASN E 340 29.06 37.48 -15.37
CA ASN E 340 29.46 38.76 -14.79
C ASN E 340 28.28 39.75 -14.74
N GLU E 341 27.38 39.75 -15.77
CA GLU E 341 26.19 40.59 -15.81
C GLU E 341 25.22 40.18 -14.73
N THR E 342 25.09 38.87 -14.54
CA THR E 342 24.21 38.33 -13.55
C THR E 342 24.67 38.76 -12.19
N LEU E 343 25.96 38.63 -11.93
CA LEU E 343 26.39 39.03 -10.63
C LEU E 343 26.23 40.50 -10.43
N GLY E 344 26.50 41.32 -11.44
CA GLY E 344 26.36 42.75 -11.18
C GLY E 344 24.93 43.09 -10.76
N LYS E 345 23.95 42.41 -11.35
CA LYS E 345 22.57 42.67 -10.98
C LYS E 345 22.31 42.23 -9.55
N VAL E 346 22.87 41.08 -9.18
CA VAL E 346 22.69 40.55 -7.84
C VAL E 346 23.34 41.40 -6.80
N VAL E 347 24.53 41.87 -7.09
CA VAL E 347 25.30 42.67 -6.17
C VAL E 347 24.61 43.97 -5.89
N LYS E 348 24.09 44.65 -6.90
CA LYS E 348 23.44 45.89 -6.54
C LYS E 348 22.18 45.61 -5.74
N GLN E 349 21.54 44.47 -5.97
CA GLN E 349 20.38 44.14 -5.17
C GLN E 349 20.77 43.85 -3.73
N LEU E 350 21.90 43.17 -3.53
CA LEU E 350 22.35 42.87 -2.18
C LEU E 350 22.64 44.13 -1.41
N ARG E 351 23.23 45.10 -2.10
CA ARG E 351 23.61 46.35 -1.48
C ARG E 351 22.42 47.10 -0.88
N LYS E 352 21.22 46.80 -1.31
CA LYS E 352 20.08 47.51 -0.79
C LYS E 352 19.92 47.26 0.72
N HIS E 353 20.53 46.19 1.22
CA HIS E 353 20.46 45.84 2.62
C HIS E 353 21.75 46.08 3.38
N PHE E 354 22.79 46.53 2.68
CA PHE E 354 24.09 46.70 3.33
C PHE E 354 24.67 48.11 3.19
N GLY E 355 24.24 48.80 2.15
CA GLY E 355 24.77 50.11 1.79
C GLY E 355 25.45 50.00 0.43
N ASN E 356 25.40 51.07 -0.36
CA ASN E 356 26.04 51.05 -1.71
C ASN E 356 27.54 50.76 -1.60
N ASN E 357 28.18 51.31 -0.57
CA ASN E 357 29.63 51.34 -0.41
C ASN E 357 30.13 49.97 0.01
N THR E 358 29.23 48.99 0.08
CA THR E 358 29.63 47.66 0.50
C THR E 358 30.28 46.90 -0.63
N ILE E 359 31.40 46.29 -0.30
CA ILE E 359 32.11 45.48 -1.25
C ILE E 359 31.66 44.08 -1.10
N ILE E 360 31.25 43.51 -2.20
CA ILE E 360 30.74 42.17 -2.19
C ILE E 360 31.63 41.22 -2.91
N ARG E 361 32.08 40.24 -2.18
CA ARG E 361 33.00 39.28 -2.71
C ARG E 361 32.39 37.92 -2.76
N PHE E 362 32.73 37.16 -3.76
CA PHE E 362 32.24 35.83 -3.82
C PHE E 362 33.37 34.89 -3.59
N ALA E 363 33.05 33.77 -2.97
CA ALA E 363 34.02 32.75 -2.69
C ALA E 363 33.35 31.40 -2.77
N ASN E 364 34.13 30.31 -2.75
CA ASN E 364 33.65 28.93 -2.85
C ASN E 364 33.13 28.41 -1.49
N SER E 365 32.64 27.16 -1.50
CA SER E 365 32.03 26.42 -0.41
C SER E 365 33.01 26.20 0.74
N SER E 366 32.47 26.10 1.97
CA SER E 366 33.30 25.90 3.15
C SER E 366 33.86 24.50 3.35
N GLY E 367 33.20 23.50 2.79
CA GLY E 367 33.66 22.12 2.94
C GLY E 367 32.54 21.18 3.33
N GLY E 368 32.75 19.88 3.07
CA GLY E 368 31.75 18.86 3.33
C GLY E 368 31.75 17.86 2.18
N ASP E 369 30.71 17.03 2.12
CA ASP E 369 30.64 16.02 1.08
C ASP E 369 30.18 16.64 -0.23
N LEU E 370 30.06 15.86 -1.29
CA LEU E 370 29.71 16.44 -2.56
C LEU E 370 28.34 17.10 -2.56
N GLU E 371 27.41 16.57 -1.80
CA GLU E 371 26.07 17.15 -1.76
C GLU E 371 26.01 18.36 -0.85
N VAL E 372 27.13 18.68 -0.24
CA VAL E 372 27.24 19.81 0.63
C VAL E 372 27.95 20.93 -0.09
N THR E 373 29.03 20.61 -0.80
CA THR E 373 29.86 21.62 -1.42
C THR E 373 29.73 21.84 -2.91
N THR E 374 29.21 20.89 -3.69
CA THR E 374 29.19 21.10 -5.12
C THR E 374 27.79 21.28 -5.62
N HIS E 375 27.71 21.72 -6.86
CA HIS E 375 26.46 21.86 -7.56
C HIS E 375 26.06 20.46 -7.88
N SER E 376 24.78 20.17 -7.78
CA SER E 376 24.37 18.79 -8.03
C SER E 376 23.09 18.70 -8.77
N PHE E 377 23.09 17.85 -9.77
CA PHE E 377 21.92 17.66 -10.60
C PHE E 377 21.89 16.36 -11.36
N ASN E 378 20.69 16.01 -11.78
CA ASN E 378 20.49 14.90 -12.67
C ASN E 378 20.41 15.40 -14.12
N CYS E 379 21.28 14.89 -15.01
CA CYS E 379 21.38 15.25 -16.42
C CYS E 379 21.21 14.00 -17.26
N GLY E 380 20.03 13.85 -17.82
CA GLY E 380 19.79 12.70 -18.67
C GLY E 380 19.76 11.40 -17.90
N GLY E 381 19.47 11.43 -16.60
CA GLY E 381 19.50 10.25 -15.81
C GLY E 381 20.83 10.08 -15.07
N GLU E 382 21.85 10.83 -15.44
CA GLU E 382 23.12 10.71 -14.75
C GLU E 382 23.27 11.69 -13.60
N PHE E 383 24.06 11.35 -12.60
CA PHE E 383 24.29 12.25 -11.46
C PHE E 383 25.63 12.95 -11.44
N PHE E 384 25.56 14.26 -11.60
CA PHE E 384 26.69 15.16 -11.69
C PHE E 384 26.93 15.99 -10.46
N TYR E 385 28.21 16.13 -10.14
CA TYR E 385 28.71 16.97 -9.07
C TYR E 385 29.71 17.98 -9.63
N CYS E 386 29.37 19.28 -9.65
CA CYS E 386 30.20 20.28 -10.35
C CYS E 386 30.81 21.30 -9.39
N ASN E 387 32.08 21.55 -9.64
CA ASN E 387 32.92 22.47 -8.88
C ASN E 387 32.76 23.89 -9.42
N THR E 388 32.09 24.75 -8.62
CA THR E 388 31.74 26.13 -8.93
C THR E 388 32.71 27.10 -8.31
N SER E 389 33.84 26.62 -7.77
CA SER E 389 34.75 27.56 -7.13
C SER E 389 35.31 28.58 -8.08
N GLY E 390 35.38 28.26 -9.37
CA GLY E 390 35.91 29.21 -10.33
C GLY E 390 34.81 30.10 -10.86
N LEU E 391 33.60 29.88 -10.40
CA LEU E 391 32.46 30.64 -10.84
C LEU E 391 32.30 31.76 -9.82
N PHE E 392 32.35 31.37 -8.56
CA PHE E 392 32.26 32.33 -7.46
C PHE E 392 33.63 32.82 -7.02
N ASN E 393 34.31 33.58 -7.91
CA ASN E 393 35.68 34.08 -7.73
C ASN E 393 35.84 35.62 -7.84
N SER E 394 34.75 36.42 -8.10
CA SER E 394 34.85 37.88 -8.29
C SER E 394 34.68 38.73 -7.03
N THR E 395 35.12 39.99 -7.13
CA THR E 395 34.91 40.99 -6.07
C THR E 395 34.32 42.23 -6.72
N TRP E 396 33.22 42.70 -6.16
CA TRP E 396 32.53 43.85 -6.69
C TRP E 396 32.70 45.09 -5.86
N ILE E 397 33.35 46.08 -6.45
CA ILE E 397 33.66 47.32 -5.77
C ILE E 397 33.03 48.51 -6.50
N SER E 398 32.26 49.36 -5.76
CA SER E 398 31.57 50.54 -6.26
C SER E 398 32.56 51.58 -6.80
N ASN E 411 33.14 34.54 -26.95
CA ASN E 411 32.22 33.77 -26.10
C ASN E 411 32.70 33.80 -24.65
N ASP E 412 34.02 33.76 -24.50
CA ASP E 412 34.66 33.87 -23.20
C ASP E 412 34.02 32.96 -22.17
N SER E 413 33.87 31.68 -22.45
CA SER E 413 33.21 30.79 -21.51
C SER E 413 34.05 30.29 -20.36
N ILE E 414 33.35 29.83 -19.33
CA ILE E 414 33.93 29.16 -18.18
C ILE E 414 33.49 27.73 -18.13
N THR E 415 34.46 26.85 -17.96
CA THR E 415 34.17 25.43 -17.86
C THR E 415 34.35 24.99 -16.43
N LEU E 416 33.32 24.38 -15.88
CA LEU E 416 33.38 23.87 -14.53
C LEU E 416 33.60 22.38 -14.65
N PRO E 417 34.59 21.79 -13.99
CA PRO E 417 34.83 20.37 -14.01
C PRO E 417 33.75 19.75 -13.16
N CYS E 418 33.33 18.52 -13.51
CA CYS E 418 32.31 17.75 -12.82
C CYS E 418 32.74 16.30 -12.60
N ARG E 419 32.23 15.70 -11.53
CA ARG E 419 32.41 14.31 -11.22
C ARG E 419 31.11 13.56 -11.36
N ILE E 420 31.21 12.28 -11.64
CA ILE E 420 30.06 11.41 -11.79
C ILE E 420 30.04 10.36 -10.69
N LYS E 421 28.88 10.15 -10.08
CA LYS E 421 28.78 9.13 -9.01
C LYS E 421 27.54 8.27 -9.22
N GLN E 422 27.64 6.94 -9.02
CA GLN E 422 26.49 6.05 -9.18
C GLN E 422 25.73 5.67 -7.92
N ILE E 423 26.34 5.76 -6.74
CA ILE E 423 25.59 5.38 -5.56
C ILE E 423 25.16 6.63 -4.86
N ILE E 424 23.87 6.84 -4.81
CA ILE E 424 23.34 8.09 -4.35
C ILE E 424 22.62 8.02 -3.00
N ASN E 425 23.04 8.89 -2.12
CA ASN E 425 22.42 9.04 -0.81
C ASN E 425 21.41 10.17 -0.90
N MET E 426 20.16 9.86 -1.17
CA MET E 426 19.22 10.94 -1.40
C MET E 426 18.62 11.50 -0.14
N TRP E 427 18.19 12.75 -0.25
CA TRP E 427 17.41 13.47 0.75
C TRP E 427 18.13 13.65 2.06
N GLN E 428 19.44 13.44 2.03
CA GLN E 428 20.29 13.51 3.20
C GLN E 428 19.76 12.54 4.24
N ARG E 429 19.22 11.43 3.78
CA ARG E 429 18.66 10.44 4.65
C ARG E 429 19.44 9.17 4.61
N ILE E 430 20.19 8.91 5.66
CA ILE E 430 20.99 7.72 5.63
C ILE E 430 20.04 6.56 5.76
N GLY E 431 20.17 5.63 4.84
CA GLY E 431 19.31 4.49 4.75
C GLY E 431 19.69 3.81 3.47
N GLN E 432 18.76 3.11 2.88
CA GLN E 432 19.06 2.38 1.67
C GLN E 432 19.58 3.34 0.61
N ALA E 433 20.60 2.91 -0.09
CA ALA E 433 21.20 3.73 -1.13
C ALA E 433 20.61 3.39 -2.46
N MET E 434 20.60 4.37 -3.35
CA MET E 434 20.13 4.10 -4.68
C MET E 434 21.28 3.89 -5.62
N TYR E 435 21.18 2.90 -6.47
CA TYR E 435 22.20 2.71 -7.47
C TYR E 435 21.69 3.06 -8.83
N ALA E 436 22.44 3.92 -9.48
CA ALA E 436 22.10 4.35 -10.80
C ALA E 436 22.86 3.52 -11.81
N PRO E 437 22.20 2.72 -12.64
CA PRO E 437 22.83 1.88 -13.61
C PRO E 437 23.36 2.86 -14.61
N PRO E 438 24.38 2.51 -15.38
CA PRO E 438 24.98 3.34 -16.38
C PRO E 438 24.11 3.53 -17.58
N ILE E 439 24.34 4.62 -18.26
CA ILE E 439 23.61 4.98 -19.43
C ILE E 439 24.45 4.83 -20.67
N GLN E 440 23.90 4.12 -21.65
CA GLN E 440 24.57 3.88 -22.91
C GLN E 440 24.66 5.14 -23.74
N GLY E 441 25.85 5.43 -24.26
CA GLY E 441 26.07 6.60 -25.11
C GLY E 441 26.67 7.74 -24.32
N VAL E 442 26.48 8.96 -24.83
CA VAL E 442 27.08 10.16 -24.28
C VAL E 442 25.98 11.11 -23.89
N ILE E 443 26.04 11.60 -22.68
CA ILE E 443 25.05 12.51 -22.19
C ILE E 443 25.42 13.96 -22.28
N ARG E 444 24.49 14.69 -22.84
CA ARG E 444 24.54 16.12 -22.97
C ARG E 444 23.16 16.66 -22.65
N CYS E 445 23.06 17.78 -21.90
CA CYS E 445 21.81 18.47 -21.61
C CYS E 445 22.07 19.95 -21.47
N VAL E 446 21.02 20.71 -21.65
CA VAL E 446 21.10 22.14 -21.47
C VAL E 446 20.04 22.60 -20.52
N SER E 447 20.45 23.31 -19.50
CA SER E 447 19.52 23.79 -18.49
C SER E 447 19.57 25.30 -18.35
N ASN E 448 18.52 25.87 -17.73
CA ASN E 448 18.42 27.29 -17.39
C ASN E 448 18.60 27.49 -15.89
N ILE E 449 19.50 28.39 -15.50
CA ILE E 449 19.71 28.76 -14.11
C ILE E 449 18.75 29.89 -13.88
N THR E 450 17.86 29.71 -12.93
CA THR E 450 16.83 30.69 -12.67
C THR E 450 17.05 31.36 -11.32
N GLY E 451 17.97 30.80 -10.53
CA GLY E 451 18.25 31.39 -9.24
C GLY E 451 19.45 30.78 -8.55
N LEU E 452 19.75 31.31 -7.39
CA LEU E 452 20.88 30.90 -6.60
C LEU E 452 20.56 30.70 -5.12
N ILE E 453 21.28 29.80 -4.45
CA ILE E 453 21.16 29.74 -3.01
C ILE E 453 22.48 30.22 -2.44
N LEU E 454 22.46 31.28 -1.67
CA LEU E 454 23.69 31.83 -1.09
C LEU E 454 23.62 32.07 0.38
N THR E 455 24.79 32.18 1.01
CA THR E 455 24.83 32.55 2.40
C THR E 455 25.85 33.66 2.64
N ARG E 456 25.68 34.34 3.76
CA ARG E 456 26.62 35.35 4.24
C ARG E 456 27.62 34.65 5.12
N ASP E 457 28.82 35.19 5.28
CA ASP E 457 29.68 34.54 6.24
C ASP E 457 29.28 34.96 7.64
N GLY E 458 28.98 36.26 7.75
CA GLY E 458 28.68 36.89 9.01
C GLY E 458 29.98 36.96 9.78
N GLY E 459 29.92 37.28 11.07
CA GLY E 459 31.15 37.34 11.86
C GLY E 459 32.03 38.51 11.46
N SER E 460 31.41 39.57 10.97
CA SER E 460 32.16 40.70 10.49
C SER E 460 32.61 41.60 11.62
N THR E 461 33.47 42.53 11.26
CA THR E 461 34.03 43.54 12.12
C THR E 461 33.57 44.89 11.60
N ASN E 462 32.46 44.88 10.85
CA ASN E 462 31.91 46.06 10.20
C ASN E 462 32.92 46.72 9.25
N SER E 463 33.62 45.87 8.51
CA SER E 463 34.65 46.26 7.54
C SER E 463 34.10 46.87 6.26
N THR E 464 32.78 46.74 6.06
CA THR E 464 32.07 47.22 4.87
C THR E 464 32.33 46.30 3.67
N THR E 465 33.08 45.22 3.90
CA THR E 465 33.32 44.22 2.89
C THR E 465 32.88 42.85 3.40
N GLU E 466 32.11 42.13 2.60
CA GLU E 466 31.69 40.80 3.02
C GLU E 466 31.71 39.80 1.89
N THR E 467 32.16 38.61 2.23
CA THR E 467 32.20 37.51 1.31
C THR E 467 30.98 36.63 1.45
N PHE E 468 30.40 36.32 0.31
CA PHE E 468 29.25 35.47 0.17
C PHE E 468 29.68 34.14 -0.38
N ARG E 469 29.01 33.12 0.09
CA ARG E 469 29.32 31.77 -0.30
C ARG E 469 28.12 31.15 -0.95
N PRO E 470 28.30 30.22 -1.87
CA PRO E 470 27.27 29.37 -2.35
C PRO E 470 26.74 28.68 -1.12
N GLY E 471 25.45 28.47 -1.09
CA GLY E 471 24.80 27.84 0.03
C GLY E 471 24.48 26.40 -0.25
N GLY E 472 23.19 26.10 -0.26
CA GLY E 472 22.70 24.76 -0.45
C GLY E 472 22.39 24.21 0.92
N GLY E 473 21.89 22.99 1.00
CA GLY E 473 21.50 22.42 2.27
C GLY E 473 20.15 21.76 2.16
N ASP E 474 19.14 22.38 2.75
CA ASP E 474 17.81 21.82 2.68
C ASP E 474 17.27 21.90 1.26
N MET E 475 16.40 20.97 0.94
CA MET E 475 15.76 20.86 -0.36
C MET E 475 14.44 21.59 -0.39
N ARG E 476 13.92 21.90 0.78
CA ARG E 476 12.63 22.57 0.85
C ARG E 476 12.69 23.92 0.14
N ASP E 477 13.84 24.54 0.23
CA ASP E 477 14.10 25.85 -0.34
C ASP E 477 13.94 25.86 -1.86
N ASN E 478 14.10 24.70 -2.47
CA ASN E 478 13.99 24.61 -3.91
C ASN E 478 12.58 24.78 -4.35
N TRP E 479 11.64 24.57 -3.45
CA TRP E 479 10.26 24.66 -3.81
C TRP E 479 9.67 25.92 -3.22
N ARG E 480 10.30 26.45 -2.16
CA ARG E 480 9.80 27.69 -1.56
C ARG E 480 9.84 28.76 -2.61
N SER E 481 10.85 28.68 -3.48
CA SER E 481 11.07 29.64 -4.54
C SER E 481 9.95 29.69 -5.58
N GLU E 482 9.10 28.68 -5.61
CA GLU E 482 7.97 28.66 -6.52
C GLU E 482 6.67 28.83 -5.74
N LEU E 483 6.65 28.30 -4.51
CA LEU E 483 5.48 28.27 -3.67
C LEU E 483 5.24 29.49 -2.83
N TYR E 484 6.17 30.42 -2.81
CA TYR E 484 6.05 31.63 -2.00
C TYR E 484 4.81 32.44 -2.31
N LYS E 485 4.31 32.31 -3.52
CA LYS E 485 3.15 33.05 -3.95
C LYS E 485 1.83 32.47 -3.46
N TYR E 486 1.83 31.24 -2.96
CA TYR E 486 0.56 30.62 -2.61
C TYR E 486 0.30 30.48 -1.11
N LYS E 487 -0.98 30.61 -0.76
CA LYS E 487 -1.49 30.43 0.59
C LYS E 487 -2.76 29.57 0.62
N VAL E 488 -2.88 28.66 1.58
CA VAL E 488 -4.09 27.84 1.65
C VAL E 488 -4.99 28.20 2.81
N VAL E 489 -6.26 28.44 2.49
CA VAL E 489 -7.19 28.79 3.54
C VAL E 489 -8.46 27.95 3.55
N LYS E 490 -9.06 27.88 4.73
CA LYS E 490 -10.31 27.18 4.96
C LYS E 490 -11.46 28.12 4.84
N ILE E 491 -12.48 27.72 4.14
CA ILE E 491 -13.66 28.55 4.00
C ILE E 491 -14.58 28.34 5.18
N GLU E 492 -15.03 29.45 5.79
CA GLU E 492 -15.92 29.39 6.94
C GLU E 492 -17.21 30.17 6.67
N PRO E 493 -18.22 29.56 6.05
CA PRO E 493 -19.43 30.17 5.52
C PRO E 493 -20.43 30.65 6.55
N LEU E 494 -20.27 30.30 7.80
CA LEU E 494 -21.30 30.70 8.75
C LEU E 494 -20.89 31.89 9.59
N GLY E 495 -21.81 32.84 9.75
CA GLY E 495 -21.55 33.98 10.62
C GLY E 495 -22.81 34.79 10.90
N VAL E 496 -22.68 35.80 11.76
CA VAL E 496 -23.82 36.61 12.14
C VAL E 496 -23.54 38.08 11.98
N ALA E 497 -24.59 38.87 11.96
CA ALA E 497 -24.53 40.32 11.90
C ALA E 497 -25.86 40.92 12.42
N PRO E 498 -25.90 42.18 12.89
CA PRO E 498 -27.08 42.90 13.31
C PRO E 498 -27.96 43.35 12.17
N THR E 499 -29.25 43.48 12.46
CA THR E 499 -30.20 44.09 11.53
C THR E 499 -31.48 44.52 12.22
N ARG E 500 -32.21 45.44 11.61
CA ARG E 500 -33.52 45.78 12.18
C ARG E 500 -34.61 44.81 11.70
N CYS E 501 -34.52 43.54 12.16
CA CYS E 501 -35.42 42.44 11.83
C CYS E 501 -35.55 41.45 12.99
N LYS E 502 -36.66 41.55 13.68
CA LYS E 502 -36.95 40.67 14.78
C LYS E 502 -37.62 39.44 14.20
N ARG E 503 -37.26 38.25 14.64
CA ARG E 503 -37.99 37.09 14.15
C ARG E 503 -39.45 37.19 14.54
N ARG E 504 -40.33 36.88 13.59
CA ARG E 504 -41.75 36.87 13.91
C ARG E 504 -42.02 35.61 14.69
N VAL E 505 -42.71 35.72 15.81
CA VAL E 505 -43.01 34.54 16.60
C VAL E 505 -44.51 34.26 16.57
N VAL E 506 -44.88 33.03 16.12
CA VAL E 506 -46.26 32.58 15.96
C VAL E 506 -46.38 31.24 16.69
N LEU F 520 -20.94 37.20 -10.41
CA LEU F 520 -19.69 37.70 -9.85
C LEU F 520 -18.62 36.59 -9.79
N GLY F 521 -18.93 35.48 -9.07
CA GLY F 521 -18.05 34.31 -8.89
C GLY F 521 -17.80 33.99 -7.42
N PHE F 522 -17.37 32.77 -7.17
CA PHE F 522 -17.12 32.27 -5.83
C PHE F 522 -16.02 33.05 -5.16
N LEU F 523 -16.32 33.54 -3.97
CA LEU F 523 -15.46 34.37 -3.15
C LEU F 523 -15.09 35.68 -3.81
N GLY F 524 -15.78 36.05 -4.88
CA GLY F 524 -15.50 37.31 -5.56
C GLY F 524 -16.03 38.46 -4.75
N ALA F 525 -16.88 38.12 -3.80
CA ALA F 525 -17.51 39.04 -2.90
C ALA F 525 -16.69 39.26 -1.66
N ALA F 526 -15.54 38.61 -1.54
CA ALA F 526 -14.78 38.72 -0.31
C ALA F 526 -14.41 40.15 0.06
N GLY F 527 -14.13 41.00 -0.92
CA GLY F 527 -13.76 42.38 -0.60
C GLY F 527 -14.95 43.34 -0.65
N SER F 528 -16.12 42.80 -0.89
CA SER F 528 -17.32 43.58 -1.03
C SER F 528 -17.86 43.88 0.34
N THR F 529 -18.74 44.86 0.42
CA THR F 529 -19.30 45.17 1.71
C THR F 529 -20.23 44.06 2.09
N MET F 530 -20.57 44.02 3.35
CA MET F 530 -21.42 42.98 3.86
C MET F 530 -22.75 42.95 3.16
N GLY F 531 -23.29 44.14 2.90
CA GLY F 531 -24.55 44.26 2.21
C GLY F 531 -24.42 43.74 0.80
N ALA F 532 -23.41 44.21 0.09
CA ALA F 532 -23.23 43.82 -1.29
C ALA F 532 -23.07 42.31 -1.47
N ALA F 533 -22.44 41.69 -0.51
CA ALA F 533 -22.17 40.26 -0.54
C ALA F 533 -23.37 39.41 -0.14
N SER F 534 -24.46 40.01 0.34
CA SER F 534 -25.58 39.22 0.83
C SER F 534 -26.29 38.47 -0.27
N MET F 535 -26.09 38.88 -1.50
CA MET F 535 -26.76 38.25 -2.63
C MET F 535 -25.91 37.22 -3.34
N THR F 536 -24.74 36.86 -2.79
CA THR F 536 -23.87 35.89 -3.44
C THR F 536 -23.82 34.59 -2.63
N LEU F 537 -24.70 34.47 -1.67
CA LEU F 537 -24.66 33.35 -0.78
C LEU F 537 -24.89 31.98 -1.45
N THR F 538 -25.66 31.92 -2.55
CA THR F 538 -25.94 30.60 -3.14
C THR F 538 -24.70 29.96 -3.74
N VAL F 539 -23.80 30.74 -4.33
CA VAL F 539 -22.62 30.14 -4.90
C VAL F 539 -21.72 29.74 -3.79
N GLN F 540 -21.70 30.55 -2.73
CA GLN F 540 -20.81 30.24 -1.66
C GLN F 540 -21.19 28.94 -1.00
N ALA F 541 -22.49 28.70 -0.86
CA ALA F 541 -22.95 27.48 -0.25
C ALA F 541 -22.83 26.28 -1.19
N ARG F 542 -23.13 26.46 -2.47
CA ARG F 542 -23.10 25.32 -3.36
C ARG F 542 -21.73 24.72 -3.49
N ASN F 543 -20.71 25.55 -3.50
CA ASN F 543 -19.39 25.03 -3.74
C ASN F 543 -18.77 24.33 -2.56
N LEU F 544 -19.48 24.28 -1.44
CA LEU F 544 -18.95 23.58 -0.29
C LEU F 544 -18.98 22.09 -0.57
N LEU F 545 -19.83 21.68 -1.53
CA LEU F 545 -19.97 20.30 -1.93
C LEU F 545 -19.58 20.17 -3.40
N SER F 546 -18.55 20.90 -3.82
CA SER F 546 -18.07 20.83 -5.20
C SER F 546 -17.27 19.57 -5.49
N GLY F 547 -16.85 18.87 -4.42
CA GLY F 547 -15.97 17.68 -4.47
C GLY F 547 -16.71 16.42 -4.85
N ILE F 548 -17.45 16.54 -5.92
CA ILE F 548 -18.26 15.51 -6.51
C ILE F 548 -17.64 15.07 -7.81
N VAL F 549 -17.19 16.05 -8.58
CA VAL F 549 -16.65 15.74 -9.90
C VAL F 549 -15.22 15.18 -9.87
N GLN F 550 -14.32 15.82 -9.09
CA GLN F 550 -12.90 15.50 -8.86
C GLN F 550 -12.22 14.82 -10.06
N THR F 569 -2.50 2.74 -2.42
CA THR F 569 -1.50 3.03 -1.39
C THR F 569 -2.11 3.93 -0.33
N HIS F 570 -1.29 4.34 0.64
CA HIS F 570 -1.75 5.18 1.73
C HIS F 570 -2.16 6.55 1.21
N TRP F 571 -1.80 6.84 -0.03
CA TRP F 571 -2.19 8.06 -0.68
C TRP F 571 -3.70 8.09 -0.75
N GLY F 572 -4.29 6.95 -1.10
CA GLY F 572 -5.72 6.86 -1.23
C GLY F 572 -6.33 7.11 0.12
N ILE F 573 -5.66 6.65 1.17
CA ILE F 573 -6.16 6.86 2.52
C ILE F 573 -6.15 8.34 2.86
N LYS F 574 -5.06 9.04 2.50
CA LYS F 574 -5.00 10.46 2.78
C LYS F 574 -6.15 11.20 2.11
N GLN F 575 -6.47 10.85 0.87
CA GLN F 575 -7.54 11.57 0.23
C GLN F 575 -8.90 11.14 0.77
N LEU F 576 -9.00 9.89 1.22
CA LEU F 576 -10.25 9.41 1.75
C LEU F 576 -10.57 10.19 3.01
N GLN F 577 -9.55 10.42 3.85
CA GLN F 577 -9.81 11.22 5.03
C GLN F 577 -10.22 12.61 4.67
N ALA F 578 -9.60 13.20 3.65
CA ALA F 578 -9.96 14.55 3.31
C ALA F 578 -11.44 14.64 2.95
N ARG F 579 -11.95 13.64 2.25
CA ARG F 579 -13.35 13.65 1.89
C ARG F 579 -14.21 13.55 3.14
N VAL F 580 -13.78 12.73 4.10
CA VAL F 580 -14.54 12.56 5.32
C VAL F 580 -14.61 13.86 6.08
N LEU F 581 -13.50 14.57 6.15
CA LEU F 581 -13.50 15.83 6.87
C LEU F 581 -14.43 16.81 6.22
N ALA F 582 -14.45 16.87 4.90
CA ALA F 582 -15.33 17.82 4.28
C ALA F 582 -16.77 17.56 4.70
N VAL F 583 -17.13 16.28 4.80
CA VAL F 583 -18.47 15.94 5.21
C VAL F 583 -18.72 16.36 6.63
N GLU F 584 -17.76 16.09 7.51
CA GLU F 584 -17.93 16.43 8.91
C GLU F 584 -18.11 17.92 9.10
N HIS F 585 -17.40 18.74 8.35
CA HIS F 585 -17.58 20.16 8.52
C HIS F 585 -18.93 20.58 8.00
N TYR F 586 -19.35 20.04 6.88
CA TYR F 586 -20.63 20.41 6.38
C TYR F 586 -21.71 20.10 7.38
N LEU F 587 -21.66 18.90 7.91
CA LEU F 587 -22.69 18.51 8.83
C LEU F 587 -22.68 19.29 10.12
N ARG F 588 -21.52 19.68 10.67
CA ARG F 588 -21.65 20.41 11.93
C ARG F 588 -22.35 21.73 11.70
N ASP F 589 -22.16 22.34 10.54
CA ASP F 589 -22.84 23.60 10.34
C ASP F 589 -24.30 23.38 10.11
N GLN F 590 -24.65 22.32 9.41
CA GLN F 590 -26.05 22.10 9.17
C GLN F 590 -26.78 21.75 10.44
N GLN F 591 -26.13 21.01 11.33
CA GLN F 591 -26.80 20.66 12.56
C GLN F 591 -27.06 21.91 13.35
N LEU F 592 -26.09 22.81 13.39
CA LEU F 592 -26.25 23.99 14.17
C LEU F 592 -27.35 24.89 13.66
N LEU F 593 -27.47 25.01 12.34
CA LEU F 593 -28.56 25.81 11.82
C LEU F 593 -29.87 25.16 12.20
N GLY F 594 -29.92 23.84 12.18
CA GLY F 594 -31.14 23.17 12.58
C GLY F 594 -31.47 23.48 14.04
N ILE F 595 -30.45 23.49 14.90
CA ILE F 595 -30.63 23.76 16.31
C ILE F 595 -31.21 25.13 16.52
N TRP F 596 -30.75 26.07 15.76
CA TRP F 596 -31.21 27.44 15.85
C TRP F 596 -32.52 27.73 15.10
N GLY F 597 -33.08 26.72 14.44
CA GLY F 597 -34.31 26.88 13.66
C GLY F 597 -34.16 27.59 12.30
N CYS F 598 -32.95 27.51 11.69
CA CYS F 598 -32.58 28.16 10.43
C CYS F 598 -32.23 27.12 9.37
N SER F 599 -32.78 25.93 9.49
CA SER F 599 -32.45 24.87 8.54
C SER F 599 -32.89 25.17 7.11
N GLY F 600 -33.94 25.96 6.95
CA GLY F 600 -34.43 26.30 5.62
C GLY F 600 -33.94 27.65 5.12
N LYS F 601 -33.00 28.28 5.81
CA LYS F 601 -32.63 29.62 5.41
C LYS F 601 -31.17 29.95 5.24
N LEU F 602 -30.85 30.69 4.18
CA LEU F 602 -29.50 31.23 4.06
C LEU F 602 -29.41 32.42 4.98
N ILE F 603 -30.51 33.15 5.09
CA ILE F 603 -30.56 34.29 5.99
C ILE F 603 -31.79 34.17 6.89
N CYS F 604 -31.61 34.16 8.24
CA CYS F 604 -32.73 34.06 9.19
C CYS F 604 -32.62 35.06 10.32
N CYS F 605 -33.76 35.63 10.65
CA CYS F 605 -33.86 36.56 11.74
C CYS F 605 -34.12 35.69 12.96
N THR F 606 -33.58 36.08 14.11
CA THR F 606 -33.79 35.33 15.33
C THR F 606 -34.36 36.25 16.40
N ASN F 607 -34.60 35.71 17.59
CA ASN F 607 -35.11 36.51 18.68
C ASN F 607 -34.07 36.82 19.73
N VAL F 608 -32.81 36.70 19.36
CA VAL F 608 -31.78 37.13 20.25
C VAL F 608 -31.47 38.55 19.78
N PRO F 609 -31.54 39.57 20.65
CA PRO F 609 -31.29 40.95 20.32
C PRO F 609 -29.82 41.08 20.08
N TRP F 610 -29.44 42.05 19.28
CA TRP F 610 -28.04 42.25 19.08
C TRP F 610 -27.54 43.03 20.30
N ASN F 611 -26.40 42.63 20.86
CA ASN F 611 -25.74 43.28 22.00
C ASN F 611 -24.73 44.33 21.51
N SER F 612 -25.01 45.62 21.79
CA SER F 612 -24.20 46.77 21.38
C SER F 612 -22.86 46.81 22.10
N SER F 613 -22.75 46.03 23.18
CA SER F 613 -21.49 46.01 23.91
C SER F 613 -20.45 45.24 23.12
N TRP F 614 -20.87 44.41 22.16
CA TRP F 614 -19.90 43.63 21.41
C TRP F 614 -19.17 44.52 20.43
N SER F 615 -19.96 45.35 19.76
CA SER F 615 -19.52 46.32 18.77
C SER F 615 -20.49 47.48 18.75
N ASN F 616 -20.14 48.57 19.41
CA ASN F 616 -21.10 49.66 19.51
C ASN F 616 -20.98 50.59 18.31
N ARG F 617 -21.45 50.09 17.18
CA ARG F 617 -21.35 50.80 15.91
C ARG F 617 -22.71 50.78 15.24
N ASN F 618 -23.01 51.76 14.34
CA ASN F 618 -24.29 51.80 13.63
C ASN F 618 -24.33 50.76 12.50
N LEU F 619 -25.58 50.34 12.20
CA LEU F 619 -25.96 49.40 11.18
C LEU F 619 -25.53 49.88 9.81
N SER F 620 -25.56 51.20 9.60
CA SER F 620 -25.18 51.74 8.32
C SER F 620 -23.70 51.47 8.04
N GLU F 621 -22.81 51.61 9.04
CA GLU F 621 -21.41 51.32 8.79
C GLU F 621 -21.23 49.84 8.55
N ILE F 622 -21.93 49.06 9.35
CA ILE F 622 -21.77 47.63 9.29
C ILE F 622 -22.16 47.06 7.94
N TRP F 623 -23.27 47.47 7.37
CA TRP F 623 -23.62 46.88 6.08
C TRP F 623 -23.06 47.56 4.84
N ASP F 624 -22.93 48.89 4.86
CA ASP F 624 -22.50 49.60 3.67
C ASP F 624 -21.02 49.87 3.54
N ASN F 625 -20.26 49.97 4.63
CA ASN F 625 -18.84 50.25 4.47
C ASN F 625 -17.97 49.03 4.77
N MET F 626 -18.37 48.25 5.77
CA MET F 626 -17.60 47.10 6.23
C MET F 626 -17.78 45.89 5.35
N THR F 627 -16.73 45.06 5.27
CA THR F 627 -16.76 43.80 4.56
C THR F 627 -16.93 42.67 5.56
N TRP F 628 -17.26 41.47 5.08
CA TRP F 628 -17.42 40.34 6.00
C TRP F 628 -16.12 39.88 6.63
N LEU F 629 -15.01 40.04 5.94
CA LEU F 629 -13.75 39.62 6.51
C LEU F 629 -13.41 40.52 7.69
N GLN F 630 -13.65 41.81 7.53
CA GLN F 630 -13.33 42.74 8.59
C GLN F 630 -14.22 42.53 9.77
N TRP F 631 -15.49 42.33 9.46
CA TRP F 631 -16.50 42.14 10.45
C TRP F 631 -16.23 40.92 11.29
N ASP F 632 -15.90 39.82 10.63
CA ASP F 632 -15.65 38.61 11.37
C ASP F 632 -14.50 38.81 12.32
N LYS F 633 -13.45 39.49 11.89
CA LYS F 633 -12.36 39.68 12.82
C LYS F 633 -12.82 40.49 14.02
N GLU F 634 -13.60 41.52 13.76
CA GLU F 634 -14.06 42.39 14.83
C GLU F 634 -14.90 41.70 15.88
N ILE F 635 -15.69 40.73 15.49
CA ILE F 635 -16.54 40.07 16.47
C ILE F 635 -16.12 38.63 16.72
N SER F 636 -14.87 38.32 16.40
CA SER F 636 -14.36 36.95 16.57
C SER F 636 -14.34 36.39 18.00
N ASN F 637 -14.39 37.26 19.05
CA ASN F 637 -14.36 36.86 20.46
C ASN F 637 -15.75 36.76 21.10
N TYR F 638 -16.87 36.84 20.31
CA TYR F 638 -18.24 36.74 20.84
C TYR F 638 -18.96 35.54 20.28
N THR F 639 -18.26 34.71 19.53
CA THR F 639 -18.92 33.61 18.84
C THR F 639 -19.48 32.59 19.80
N GLN F 640 -18.77 32.39 20.87
CA GLN F 640 -19.15 31.43 21.87
C GLN F 640 -20.33 31.93 22.70
N ILE F 641 -20.64 33.22 22.60
CA ILE F 641 -21.70 33.77 23.39
C ILE F 641 -22.95 33.62 22.60
N ILE F 642 -22.86 34.03 21.35
CA ILE F 642 -24.03 34.01 20.53
C ILE F 642 -24.51 32.61 20.26
N TYR F 643 -23.61 31.65 20.12
CA TYR F 643 -24.10 30.32 19.83
C TYR F 643 -24.94 29.83 21.00
N GLY F 644 -24.51 30.10 22.22
CA GLY F 644 -25.26 29.68 23.38
C GLY F 644 -26.60 30.38 23.47
N LEU F 645 -26.62 31.68 23.17
CA LEU F 645 -27.87 32.42 23.23
C LEU F 645 -28.87 31.92 22.22
N LEU F 646 -28.39 31.62 21.01
CA LEU F 646 -29.26 31.15 19.98
C LEU F 646 -29.79 29.77 20.27
N GLU F 647 -28.96 28.88 20.84
CA GLU F 647 -29.44 27.56 21.15
C GLU F 647 -30.56 27.62 22.15
N GLU F 648 -30.37 28.40 23.22
CA GLU F 648 -31.43 28.42 24.18
C GLU F 648 -32.64 29.17 23.68
N SER F 649 -32.46 30.23 22.91
CA SER F 649 -33.62 30.94 22.43
C SER F 649 -34.49 30.02 21.58
N GLN F 650 -33.88 29.20 20.72
CA GLN F 650 -34.70 28.31 19.93
C GLN F 650 -35.36 27.28 20.81
N ASN F 651 -34.66 26.82 21.84
CA ASN F 651 -35.26 25.85 22.72
C ASN F 651 -36.44 26.44 23.44
N GLN F 652 -36.35 27.71 23.81
CA GLN F 652 -37.44 28.34 24.51
C GLN F 652 -38.64 28.43 23.63
N GLN F 653 -38.45 28.72 22.37
CA GLN F 653 -39.61 28.82 21.52
C GLN F 653 -40.30 27.49 21.35
N GLU F 654 -39.53 26.42 21.16
CA GLU F 654 -40.20 25.16 20.97
C GLU F 654 -40.89 24.74 22.25
N LYS F 655 -40.26 24.99 23.40
CA LYS F 655 -40.87 24.65 24.67
C LYS F 655 -42.15 25.42 24.89
N ASN F 656 -42.16 26.70 24.49
CA ASN F 656 -43.32 27.54 24.67
C ASN F 656 -44.47 27.08 23.79
N GLU F 657 -44.15 26.47 22.65
CA GLU F 657 -45.16 25.96 21.75
C GLU F 657 -45.93 24.80 22.37
N GLN F 658 -45.41 24.19 23.43
CA GLN F 658 -46.07 23.03 23.97
C GLN F 658 -47.28 23.47 24.75
N ASP F 659 -47.37 24.77 25.05
CA ASP F 659 -48.50 25.30 25.78
C ASP F 659 -49.63 25.59 24.81
N LEU F 660 -49.34 25.52 23.51
CA LEU F 660 -50.34 25.74 22.49
C LEU F 660 -50.98 24.38 22.09
N LEU F 661 -50.14 23.32 22.05
CA LEU F 661 -50.39 21.93 21.67
C LEU F 661 -51.10 21.17 22.79
N UNK G 1 57.24 1.70 -29.83
CA UNK G 1 56.18 1.04 -29.07
C UNK G 1 56.10 -0.45 -29.44
N UNK G 2 55.99 -0.77 -30.75
CA UNK G 2 55.84 -2.13 -31.29
C UNK G 2 57.21 -2.78 -31.37
N UNK G 3 57.76 -3.00 -30.19
CA UNK G 3 59.06 -3.58 -30.02
C UNK G 3 59.02 -5.04 -30.46
N UNK G 4 60.13 -5.51 -31.02
CA UNK G 4 60.27 -6.87 -31.54
C UNK G 4 60.41 -7.98 -30.51
N UNK G 5 60.01 -9.16 -30.96
CA UNK G 5 60.18 -10.41 -30.25
C UNK G 5 61.63 -10.78 -30.29
N UNK G 6 62.11 -11.57 -29.34
CA UNK G 6 63.50 -11.98 -29.39
C UNK G 6 63.66 -13.40 -29.98
N UNK G 7 63.98 -14.38 -29.15
CA UNK G 7 64.29 -15.73 -29.63
C UNK G 7 63.18 -16.49 -30.35
N UNK G 8 61.91 -16.35 -29.94
CA UNK G 8 60.83 -17.14 -30.53
C UNK G 8 61.27 -18.60 -30.58
N UNK G 9 61.78 -19.08 -29.45
CA UNK G 9 62.39 -20.39 -29.33
C UNK G 9 61.44 -21.56 -29.39
N UNK G 10 61.96 -22.64 -29.97
CA UNK G 10 61.33 -23.95 -30.01
C UNK G 10 62.45 -24.95 -30.24
N UNK G 11 62.27 -26.21 -29.84
CA UNK G 11 63.30 -27.21 -30.08
C UNK G 11 62.71 -28.59 -30.38
N UNK G 12 62.97 -29.54 -29.48
CA UNK G 12 62.49 -30.91 -29.58
C UNK G 12 61.06 -31.01 -29.10
N UNK G 13 60.38 -32.06 -29.53
CA UNK G 13 59.06 -32.33 -29.00
C UNK G 13 59.23 -32.73 -27.55
N UNK G 14 58.21 -32.46 -26.73
CA UNK G 14 58.23 -32.80 -25.30
C UNK G 14 59.41 -32.16 -24.61
N UNK G 15 59.69 -30.93 -24.99
CA UNK G 15 60.73 -30.10 -24.43
C UNK G 15 60.29 -28.66 -24.57
N UNK G 16 60.78 -27.78 -23.71
CA UNK G 16 60.45 -26.38 -23.81
C UNK G 16 61.71 -25.56 -23.94
N UNK G 17 61.57 -24.38 -24.50
CA UNK G 17 62.68 -23.46 -24.63
C UNK G 17 62.21 -22.10 -24.22
N UNK G 18 63.11 -21.34 -23.60
CA UNK G 18 62.80 -19.98 -23.16
C UNK G 18 62.79 -19.01 -24.30
N UNK G 19 61.99 -17.98 -24.15
CA UNK G 19 61.87 -16.91 -25.10
C UNK G 19 61.38 -15.69 -24.36
N UNK G 20 61.44 -14.55 -25.02
CA UNK G 20 61.03 -13.26 -24.50
C UNK G 20 60.71 -12.32 -25.66
N UNK G 21 60.04 -11.23 -25.35
CA UNK G 21 59.76 -10.20 -26.33
C UNK G 21 59.94 -8.84 -25.69
N UNK G 22 60.46 -7.90 -26.47
CA UNK G 22 60.70 -6.54 -26.04
C UNK G 22 59.42 -5.75 -25.99
N UNK G 23 59.46 -4.63 -25.26
CA UNK G 23 58.32 -3.73 -25.19
C UNK G 23 58.84 -2.32 -25.07
N UNK G 24 58.03 -1.37 -25.50
CA UNK G 24 58.39 0.03 -25.44
C UNK G 24 57.14 0.88 -25.35
N UNK G 25 57.30 2.14 -24.92
CA UNK G 25 56.21 3.11 -24.86
C UNK G 25 55.16 2.75 -23.83
N UNK G 26 55.35 3.20 -22.59
CA UNK G 26 54.43 2.87 -21.51
C UNK G 26 54.30 1.37 -21.39
N UNK G 27 55.42 0.67 -21.49
CA UNK G 27 55.40 -0.78 -21.44
C UNK G 27 54.79 -1.34 -20.16
N UNK G 28 54.98 -0.64 -19.04
CA UNK G 28 54.46 -1.12 -17.76
C UNK G 28 53.01 -0.69 -17.51
N UNK G 29 52.42 0.07 -18.43
CA UNK G 29 51.04 0.54 -18.28
C UNK G 29 50.13 -0.07 -19.34
N UNK G 30 50.61 -0.14 -20.58
CA UNK G 30 49.86 -0.69 -21.69
C UNK G 30 49.64 -2.12 -21.34
N UNK G 31 48.51 -2.71 -21.70
CA UNK G 31 48.41 -4.08 -21.27
C UNK G 31 49.55 -4.88 -21.81
N UNK G 32 50.23 -5.57 -20.91
CA UNK G 32 51.29 -6.49 -21.28
C UNK G 32 50.62 -7.77 -21.62
N UNK G 33 49.85 -7.74 -22.68
CA UNK G 33 48.95 -8.78 -23.12
C UNK G 33 49.67 -10.03 -23.54
N UNK G 34 48.98 -11.15 -23.34
CA UNK G 34 49.43 -12.48 -23.65
C UNK G 34 48.24 -13.29 -24.07
N UNK G 35 48.49 -14.36 -24.80
CA UNK G 35 47.41 -15.20 -25.25
C UNK G 35 47.91 -16.57 -25.61
N UNK G 36 47.02 -17.53 -25.57
CA UNK G 36 47.30 -18.84 -26.11
C UNK G 36 47.05 -18.72 -27.61
N UNK G 37 47.92 -17.98 -28.26
CA UNK G 37 47.76 -17.55 -29.64
C UNK G 37 48.19 -18.53 -30.68
N UNK G 38 47.47 -19.61 -30.83
CA UNK G 38 47.90 -20.62 -31.79
C UNK G 38 48.16 -19.96 -33.14
N UNK G 39 49.29 -20.31 -33.73
CA UNK G 39 49.72 -19.78 -35.00
C UNK G 39 48.97 -20.46 -36.13
N UNK G 40 48.83 -19.74 -37.25
CA UNK G 40 48.12 -20.26 -38.44
C UNK G 40 46.77 -20.84 -38.00
N UNK G 41 46.36 -20.55 -36.77
CA UNK G 41 45.08 -21.06 -36.23
C UNK G 41 44.39 -19.92 -35.47
N UNK G 42 43.09 -20.06 -35.19
CA UNK G 42 42.40 -19.03 -34.39
C UNK G 42 43.07 -18.96 -33.01
N UNK G 43 43.35 -17.75 -32.51
CA UNK G 43 44.05 -17.59 -31.22
C UNK G 43 43.12 -18.03 -30.08
N UNK G 44 43.53 -19.02 -29.28
CA UNK G 44 42.61 -19.65 -28.36
C UNK G 44 42.39 -18.65 -27.26
N UNK G 45 43.48 -17.95 -27.00
CA UNK G 45 43.60 -16.85 -26.04
C UNK G 45 43.23 -17.21 -24.62
N UNK G 46 43.36 -18.47 -24.25
CA UNK G 46 43.07 -18.85 -22.89
C UNK G 46 44.02 -18.16 -21.92
N UNK G 47 45.27 -17.96 -22.32
CA UNK G 47 46.26 -17.27 -21.49
C UNK G 47 45.92 -15.81 -21.50
N UNK G 48 46.34 -15.08 -20.50
CA UNK G 48 46.02 -13.66 -20.49
C UNK G 48 47.05 -12.86 -19.77
N UNK G 49 47.11 -11.58 -20.07
CA UNK G 49 48.01 -10.71 -19.36
C UNK G 49 47.65 -9.27 -19.54
N UNK G 50 48.19 -8.49 -18.65
CA UNK G 50 48.11 -7.06 -18.58
C UNK G 50 49.26 -6.70 -17.72
N UNK G 51 49.60 -5.42 -17.60
CA UNK G 51 50.73 -5.10 -16.75
C UNK G 51 50.53 -5.66 -15.33
N UNK G 52 49.27 -5.73 -14.87
CA UNK G 52 48.98 -6.27 -13.55
C UNK G 52 47.99 -7.46 -13.61
N UNK G 53 47.95 -8.24 -14.70
CA UNK G 53 46.98 -9.35 -14.68
C UNK G 53 47.41 -10.61 -15.41
N UNK G 54 48.60 -11.12 -15.13
CA UNK G 54 49.05 -12.33 -15.81
C UNK G 54 48.20 -13.53 -15.41
N UNK G 55 47.94 -14.42 -16.36
CA UNK G 55 47.21 -15.65 -16.11
C UNK G 55 47.65 -16.76 -17.06
N UNK G 56 47.59 -17.99 -16.56
CA UNK G 56 47.90 -19.18 -17.35
C UNK G 56 46.76 -19.57 -18.26
N UNK G 57 47.11 -20.26 -19.33
CA UNK G 57 46.16 -20.84 -20.27
C UNK G 57 45.41 -21.98 -19.62
N UNK G 58 44.26 -22.32 -20.20
CA UNK G 58 43.38 -23.41 -19.78
C UNK G 58 44.09 -24.76 -19.83
N UNK G 59 45.16 -24.80 -20.61
CA UNK G 59 46.01 -25.97 -20.78
C UNK G 59 46.70 -26.31 -19.45
N UNK G 60 46.77 -25.33 -18.55
CA UNK G 60 47.37 -25.45 -17.24
C UNK G 60 48.80 -25.94 -17.27
N UNK G 61 49.60 -25.41 -18.18
CA UNK G 61 50.98 -25.85 -18.23
C UNK G 61 51.91 -24.78 -18.79
N UNK G 62 53.15 -24.82 -18.32
CA UNK G 62 54.25 -24.01 -18.83
C UNK G 62 53.97 -22.51 -18.84
N UNK G 63 53.29 -21.99 -17.83
CA UNK G 63 53.02 -20.54 -17.82
C UNK G 63 54.18 -19.78 -17.20
N UNK G 64 55.33 -19.89 -17.83
CA UNK G 64 56.58 -19.28 -17.37
C UNK G 64 56.77 -17.88 -17.96
N UNK G 65 55.87 -17.50 -18.85
CA UNK G 65 55.93 -16.25 -19.57
C UNK G 65 55.39 -15.06 -18.78
N UNK G 66 56.06 -14.73 -17.70
CA UNK G 66 55.70 -13.62 -16.85
C UNK G 66 56.24 -12.31 -17.41
N UNK G 67 55.52 -11.21 -17.24
CA UNK G 67 56.10 -9.93 -17.64
C UNK G 67 57.21 -9.58 -16.67
N UNK G 68 58.28 -8.96 -17.15
CA UNK G 68 59.34 -8.53 -16.27
C UNK G 68 58.99 -7.19 -15.65
N UNK G 69 59.72 -6.82 -14.60
CA UNK G 69 59.59 -5.45 -14.08
C UNK G 69 60.01 -4.49 -15.20
N UNK G 70 60.97 -4.96 -16.00
CA UNK G 70 61.49 -4.28 -17.16
C UNK G 70 60.43 -4.28 -18.23
N UNK G 71 60.53 -3.42 -19.23
CA UNK G 71 59.51 -3.41 -20.26
C UNK G 71 59.30 -4.77 -20.93
N UNK G 72 60.36 -5.51 -21.16
CA UNK G 72 60.25 -6.78 -21.85
C UNK G 72 59.46 -7.81 -21.05
N UNK G 73 58.76 -8.67 -21.75
CA UNK G 73 58.04 -9.74 -21.10
C UNK G 73 58.69 -11.06 -21.40
N UNK G 74 58.59 -12.00 -20.49
CA UNK G 74 59.06 -13.33 -20.78
C UNK G 74 58.06 -13.94 -21.71
N UNK G 75 58.52 -14.90 -22.47
CA UNK G 75 57.70 -15.71 -23.33
C UNK G 75 58.22 -17.10 -23.14
N UNK G 76 58.61 -17.35 -21.91
CA UNK G 76 59.21 -18.59 -21.43
C UNK G 76 58.21 -19.71 -21.30
N UNK G 77 58.73 -20.93 -21.31
CA UNK G 77 57.95 -22.15 -21.17
C UNK G 77 58.80 -23.20 -20.46
N UNK G 78 58.14 -24.19 -19.89
CA UNK G 78 58.82 -25.27 -19.19
C UNK G 78 58.26 -26.64 -19.59
N UNK G 79 57.00 -26.87 -19.28
CA UNK G 79 56.34 -28.12 -19.59
C UNK G 79 56.09 -28.19 -21.08
N UNK G 80 56.16 -29.38 -21.66
CA UNK G 80 55.85 -29.50 -23.06
C UNK G 80 55.47 -30.90 -23.47
N UNK G 81 54.73 -30.98 -24.58
CA UNK G 81 54.38 -32.22 -25.25
C UNK G 81 54.41 -31.94 -26.75
N UNK G 82 53.25 -32.01 -27.40
CA UNK G 82 53.20 -31.73 -28.84
C UNK G 82 53.15 -30.23 -29.05
N UNK G 83 54.28 -29.61 -28.79
CA UNK G 83 54.46 -28.18 -28.84
C UNK G 83 54.30 -27.67 -30.25
N UNK G 84 53.65 -26.54 -30.38
CA UNK G 84 53.38 -25.94 -31.67
C UNK G 84 53.45 -24.45 -31.56
N UNK G 85 53.64 -23.82 -32.70
CA UNK G 85 53.76 -22.39 -32.79
C UNK G 85 52.53 -21.65 -32.33
N UNK G 86 52.80 -20.57 -31.61
CA UNK G 86 51.81 -19.62 -31.15
C UNK G 86 52.50 -18.28 -31.23
N UNK G 87 51.76 -17.24 -31.55
CA UNK G 87 52.32 -15.94 -31.84
C UNK G 87 52.03 -14.83 -30.84
N UNK G 88 51.83 -15.16 -29.58
CA UNK G 88 51.56 -14.12 -28.59
C UNK G 88 52.87 -13.52 -28.10
N UNK G 89 53.60 -12.91 -29.01
CA UNK G 89 54.87 -12.30 -28.68
C UNK G 89 54.63 -10.94 -28.08
N UNK G 90 53.63 -10.25 -28.60
CA UNK G 90 53.30 -8.92 -28.16
C UNK G 90 51.89 -8.55 -28.60
N UNK G 91 51.15 -7.87 -27.74
CA UNK G 91 49.81 -7.33 -28.00
C UNK G 91 49.56 -6.30 -26.92
N UNK G 92 48.63 -5.35 -27.12
CA UNK G 92 48.32 -4.44 -26.00
C UNK G 92 47.04 -3.63 -26.16
N UNK G 93 46.02 -4.17 -26.83
CA UNK G 93 44.75 -3.42 -26.98
C UNK G 93 43.67 -3.96 -26.06
N UNK G 94 44.09 -4.81 -25.15
CA UNK G 94 43.20 -5.48 -24.23
C UNK G 94 42.46 -4.48 -23.36
N UNK G 95 41.23 -4.84 -23.04
CA UNK G 95 40.33 -4.05 -22.23
C UNK G 95 39.43 -5.02 -21.49
N UNK G 96 38.82 -4.56 -20.40
CA UNK G 96 38.01 -5.44 -19.58
C UNK G 96 36.90 -6.14 -20.33
N UNK G 97 36.23 -5.47 -21.24
CA UNK G 97 35.18 -6.13 -21.99
C UNK G 97 35.61 -6.47 -23.41
N UNK G 98 36.21 -5.50 -24.11
CA UNK G 98 36.59 -5.68 -25.52
C UNK G 98 37.64 -6.74 -25.77
N UNK G 99 38.60 -6.92 -24.85
CA UNK G 99 39.66 -7.89 -25.07
C UNK G 99 40.35 -7.76 -26.43
N UNK G 100 40.60 -6.57 -26.94
CA UNK G 100 41.25 -6.45 -28.24
C UNK G 100 42.72 -6.84 -28.15
N UNK G 101 43.30 -7.35 -29.23
CA UNK G 101 44.72 -7.71 -29.15
C UNK G 101 45.65 -6.66 -29.72
N UNK G 102 45.51 -6.37 -31.01
CA UNK G 102 46.48 -5.52 -31.71
C UNK G 102 47.87 -6.14 -31.60
N UNK G 103 47.98 -7.40 -32.01
CA UNK G 103 49.24 -8.12 -31.94
C UNK G 103 50.26 -7.41 -32.81
N UNK G 104 51.50 -7.42 -32.36
CA UNK G 104 52.58 -6.74 -33.05
C UNK G 104 53.58 -7.69 -33.73
N UNK G 105 54.66 -8.08 -33.04
CA UNK G 105 55.71 -8.89 -33.66
C UNK G 105 55.19 -10.21 -34.22
N UNK G 106 54.25 -10.82 -33.50
CA UNK G 106 53.62 -12.08 -33.89
C UNK G 106 54.64 -13.18 -34.22
N UNK G 107 55.73 -13.23 -33.47
CA UNK G 107 56.74 -14.24 -33.71
C UNK G 107 56.31 -15.57 -33.13
N UNK G 108 56.61 -16.67 -33.80
CA UNK G 108 56.22 -17.97 -33.30
C UNK G 108 57.14 -19.09 -33.79
N UNK G 109 57.22 -20.19 -33.04
CA UNK G 109 57.98 -21.36 -33.47
C UNK G 109 57.36 -22.64 -32.90
N UNK H 1 33.00 -23.82 -27.33
CA UNK H 1 32.21 -22.66 -27.71
C UNK H 1 33.15 -21.57 -28.25
N UNK H 2 33.10 -21.33 -29.59
CA UNK H 2 33.92 -20.34 -30.29
C UNK H 2 33.22 -19.87 -31.55
N UNK H 3 33.62 -18.69 -32.02
CA UNK H 3 33.12 -18.10 -33.24
C UNK H 3 33.41 -18.98 -34.44
N UNK H 4 32.53 -18.96 -35.42
CA UNK H 4 32.77 -19.79 -36.56
C UNK H 4 32.29 -19.17 -37.83
N UNK H 5 33.06 -19.41 -38.84
CA UNK H 5 32.84 -18.98 -40.19
C UNK H 5 33.64 -19.97 -40.99
N UNK H 6 33.31 -20.18 -42.25
CA UNK H 6 34.07 -21.13 -43.03
C UNK H 6 35.14 -20.46 -43.89
N UNK H 7 34.72 -19.95 -45.02
CA UNK H 7 35.56 -19.27 -45.99
C UNK H 7 34.67 -18.49 -46.89
N UNK H 8 35.23 -17.55 -47.62
CA UNK H 8 34.45 -16.81 -48.60
C UNK H 8 35.30 -16.46 -49.79
N UNK H 9 34.67 -16.22 -50.92
CA UNK H 9 35.45 -15.70 -52.03
C UNK H 9 35.57 -14.24 -51.77
N UNK H 10 36.69 -13.61 -52.08
CA UNK H 10 36.64 -12.19 -51.96
C UNK H 10 35.93 -11.78 -53.22
N UNK H 11 35.09 -10.79 -53.16
CA UNK H 11 34.46 -10.39 -54.38
C UNK H 11 35.46 -9.61 -55.18
N UNK H 12 35.46 -9.76 -56.50
CA UNK H 12 36.39 -8.97 -57.24
C UNK H 12 35.95 -7.53 -57.17
N UNK H 13 36.85 -6.68 -56.68
CA UNK H 13 36.60 -5.27 -56.50
C UNK H 13 35.34 -5.00 -55.68
N UNK H 14 35.05 -5.84 -54.68
CA UNK H 14 33.87 -5.61 -53.88
C UNK H 14 34.00 -6.25 -52.50
N UNK H 15 33.16 -5.80 -51.58
CA UNK H 15 33.13 -6.31 -50.23
C UNK H 15 32.70 -7.75 -50.20
N UNK H 16 33.21 -8.47 -49.23
CA UNK H 16 32.86 -9.86 -49.03
C UNK H 16 32.86 -10.14 -47.56
N UNK H 17 32.17 -11.19 -47.15
CA UNK H 17 32.09 -11.52 -45.76
C UNK H 17 31.95 -12.99 -45.51
N UNK H 18 32.37 -13.37 -44.31
CA UNK H 18 32.26 -14.70 -43.77
C UNK H 18 31.85 -14.51 -42.33
N UNK H 19 30.56 -14.34 -42.10
CA UNK H 19 30.10 -13.97 -40.78
C UNK H 19 30.47 -15.00 -39.75
N UNK H 20 30.92 -14.51 -38.60
CA UNK H 20 31.35 -15.33 -37.48
C UNK H 20 30.17 -15.74 -36.62
N UNK H 21 29.29 -16.51 -37.21
CA UNK H 21 28.01 -16.85 -36.58
C UNK H 21 28.02 -18.03 -35.61
N UNK H 22 28.78 -17.93 -34.52
CA UNK H 22 28.72 -18.98 -33.49
C UNK H 22 29.20 -18.51 -32.13
N UNK H 23 28.58 -19.04 -31.07
CA UNK H 23 29.01 -18.80 -29.69
C UNK H 23 29.26 -17.32 -29.45
N UNK H 24 28.40 -16.47 -30.00
CA UNK H 24 28.65 -15.03 -29.91
C UNK H 24 27.75 -14.26 -28.99
N UNK H 25 26.63 -14.82 -28.57
CA UNK H 25 25.71 -14.04 -27.77
C UNK H 25 26.31 -13.64 -26.42
N UNK H 26 27.09 -14.54 -25.83
CA UNK H 26 27.70 -14.29 -24.53
C UNK H 26 29.03 -13.62 -24.71
N UNK H 27 29.34 -12.63 -23.88
CA UNK H 27 30.63 -11.96 -23.97
C UNK H 27 30.85 -11.55 -25.42
N UNK H 28 29.82 -10.90 -25.97
CA UNK H 28 29.76 -10.50 -27.37
C UNK H 28 30.62 -9.29 -27.71
N UNK H 29 31.91 -9.47 -27.55
CA UNK H 29 32.90 -8.46 -27.87
C UNK H 29 33.22 -8.62 -29.33
N UNK H 30 32.25 -8.26 -30.17
CA UNK H 30 32.31 -8.46 -31.61
C UNK H 30 33.24 -7.50 -32.37
N UNK H 31 34.50 -7.62 -32.05
CA UNK H 31 35.62 -6.94 -32.68
C UNK H 31 36.04 -7.86 -33.81
N UNK H 32 36.82 -7.39 -34.74
CA UNK H 32 37.23 -8.25 -35.84
C UNK H 32 38.55 -7.79 -36.39
N UNK H 33 39.31 -8.71 -36.96
CA UNK H 33 40.59 -8.35 -37.55
C UNK H 33 40.95 -9.29 -38.68
N UNK H 34 41.84 -8.86 -39.58
CA UNK H 34 42.30 -9.79 -40.62
C UNK H 34 43.72 -9.57 -41.07
N UNK H 35 44.51 -10.63 -41.04
CA UNK H 35 45.88 -10.55 -41.51
C UNK H 35 45.90 -10.85 -42.99
N UNK H 36 45.27 -9.99 -43.79
CA UNK H 36 45.11 -10.30 -45.22
C UNK H 36 46.45 -10.51 -45.91
N UNK H 37 47.44 -9.73 -45.49
CA UNK H 37 48.79 -9.81 -45.98
C UNK H 37 49.72 -9.44 -44.83
N UNK H 38 49.65 -10.19 -43.74
CA UNK H 38 50.40 -9.79 -42.55
C UNK H 38 50.70 -10.93 -41.57
N UNK H 39 51.66 -10.67 -40.68
CA UNK H 39 51.97 -11.60 -39.59
C UNK H 39 50.99 -11.46 -38.43
N UNK H 40 50.24 -10.37 -38.46
CA UNK H 40 49.29 -10.04 -37.41
C UNK H 40 48.06 -9.44 -38.03
N UNK H 41 46.92 -9.70 -37.42
CA UNK H 41 45.67 -9.19 -37.94
C UNK H 41 45.28 -7.84 -37.39
N UNK H 42 45.28 -6.83 -38.24
CA UNK H 42 44.90 -5.50 -37.83
C UNK H 42 43.39 -5.45 -37.67
N UNK H 43 42.92 -4.70 -36.69
CA UNK H 43 41.50 -4.62 -36.48
C UNK H 43 40.76 -3.89 -37.58
N UNK H 44 39.60 -4.44 -37.89
CA UNK H 44 38.61 -3.91 -38.78
C UNK H 44 37.52 -3.26 -37.94
N UNK H 45 37.31 -3.88 -36.78
CA UNK H 45 36.30 -3.48 -35.81
C UNK H 45 36.89 -3.68 -34.43
N UNK H 46 36.46 -2.90 -33.47
CA UNK H 46 37.01 -2.97 -32.13
C UNK H 46 35.99 -2.63 -31.10
N UNK H 47 36.23 -2.97 -29.85
CA UNK H 47 35.27 -2.55 -28.81
C UNK H 47 33.84 -2.95 -29.13
N UNK H 48 33.65 -4.20 -29.50
CA UNK H 48 32.33 -4.76 -29.80
C UNK H 48 31.63 -4.09 -30.97
N UNK H 49 32.17 -4.33 -32.14
CA UNK H 49 31.70 -3.81 -33.42
C UNK H 49 31.78 -2.30 -33.58
N UNK H 50 32.72 -1.64 -32.95
CA UNK H 50 32.90 -0.22 -33.21
C UNK H 50 33.77 -0.17 -34.43
N UNK H 51 33.76 0.89 -35.21
CA UNK H 51 34.77 0.86 -36.25
C UNK H 51 36.11 0.82 -35.55
N UNK H 52 37.07 0.06 -36.07
CA UNK H 52 38.36 0.04 -35.42
C UNK H 52 39.00 1.41 -35.49
N UNK H 53 39.82 1.72 -34.50
CA UNK H 53 40.54 2.96 -34.61
C UNK H 53 41.38 2.83 -35.84
N UNK H 54 41.40 3.87 -36.67
CA UNK H 54 42.16 3.86 -37.91
C UNK H 54 41.74 2.69 -38.81
N UNK H 55 40.44 2.38 -38.82
CA UNK H 55 39.92 1.31 -39.66
C UNK H 55 40.11 1.62 -41.13
N UNK H 56 40.34 0.56 -41.89
CA UNK H 56 40.48 0.60 -43.33
C UNK H 56 39.18 0.92 -44.00
N UNK H 57 39.23 1.45 -45.22
CA UNK H 57 38.02 1.72 -45.99
C UNK H 57 37.21 0.44 -46.21
N UNK H 58 37.91 -0.69 -46.23
CA UNK H 58 37.35 -2.00 -46.47
C UNK H 58 36.81 -2.64 -45.21
N UNK H 59 36.91 -1.94 -44.11
CA UNK H 59 36.44 -2.39 -42.84
C UNK H 59 35.07 -1.83 -42.56
N UNK H 60 34.32 -2.52 -41.74
CA UNK H 60 33.01 -2.02 -41.34
C UNK H 60 32.70 -2.36 -39.93
N UNK H 61 31.80 -1.65 -39.31
CA UNK H 61 31.41 -2.09 -38.01
C UNK H 61 30.80 -3.48 -38.18
N UNK H 62 31.12 -4.39 -37.30
CA UNK H 62 30.54 -5.71 -37.33
C UNK H 62 29.05 -5.58 -37.00
N UNK H 63 28.24 -6.49 -37.49
CA UNK H 63 26.81 -6.45 -37.24
C UNK H 63 26.40 -7.25 -35.99
N UNK H 64 25.37 -8.09 -36.14
CA UNK H 64 24.80 -8.82 -35.03
C UNK H 64 25.76 -9.81 -34.43
N UNK H 65 25.72 -10.00 -33.11
CA UNK H 65 26.59 -11.01 -32.53
C UNK H 65 26.29 -12.37 -33.15
N UNK H 66 25.01 -12.58 -33.45
CA UNK H 66 24.52 -13.80 -34.06
C UNK H 66 25.20 -14.11 -35.40
N UNK H 67 25.56 -13.08 -36.16
CA UNK H 67 26.19 -13.26 -37.46
C UNK H 67 26.76 -11.93 -37.93
N UNK H 68 28.07 -11.82 -37.94
CA UNK H 68 28.68 -10.57 -38.33
C UNK H 68 30.05 -10.67 -38.95
N UNK H 69 30.33 -9.68 -39.77
CA UNK H 69 31.65 -9.48 -40.34
C UNK H 69 31.84 -7.99 -40.54
N UNK H 70 33.04 -7.53 -40.28
CA UNK H 70 33.41 -6.14 -40.45
C UNK H 70 33.81 -5.83 -41.87
N UNK H 71 32.90 -6.00 -42.83
CA UNK H 71 33.24 -5.83 -44.25
C UNK H 71 32.71 -4.55 -44.92
N UNK H 72 33.54 -3.94 -45.76
CA UNK H 72 33.21 -2.75 -46.55
C UNK H 72 34.03 -2.65 -47.82
N UNK H 73 33.63 -1.76 -48.75
CA UNK H 73 34.40 -1.49 -49.97
C UNK H 73 34.82 -2.77 -50.66
N UNK H 74 36.13 -3.02 -50.72
CA UNK H 74 36.66 -4.20 -51.37
C UNK H 74 37.91 -4.62 -50.63
N UNK H 75 38.21 -5.92 -50.58
CA UNK H 75 39.42 -6.28 -49.87
C UNK H 75 40.59 -5.55 -50.49
N UNK H 76 41.39 -4.89 -49.65
CA UNK H 76 42.50 -4.07 -50.13
C UNK H 76 43.54 -4.89 -50.87
N UNK H 77 43.75 -6.11 -50.40
CA UNK H 77 44.72 -7.02 -50.96
C UNK H 77 44.06 -8.10 -51.78
N UNK H 78 42.74 -7.96 -52.02
CA UNK H 78 41.99 -9.03 -52.66
C UNK H 78 42.24 -10.30 -51.86
N UNK H 79 42.27 -10.16 -50.53
CA UNK H 79 42.56 -11.25 -49.64
C UNK H 79 42.08 -10.97 -48.23
N UNK H 80 41.92 -12.03 -47.47
CA UNK H 80 41.63 -11.92 -46.05
C UNK H 80 42.14 -13.12 -45.30
N UNK H 81 42.44 -12.88 -44.04
CA UNK H 81 42.81 -13.91 -43.08
C UNK H 81 42.18 -13.46 -41.78
N UNK H 82 40.87 -13.29 -41.89
CA UNK H 82 40.00 -12.79 -40.87
C UNK H 82 39.75 -13.75 -39.76
N UNK H 83 39.44 -13.19 -38.60
CA UNK H 83 38.97 -13.90 -37.43
C UNK H 83 38.13 -12.94 -36.61
N UNK H 84 37.19 -13.48 -35.85
CA UNK H 84 36.33 -12.67 -35.01
C UNK H 84 36.63 -12.82 -33.54
N UNK H 85 36.50 -11.72 -32.81
CA UNK H 85 36.74 -11.67 -31.38
C UNK H 85 35.57 -12.10 -30.52
N UNK H 86 35.90 -12.49 -29.30
CA UNK H 86 34.99 -12.85 -28.24
C UNK H 86 35.67 -12.50 -26.94
N UNK H 87 34.92 -12.28 -25.86
CA UNK H 87 35.61 -11.97 -24.61
C UNK H 87 35.51 -13.05 -23.52
N UNK H 88 34.69 -14.10 -23.68
CA UNK H 88 34.50 -15.04 -22.55
C UNK H 88 35.80 -15.64 -22.07
N UNK H 89 36.69 -15.93 -23.00
CA UNK H 89 38.01 -16.44 -22.74
C UNK H 89 38.92 -15.75 -23.71
N UNK H 90 38.50 -14.55 -24.10
CA UNK H 90 39.19 -13.70 -25.07
C UNK H 90 39.50 -14.43 -26.39
N UNK H 91 38.73 -15.46 -26.72
CA UNK H 91 39.02 -16.33 -27.87
C UNK H 91 38.72 -15.71 -29.20
N UNK H 92 39.56 -16.01 -30.19
CA UNK H 92 39.32 -15.59 -31.54
C UNK H 92 39.01 -16.81 -32.36
N UNK H 93 38.10 -16.68 -33.29
CA UNK H 93 37.82 -17.85 -34.12
C UNK H 93 37.17 -17.39 -35.40
N UNK H 94 36.33 -18.21 -36.01
CA UNK H 94 35.79 -17.83 -37.30
C UNK H 94 36.90 -17.43 -38.23
N UNK H 95 37.94 -18.27 -38.30
CA UNK H 95 39.10 -17.97 -39.13
C UNK H 95 38.84 -18.29 -40.59
N UNK H 96 37.95 -17.51 -41.19
CA UNK H 96 37.49 -17.66 -42.55
C UNK H 96 38.23 -16.74 -43.50
N UNK H 97 39.06 -17.35 -44.34
CA UNK H 97 39.92 -16.67 -45.30
C UNK H 97 39.16 -16.33 -46.58
N UNK H 98 39.74 -15.41 -47.35
CA UNK H 98 39.16 -15.03 -48.65
C UNK H 98 40.23 -14.57 -49.62
N UNK H 99 39.93 -14.67 -50.92
CA UNK H 99 40.82 -14.11 -51.94
C UNK H 99 40.06 -13.86 -53.25
N UNK H 100 40.55 -12.88 -54.07
CA UNK H 100 40.05 -12.53 -55.41
C UNK H 100 41.24 -12.30 -56.33
C1 NAG I . 5.98 -1.18 38.66
C2 NAG I . 6.93 -1.65 37.48
C3 NAG I . 8.42 -1.29 37.84
C4 NAG I . 8.52 0.26 38.06
C5 NAG I . 7.55 0.65 39.23
C6 NAG I . 7.52 2.15 39.53
C7 NAG I . 6.29 -3.73 36.25
C8 NAG I . 6.15 -5.22 36.23
N2 NAG I . 6.77 -3.12 37.35
O3 NAG I . 9.29 -1.69 36.76
O4 NAG I . 9.87 0.68 38.42
O5 NAG I . 6.17 0.26 38.89
O6 NAG I . 7.17 2.94 38.39
O7 NAG I . 5.95 -3.09 35.25
C1 NAG I . 10.66 1.40 37.33
C2 NAG I . 11.69 2.39 37.99
C3 NAG I . 12.43 3.14 36.82
C4 NAG I . 13.16 2.10 35.90
C5 NAG I . 12.08 1.09 35.35
C6 NAG I . 12.74 -0.05 34.55
C7 NAG I . 11.21 3.55 40.15
C8 NAG I . 10.44 4.57 40.93
N2 NAG I . 10.97 3.39 38.83
O3 NAG I . 13.40 4.06 37.38
O4 NAG I . 13.70 2.83 34.76
O5 NAG I . 11.35 0.45 36.46
O6 NAG I . 11.78 -0.97 34.01
O7 NAG I . 12.04 2.84 40.74
C1 BMA I . 15.21 2.88 34.65
C2 BMA I . 15.58 3.55 33.28
C3 BMA I . 17.12 3.53 33.13
C4 BMA I . 17.76 4.29 34.33
C5 BMA I . 17.32 3.59 35.65
C6 BMA I . 17.88 4.26 36.90
O2 BMA I . 15.07 4.89 33.24
O3 BMA I . 17.51 4.14 31.87
O4 BMA I . 19.18 4.27 34.22
O5 BMA I . 15.84 3.57 35.74
O6 BMA I . 17.61 5.67 36.96
C1 MAN I . 17.50 3.23 30.64
C2 MAN I . 18.96 3.03 30.08
C3 MAN I . 19.46 4.40 29.50
C4 MAN I . 18.46 4.89 28.37
C5 MAN I . 17.02 5.05 29.00
C6 MAN I . 15.96 5.44 27.98
O2 MAN I . 19.01 1.99 29.11
O3 MAN I . 20.77 4.24 28.95
O4 MAN I . 18.91 6.15 27.86
O5 MAN I . 16.61 3.74 29.59
O6 MAN I . 14.75 5.81 28.63
C1 MAN I . 18.13 6.33 38.20
C2 MAN I . 17.05 6.28 39.35
C3 MAN I . 15.85 7.20 38.93
C4 MAN I . 16.36 8.65 38.67
C5 MAN I . 17.44 8.62 37.52
C6 MAN I . 18.06 9.98 37.23
O2 MAN I . 17.63 6.68 40.60
O3 MAN I . 14.85 7.17 39.98
O4 MAN I . 15.25 9.48 38.27
O5 MAN I . 18.56 7.71 37.93
O6 MAN I . 18.81 9.97 36.00
C1 NAG J . 3.38 0.81 45.42
C2 NAG J . 2.80 1.97 44.47
C3 NAG J . 3.30 3.35 45.01
C4 NAG J . 2.82 3.54 46.50
C5 NAG J . 3.39 2.36 47.36
C6 NAG J . 2.92 2.40 48.82
C7 NAG J . 2.51 1.19 42.11
C8 NAG J . 3.07 0.99 40.73
N2 NAG J . 3.28 1.75 43.08
O3 NAG J . 2.76 4.39 44.19
O4 NAG J . 3.34 4.79 47.05
O5 NAG J . 2.93 1.06 46.79
O6 NAG J . 1.50 2.52 48.96
O7 NAG J . 1.36 0.82 42.36
C1 NAG J . 2.46 6.03 46.94
C2 NAG J . 2.48 6.79 48.32
C3 NAG J . 1.57 8.08 48.17
C4 NAG J . 2.09 8.97 47.00
C5 NAG J . 2.09 8.12 45.67
C6 NAG J . 2.69 8.88 44.48
C7 NAG J . 2.36 5.92 50.67
C8 NAG J . 1.76 4.97 51.66
N2 NAG J . 1.94 5.90 49.39
O3 NAG J . 1.59 8.85 49.40
O4 NAG J . 1.24 10.11 46.86
O5 NAG J . 2.92 6.90 45.86
O6 NAG J . 4.08 9.18 44.66
O7 NAG J . 3.24 6.71 51.05
C1 NAG K . 11.87 -3.66 48.30
C2 NAG K . 12.32 -4.12 49.76
C3 NAG K . 12.13 -2.90 50.73
C4 NAG K . 13.00 -1.69 50.22
C5 NAG K . 12.56 -1.32 48.77
C6 NAG K . 13.41 -0.21 48.15
C7 NAG K . 11.89 -6.55 50.19
C8 NAG K . 10.97 -7.67 50.60
N2 NAG K . 11.46 -5.28 50.17
O3 NAG K . 12.55 -3.29 52.05
O4 NAG K . 12.75 -0.53 51.06
O5 NAG K . 12.69 -2.51 47.88
O6 NAG K . 12.79 0.38 47.00
O7 NAG K . 13.07 -6.85 49.89
C1 NAG K . 13.90 -0.09 51.94
C2 NAG K . 13.57 1.36 52.48
C3 NAG K . 14.77 1.82 53.40
C4 NAG K . 14.96 0.79 54.57
C5 NAG K . 15.26 -0.63 53.95
C6 NAG K . 15.37 -1.75 55.00
C7 NAG K . 12.30 2.87 50.95
C8 NAG K . 12.28 3.78 49.75
N2 NAG K . 13.45 2.29 51.32
O3 NAG K . 14.48 3.12 53.96
O4 NAG K . 16.06 1.20 55.39
O5 NAG K . 14.13 -1.01 53.05
O6 NAG K . 16.04 -2.89 54.49
O7 NAG K . 11.24 2.66 51.56
C1 NAG L . -22.23 -11.41 42.60
C2 NAG L . -22.26 -12.97 42.30
C3 NAG L . -23.63 -13.32 41.64
C4 NAG L . -24.81 -12.91 42.60
C5 NAG L . -24.69 -11.37 42.91
C6 NAG L . -25.74 -10.86 43.90
C7 NAG L . -19.90 -13.63 41.77
C8 NAG L . -18.81 -13.91 40.79
N2 NAG L . -21.13 -13.29 41.37
O3 NAG L . -23.67 -14.74 41.37
O4 NAG L . -26.06 -13.09 41.87
O5 NAG L . -23.35 -11.07 43.50
O6 NAG L . -25.79 -9.44 43.94
O7 NAG L . -19.63 -13.71 42.98
C1 NAG L . -27.05 -14.14 42.35
C2 NAG L . -27.12 -15.31 41.28
C3 NAG L . -28.22 -16.32 41.74
C4 NAG L . -27.88 -16.88 43.17
C5 NAG L . -27.77 -15.66 44.17
C6 NAG L . -27.37 -16.08 45.58
C7 NAG L . -26.66 -14.60 38.92
C8 NAG L . -27.16 -14.01 37.63
N2 NAG L . -27.51 -14.74 39.96
O3 NAG L . -28.27 -17.43 40.82
O4 NAG L . -28.92 -17.77 43.59
O5 NAG L . -26.74 -14.70 43.68
O6 NAG L . -26.12 -16.77 45.63
O7 NAG L . -25.46 -14.91 39.00
C1 NAG M . 12.51 -28.38 17.56
C2 NAG M . 11.06 -29.05 17.45
C3 NAG M . 10.53 -29.30 18.91
C4 NAG M . 11.52 -30.22 19.70
C5 NAG M . 12.93 -29.55 19.71
C6 NAG M . 14.00 -30.42 20.40
C7 NAG M . 9.91 -28.20 15.43
C8 NAG M . 8.99 -27.22 14.76
N2 NAG M . 10.16 -28.11 16.74
O3 NAG M . 9.24 -29.94 18.85
O4 NAG M . 11.08 -30.28 21.10
O5 NAG M . 13.40 -29.28 18.33
O6 NAG M . 14.00 -31.79 19.98
O7 NAG M . 10.42 -29.09 14.73
C1 NAG M . 10.60 -31.62 21.60
C2 NAG M . 10.66 -31.59 23.20
C3 NAG M . 10.15 -32.98 23.73
C4 NAG M . 8.69 -33.25 23.19
C5 NAG M . 8.71 -33.22 21.63
C6 NAG M . 7.31 -33.40 21.01
C7 NAG M . 12.45 -30.46 24.50
C8 NAG M . 13.90 -30.32 24.87
N2 NAG M . 12.07 -31.39 23.62
O3 NAG M . 10.14 -32.97 25.16
O4 NAG M . 8.25 -34.53 23.66
O5 NAG M . 9.25 -31.92 21.15
O6 NAG M . 6.37 -32.45 21.49
O7 NAG M . 11.62 -29.68 25.03
C1 NAG N . 34.62 -19.00 25.13
C2 NAG N . 35.28 -17.94 26.12
C3 NAG N . 36.52 -17.31 25.40
C4 NAG N . 37.55 -18.42 25.00
C5 NAG N . 36.82 -19.48 24.09
C6 NAG N . 37.73 -20.65 23.71
C7 NAG N . 33.65 -16.70 27.57
C8 NAG N . 32.63 -15.61 27.69
N2 NAG N . 34.27 -16.88 26.38
O3 NAG N . 37.16 -16.39 26.32
O4 NAG N . 38.52 -17.79 24.12
O5 NAG N . 35.62 -20.03 24.79
O6 NAG N . 37.10 -21.53 22.77
O7 NAG N . 33.91 -17.42 28.56
C1 NAG N . 39.86 -17.41 24.68
C2 NAG N . 40.24 -16.00 24.07
C3 NAG N . 41.68 -15.63 24.58
C4 NAG N . 41.69 -15.60 26.16
C5 NAG N . 41.25 -17.00 26.70
C6 NAG N . 41.14 -17.05 28.23
C7 NAG N . 39.29 -15.44 21.82
C8 NAG N . 39.33 -15.60 20.34
N2 NAG N . 40.21 -16.09 22.58
O3 NAG N . 42.05 -14.33 24.07
O4 NAG N . 43.01 -15.28 26.61
O5 NAG N . 39.91 -17.34 26.15
O6 NAG N . 40.99 -18.39 28.71
O7 NAG N . 38.42 -14.72 22.34
C1 NAG O . -34.20 11.14 41.14
C2 NAG O . -34.51 12.57 40.52
C3 NAG O . -35.16 13.46 41.65
C4 NAG O . -36.47 12.77 42.19
C5 NAG O . -36.09 11.36 42.75
C6 NAG O . -37.30 10.55 43.24
C7 NAG O . -32.85 13.13 38.73
C8 NAG O . -31.58 13.79 38.27
N2 NAG O . -33.25 13.20 40.02
O3 NAG O . -35.45 14.77 41.11
O4 NAG O . -37.07 13.56 43.26
O5 NAG O . -35.44 10.56 41.68
O6 NAG O . -36.91 9.34 43.90
O7 NAG O . -33.54 12.55 37.88
C1 NAG O . -38.36 14.29 42.94
C2 NAG O . -39.14 14.58 44.28
C3 NAG O . -40.47 15.36 43.92
C4 NAG O . -40.12 16.67 43.12
C5 NAG O . -39.33 16.28 41.81
C6 NAG O . -38.87 17.49 40.99
C7 NAG O . -39.29 13.01 46.22
C8 NAG O . -39.68 11.66 46.76
N2 NAG O . -39.48 13.29 44.92
O3 NAG O . -41.16 15.71 45.13
O4 NAG O . -41.33 17.36 42.79
O5 NAG O . -38.11 15.52 42.19
O6 NAG O . -39.94 18.10 40.28
O7 NAG O . -38.80 13.86 47.00
C1 NAG P . -20.23 6.79 44.66
C2 NAG P . -21.19 7.87 45.36
C3 NAG P . -20.37 9.21 45.48
C4 NAG P . -19.06 8.98 46.31
C5 NAG P . -18.22 7.83 45.65
C6 NAG P . -16.99 7.44 46.48
C7 NAG P . -23.57 7.43 44.74
C8 NAG P . -24.76 7.70 43.88
N2 NAG P . -22.41 8.11 44.55
O3 NAG P . -21.19 10.21 46.14
O4 NAG P . -18.25 10.19 46.12
O5 NAG P . -19.04 6.60 45.50
O6 NAG P . -17.32 7.00 47.79
O7 NAG P . -23.67 6.58 45.64
C1 NAG P . -18.01 11.07 47.32
C2 NAG P . -16.77 12.00 46.99
C3 NAG P . -16.51 12.94 48.22
C4 NAG P . -17.80 13.77 48.54
C5 NAG P . -18.99 12.78 48.83
C6 NAG P . -20.32 13.50 49.07
C7 NAG P . -15.02 10.97 45.53
C8 NAG P . -13.80 10.09 45.39
N2 NAG P . -15.57 11.16 46.75
O3 NAG P . -15.43 13.84 47.92
O4 NAG P . -17.56 14.59 49.68
O5 NAG P . -19.18 11.87 47.66
O6 NAG P . -20.69 14.39 48.02
O7 NAG P . -15.49 11.50 44.52
C1 NAG Q . 17.29 -11.18 49.49
C2 NAG Q . 18.27 -10.06 48.91
C3 NAG Q . 19.74 -10.60 48.96
C4 NAG Q . 20.12 -10.99 50.44
C5 NAG Q . 19.08 -12.06 50.96
C6 NAG Q . 19.33 -12.48 52.41
C7 NAG Q . 17.06 -8.81 47.11
C8 NAG Q . 16.70 -8.65 45.65
N2 NAG Q . 17.88 -9.81 47.48
O3 NAG Q . 20.65 -9.58 48.52
O4 NAG Q . 21.42 -11.63 50.44
O5 NAG Q . 17.70 -11.52 50.86
O6 NAG Q . 19.50 -11.38 53.31
O7 NAG Q . 16.60 -8.03 47.96
C1 NAG Q . 22.52 -10.91 51.17
C2 NAG Q . 23.70 -11.93 51.38
C3 NAG Q . 24.87 -11.19 52.13
C4 NAG Q . 25.32 -9.94 51.28
C5 NAG Q . 24.08 -8.98 51.10
C6 NAG Q . 24.40 -7.77 50.23
C7 NAG Q . 23.33 -14.35 51.87
C8 NAG Q . 22.79 -15.43 52.77
N2 NAG Q . 23.21 -13.07 52.22
O3 NAG Q . 25.99 -12.08 52.28
O4 NAG Q . 26.37 -9.25 51.99
O5 NAG Q . 22.98 -9.74 50.44
O6 NAG Q . 23.36 -6.79 50.28
O7 NAG Q . 23.88 -14.70 50.81
C1 NAG R . -17.88 -29.77 -10.76
C2 NAG R . -16.38 -29.66 -10.23
C3 NAG R . -15.97 -31.02 -9.56
C4 NAG R . -16.97 -31.35 -8.39
C5 NAG R . -18.41 -31.43 -8.99
C6 NAG R . -19.47 -31.73 -7.93
C7 NAG R . -14.80 -28.26 -11.54
C8 NAG R . -13.97 -28.07 -12.77
N2 NAG R . -15.52 -29.38 -11.39
O3 NAG R . -14.62 -30.91 -9.04
O4 NAG R . -16.61 -32.63 -7.78
O5 NAG R . -18.75 -30.13 -9.63
O6 NAG R . -19.61 -30.70 -6.95
O7 NAG R . -14.81 -27.36 -10.68
C1 NAG R . -16.15 -32.56 -6.35
C2 NAG R . -16.32 -33.97 -5.66
C3 NAG R . -15.81 -33.84 -4.17
C4 NAG R . -14.32 -33.36 -4.15
C5 NAG R . -14.23 -31.99 -4.89
C6 NAG R . -12.80 -31.47 -5.03
C7 NAG R . -18.23 -35.52 -6.06
C8 NAG R . -19.70 -35.80 -5.98
N2 NAG R . -17.76 -34.34 -5.64
O3 NAG R . -15.94 -35.13 -3.54
O4 NAG R . -13.90 -33.16 -2.77
O5 NAG R . -14.76 -32.11 -6.28
O6 NAG R . -11.98 -32.34 -5.83
O7 NAG R . -17.47 -36.40 -6.50
C1 BMA R . -12.88 -34.14 -2.23
C2 BMA R . -12.35 -33.61 -0.85
C3 BMA R . -11.26 -34.60 -0.35
C4 BMA R . -11.87 -36.02 -0.22
C5 BMA R . -12.42 -36.46 -1.61
C6 BMA R . -13.11 -37.82 -1.55
O2 BMA R . -13.42 -33.50 0.09
O3 BMA R . -10.75 -34.17 0.95
O4 BMA R . -10.87 -36.93 0.21
O5 BMA R . -13.42 -35.48 -2.09
O6 BMA R . -14.10 -37.88 -0.52
C1 MAN R . -9.61 -33.15 0.96
C2 MAN R . -8.24 -33.87 1.29
C3 MAN R . -8.29 -34.36 2.77
C4 MAN R . -8.57 -33.14 3.73
C5 MAN R . -9.94 -32.48 3.31
C6 MAN R . -10.30 -31.23 4.11
O2 MAN R . -7.14 -32.99 1.05
O3 MAN R . -7.03 -34.98 3.11
O4 MAN R . -8.63 -33.60 5.08
O5 MAN R . -9.87 -32.06 1.87
O6 MAN R . -11.63 -30.79 3.82
C1 MAN R . -14.86 -39.17 -0.48
C2 MAN R . -16.19 -39.04 -1.33
C3 MAN R . -17.12 -38.00 -0.62
C4 MAN R . -17.41 -38.46 0.85
C5 MAN R . -16.05 -38.59 1.62
C6 MAN R . -16.21 -39.09 3.06
O2 MAN R . -16.80 -40.31 -1.49
O3 MAN R . -18.34 -37.88 -1.37
O4 MAN R . -18.24 -37.48 1.49
O5 MAN R . -15.17 -39.56 0.90
O6 MAN R . -14.99 -39.00 3.79
C1 NAG S . -24.80 -32.18 -14.09
C2 NAG S . -24.94 -31.68 -12.58
C3 NAG S . -25.98 -32.60 -11.84
C4 NAG S . -27.36 -32.52 -12.59
C5 NAG S . -27.16 -32.97 -14.09
C6 NAG S . -28.45 -32.82 -14.92
C7 NAG S . -22.80 -30.69 -11.75
C8 NAG S . -21.44 -30.83 -11.15
N2 NAG S . -23.59 -31.77 -11.94
O3 NAG S . -26.13 -32.15 -10.48
O4 NAG S . -28.29 -33.46 -11.99
O5 NAG S . -26.12 -32.11 -14.74
O6 NAG S . -28.29 -33.28 -16.26
O7 NAG S . -23.17 -29.55 -12.09
C1 NAG S . -29.45 -32.86 -11.24
C2 NAG S . -30.48 -34.01 -10.90
C3 NAG S . -31.69 -33.38 -10.14
C4 NAG S . -31.18 -32.65 -8.84
C5 NAG S . -30.14 -31.54 -9.26
C6 NAG S . -29.50 -30.82 -8.07
C7 NAG S . -30.65 -35.87 -12.57
C8 NAG S . -31.18 -36.38 -13.88
N2 NAG S . -30.96 -34.62 -12.18
O3 NAG S . -32.63 -34.41 -9.77
O4 NAG S . -32.28 -32.05 -8.16
O5 NAG S . -29.03 -32.18 -10.04
O6 NAG S . -28.92 -29.58 -8.46
O7 NAG S . -29.93 -36.60 -11.88
C1 NAG T . -18.57 -41.28 -14.99
C2 NAG T . -19.15 -42.07 -16.25
C3 NAG T . -20.68 -42.34 -15.99
C4 NAG T . -20.86 -43.17 -14.65
C5 NAG T . -20.23 -42.33 -13.48
C6 NAG T . -20.27 -43.03 -12.12
C7 NAG T . -18.24 -41.58 -18.54
C8 NAG T . -18.11 -40.64 -19.70
N2 NAG T . -18.97 -41.23 -17.46
O3 NAG T . -21.21 -43.08 -17.09
O4 NAG T . -22.28 -43.36 -14.40
O5 NAG T . -18.80 -42.06 -13.77
O6 NAG T . -19.64 -42.27 -11.09
O7 NAG T . -17.66 -42.68 -18.58
C1 NAG T . -22.70 -44.78 -14.07
C2 NAG T . -24.21 -44.75 -13.60
C3 NAG T . -24.63 -46.21 -13.23
C4 NAG T . -24.43 -47.15 -14.47
C5 NAG T . -22.92 -47.10 -14.92
C6 NAG T . -22.63 -47.92 -16.18
C7 NAG T . -24.98 -42.72 -12.36
C8 NAG T . -25.04 -41.92 -11.09
N2 NAG T . -24.32 -43.88 -12.38
O3 NAG T . -26.02 -46.24 -12.84
O4 NAG T . -24.78 -48.49 -14.13
O5 NAG T . -22.54 -45.69 -15.22
O6 NAG T . -21.23 -48.07 -16.40
O7 NAG T . -25.57 -42.28 -13.38
C1 NAG U . 14.30 -20.02 -19.67
C2 NAG U . 14.12 -18.88 -20.76
C3 NAG U . 13.12 -19.39 -21.85
C4 NAG U . 13.66 -20.72 -22.51
C5 NAG U . 13.88 -21.79 -21.36
C6 NAG U . 14.51 -23.10 -21.82
C7 NAG U . 14.36 -16.67 -19.64
C8 NAG U . 13.74 -15.49 -18.96
N2 NAG U . 13.58 -17.67 -20.09
O3 NAG U . 12.96 -18.38 -22.85
O4 NAG U . 12.62 -21.21 -23.42
O5 NAG U . 14.78 -21.24 -20.32
O6 NAG U . 15.69 -22.93 -22.62
O7 NAG U . 15.61 -16.71 -19.78
C1 NAG U . 13.07 -21.72 -24.78
C2 NAG U . 11.99 -22.77 -25.29
C3 NAG U . 12.47 -23.31 -26.69
C4 NAG U . 12.65 -22.12 -27.69
C5 NAG U . 13.69 -21.11 -27.10
C6 NAG U . 13.88 -19.86 -27.96
C7 NAG U . 10.90 -24.06 -23.45
C8 NAG U . 10.89 -25.24 -22.53
N2 NAG U . 11.90 -23.91 -24.34
O3 NAG U . 11.49 -24.23 -27.21
O4 NAG U . 13.13 -22.62 -28.94
O5 NAG U . 13.24 -20.64 -25.75
O6 NAG U . 12.66 -19.14 -28.17
O7 NAG U . 9.97 -23.24 -23.38
C1 NAG V . 15.13 -42.86 -7.86
C2 NAG V . 14.51 -44.32 -7.79
C3 NAG V . 14.70 -44.88 -6.34
C4 NAG V . 16.22 -44.91 -5.95
C5 NAG V . 16.79 -43.44 -6.09
C6 NAG V . 18.30 -43.30 -5.90
C7 NAG V . 12.58 -44.57 -9.35
C8 NAG V . 11.11 -44.42 -9.65
N2 NAG V . 13.07 -44.23 -8.15
O3 NAG V . 14.18 -46.23 -6.30
O4 NAG V . 16.28 -45.35 -4.56
O5 NAG V . 16.54 -42.93 -7.47
O6 NAG V . 19.06 -44.28 -6.61
O7 NAG V . 13.32 -45.02 -10.25
C1 NAG V . 17.48 -46.19 -4.15
C2 NAG V . 17.76 -45.94 -2.62
C3 NAG V . 19.03 -46.78 -2.21
C4 NAG V . 18.78 -48.30 -2.52
C5 NAG V . 18.47 -48.46 -4.05
C6 NAG V . 18.14 -49.90 -4.45
C7 NAG V . 17.08 -43.64 -1.91
C8 NAG V . 17.40 -42.19 -1.73
N2 NAG V . 18.01 -44.49 -2.40
O3 NAG V . 19.29 -46.61 -0.80
O4 NAG V . 19.95 -49.04 -2.19
O5 NAG V . 17.28 -47.62 -4.41
O6 NAG V . 16.99 -50.42 -3.77
O7 NAG V . 15.94 -44.04 -1.61
C1 NAG W . -40.42 -13.75 -17.68
C2 NAG W . -41.85 -13.13 -17.29
C3 NAG W . -42.39 -13.97 -16.09
C4 NAG W . -42.49 -15.51 -16.44
C5 NAG W . -41.07 -16.00 -16.94
C6 NAG W . -41.03 -17.43 -17.54
C7 NAG W . -41.75 -10.63 -17.67
C8 NAG W . -41.54 -9.25 -17.13
N2 NAG W . -41.67 -11.70 -16.85
O3 NAG W . -43.70 -13.49 -15.76
O4 NAG W . -42.80 -16.08 -15.14
O5 NAG W . -40.58 -15.15 -18.04
O6 NAG W . -40.39 -18.36 -16.68
O7 NAG W . -42.00 -10.77 -18.87
C1 NAG W . -43.33 -17.50 -15.07
C2 NAG W . -43.60 -17.84 -13.55
C3 NAG W . -44.08 -19.33 -13.48
C4 NAG W . -45.37 -19.51 -14.36
C5 NAG W . -45.02 -19.11 -15.85
C6 NAG W . -46.23 -19.19 -16.79
C7 NAG W . -42.00 -16.60 -12.06
C8 NAG W . -40.68 -16.54 -11.35
N2 NAG W . -42.31 -17.69 -12.80
O3 NAG W . -44.39 -19.66 -12.12
O4 NAG W . -45.78 -20.88 -14.32
O5 NAG W . -44.53 -17.70 -15.89
O6 NAG W . -45.83 -19.03 -18.15
O7 NAG W . -42.78 -15.64 -11.96
C1 NAG X . -12.22 -44.84 -19.67
C2 NAG X . -11.87 -45.17 -18.15
C3 NAG X . -10.81 -46.32 -18.14
C4 NAG X . -11.37 -47.58 -18.89
C5 NAG X . -11.77 -47.17 -20.36
C6 NAG X . -12.44 -48.30 -21.14
C7 NAG X . -12.06 -43.01 -16.89
C8 NAG X . -11.42 -41.76 -16.37
N2 NAG X . -11.31 -43.92 -17.55
O3 NAG X . -10.53 -46.72 -16.78
O4 NAG X . -10.27 -48.50 -19.04
O5 NAG X . -12.75 -46.05 -20.33
O6 NAG X . -13.60 -48.81 -20.50
O7 NAG X . -13.28 -43.19 -16.72
C1 NAG X . -10.44 -49.86 -18.40
C2 NAG X . -9.38 -50.84 -19.06
C3 NAG X . -9.55 -52.25 -18.41
C4 NAG X . -9.37 -52.14 -16.86
C5 NAG X . -10.42 -51.12 -16.28
C6 NAG X . -10.25 -50.88 -14.78
C7 NAG X . -8.93 -50.22 -21.43
C8 NAG X . -9.24 -50.36 -22.89
N2 NAG X . -9.62 -50.92 -20.53
O3 NAG X . -8.57 -53.16 -18.95
O4 NAG X . -9.57 -53.44 -16.26
O5 NAG X . -10.27 -49.80 -16.96
O6 NAG X . -8.94 -50.43 -14.42
O7 NAG X . -8.01 -49.44 -21.10
C1 NAG Y . 15.63 21.81 -18.03
C2 NAG Y . 16.08 20.31 -17.71
C3 NAG Y . 16.67 19.68 -19.02
C4 NAG Y . 15.58 19.73 -20.14
C5 NAG Y . 15.17 21.22 -20.39
C6 NAG Y . 14.08 21.36 -21.46
C7 NAG Y . 16.89 19.87 -15.41
C8 NAG Y . 17.96 19.99 -14.36
N2 NAG Y . 17.09 20.37 -16.63
O3 NAG Y . 17.06 18.31 -18.76
O4 NAG Y . 16.11 19.21 -21.40
O5 NAG Y . 14.66 21.81 -19.13
O6 NAG Y . 13.50 22.66 -21.52
O7 NAG Y . 15.82 19.32 -15.10
C1 NAG Y . 15.56 17.87 -21.85
C2 NAG Y . 15.66 17.79 -23.43
C3 NAG Y . 15.08 16.40 -23.87
C4 NAG Y . 15.90 15.24 -23.18
C5 NAG Y . 15.78 15.42 -21.62
C6 NAG Y . 16.60 14.40 -20.83
C7 NAG Y . 15.36 19.86 -24.78
C8 NAG Y . 14.46 20.91 -25.37
N2 NAG Y . 14.84 18.86 -24.04
O3 NAG Y . 15.18 16.31 -25.31
O4 NAG Y . 15.30 13.95 -23.53
O5 NAG Y . 16.27 16.77 -21.22
O6 NAG Y . 18.00 14.45 -21.12
O7 NAG Y . 16.58 19.94 -25.00
C1 BMA Y . 16.10 13.10 -24.47
C2 BMA Y . 15.53 11.64 -24.46
C3 BMA Y . 16.42 10.77 -25.40
C4 BMA Y . 16.39 11.38 -26.83
C5 BMA Y . 16.92 12.84 -26.76
C6 BMA Y . 16.90 13.54 -28.12
O2 BMA Y . 14.16 11.64 -24.88
O3 BMA Y . 15.95 9.40 -25.44
O4 BMA Y . 17.21 10.60 -27.70
O5 BMA Y . 16.10 13.63 -25.82
O6 BMA Y . 15.62 13.44 -28.77
C1 MAN Y . 16.30 8.53 -24.23
C2 MAN Y . 16.48 7.03 -24.67
C3 MAN Y . 15.08 6.48 -25.10
C4 MAN Y . 14.06 6.64 -23.93
C5 MAN Y . 13.96 8.16 -23.55
C6 MAN Y . 13.00 8.47 -22.38
O2 MAN Y . 17.05 6.27 -23.61
O3 MAN Y . 15.21 5.10 -25.49
O4 MAN Y . 12.77 6.16 -24.34
O5 MAN Y . 15.31 8.66 -23.16
O6 MAN Y . 12.19 9.61 -22.69
C1 MAN Y . 15.61 12.70 -30.08
C2 MAN Y . 16.03 13.64 -31.26
C3 MAN Y . 14.90 14.70 -31.46
C4 MAN Y . 13.53 13.99 -31.74
C5 MAN Y . 13.20 13.06 -30.51
C6 MAN Y . 11.90 12.26 -30.69
O2 MAN Y . 16.26 12.88 -32.45
O3 MAN Y . 15.24 15.57 -32.56
O4 MAN Y . 12.50 14.97 -31.89
O5 MAN Y . 14.31 12.08 -30.32
O6 MAN Y . 11.42 11.74 -29.45
C1 NAG Z . 15.53 29.27 -21.07
C2 NAG Z . 14.23 28.39 -21.28
C3 NAG Z . 13.68 28.62 -22.73
C4 NAG Z . 13.36 30.16 -22.91
C5 NAG Z . 14.67 30.99 -22.64
C6 NAG Z . 14.47 32.50 -22.73
C7 NAG Z . 14.34 26.34 -19.86
C8 NAG Z . 14.77 24.92 -19.65
N2 NAG Z . 14.58 26.96 -21.05
O3 NAG Z . 12.51 27.83 -22.93
O4 NAG Z . 12.90 30.44 -24.26
O5 NAG Z . 15.21 30.68 -21.29
O6 NAG Z . 13.60 33.02 -21.72
O7 NAG Z . 13.77 26.93 -18.93
C1 NAG Z . 11.42 30.74 -24.42
C2 NAG Z . 11.21 31.54 -25.77
C3 NAG Z . 9.67 31.83 -25.92
C4 NAG Z . 8.87 30.48 -25.91
C5 NAG Z . 9.16 29.72 -24.56
C6 NAG Z . 8.50 28.35 -24.50
C7 NAG Z . 12.77 33.28 -26.66
C8 NAG Z . 13.47 34.59 -26.49
N2 NAG Z . 11.96 32.83 -25.69
O3 NAG Z . 9.42 32.52 -27.16
O4 NAG Z . 7.46 30.75 -26.03
O5 NAG Z . 10.63 29.52 -24.42
O6 NAG Z . 8.61 27.75 -23.20
O7 NAG Z . 12.94 32.64 -27.71
C1 NAG AA . 24.67 25.46 -25.63
C2 NAG AA . 25.44 26.86 -25.80
C3 NAG AA . 24.65 27.71 -26.85
C4 NAG AA . 24.53 26.94 -28.21
C5 NAG AA . 23.80 25.57 -27.95
C6 NAG AA . 23.70 24.68 -29.19
C7 NAG AA . 26.46 27.59 -23.64
C8 NAG AA . 26.33 28.30 -22.33
N2 NAG AA . 25.42 27.56 -24.50
O3 NAG AA . 25.35 28.95 -27.05
O4 NAG AA . 23.66 27.71 -29.09
O5 NAG AA . 24.57 24.80 -26.94
O6 NAG AA . 22.84 23.56 -28.95
O7 NAG AA . 27.52 27.02 -23.92
C1 NAG AA . 24.31 28.32 -30.31
C2 NAG AA . 23.17 28.77 -31.30
C3 NAG AA . 23.86 29.41 -32.56
C4 NAG AA . 24.77 30.61 -32.12
C5 NAG AA . 25.86 30.08 -31.11
C6 NAG AA . 26.75 31.20 -30.55
C7 NAG AA . 21.20 27.24 -31.15
C8 NAG AA . 20.47 26.02 -31.63
N2 NAG AA . 22.38 27.58 -31.71
O3 NAG AA . 22.85 29.89 -33.46
O4 NAG AA . 25.41 31.17 -33.28
O5 NAG AA . 25.17 29.43 -29.96
O6 NAG AA . 27.93 30.69 -29.93
O7 NAG AA . 20.70 27.93 -30.24
C1 NAG BA . 31.76 2.76 6.09
C2 NAG BA . 31.89 3.50 7.49
C3 NAG BA . 32.21 5.02 7.21
C4 NAG BA . 33.55 5.12 6.39
C5 NAG BA . 33.38 4.32 5.05
C6 NAG BA . 34.66 4.29 4.20
C7 NAG BA . 30.31 2.33 9.01
C8 NAG BA . 28.97 2.24 9.68
N2 NAG BA . 30.59 3.38 8.21
O3 NAG BA . 32.37 5.72 8.47
O4 NAG BA . 33.78 6.51 6.02
O5 NAG BA . 33.02 2.91 5.35
O6 NAG BA . 35.81 3.83 4.92
O7 NAG BA . 31.14 1.41 9.22
C1 NAG BA . 34.97 7.18 6.64
C2 NAG BA . 35.28 8.48 5.80
C3 NAG BA . 36.52 9.21 6.46
C4 NAG BA . 36.21 9.52 7.97
C5 NAG BA . 35.88 8.17 8.72
C6 NAG BA . 35.48 8.36 10.19
C7 NAG BA . 35.06 8.56 3.32
C8 NAG BA . 35.45 8.05 1.96
N2 NAG BA . 35.63 8.06 4.41
O3 NAG BA . 36.79 10.43 5.76
O4 NAG BA . 37.33 10.16 8.57
O5 NAG BA . 34.73 7.51 8.04
O6 NAG BA . 35.67 7.16 10.94
O7 NAG BA . 34.18 9.45 3.39
C1 NAG CA . 29.58 5.00 -29.25
C2 NAG CA . 28.80 5.92 -30.30
C3 NAG CA . 27.80 4.99 -31.11
C4 NAG CA . 28.60 3.86 -31.83
C5 NAG CA . 29.41 3.04 -30.75
C6 NAG CA . 30.30 1.95 -31.35
C7 NAG CA . 28.47 8.18 -29.31
C8 NAG CA . 27.60 9.15 -28.58
N2 NAG CA . 28.00 6.95 -29.58
O3 NAG CA . 27.12 5.78 -32.12
O4 NAG CA . 27.67 2.95 -32.46
O5 NAG CA . 30.29 3.94 -29.98
O6 NAG CA . 31.19 2.44 -32.35
O7 NAG CA . 29.61 8.54 -29.65
C1 NAG CA . 27.72 2.85 -33.96
C2 NAG CA . 27.07 1.47 -34.39
C3 NAG CA . 27.17 1.37 -35.96
C4 NAG CA . 26.42 2.58 -36.61
C5 NAG CA . 27.10 3.92 -36.11
C6 NAG CA . 26.38 5.18 -36.63
C7 NAG CA . 27.32 -0.47 -32.84
C8 NAG CA . 28.17 -1.54 -32.21
N2 NAG CA . 27.85 0.38 -33.74
O3 NAG CA . 26.55 0.14 -36.39
O4 NAG CA . 26.52 2.50 -38.04
O5 NAG CA . 27.05 3.97 -34.61
O6 NAG CA . 27.13 6.36 -36.36
O7 NAG CA . 26.13 -0.39 -32.49
C1 NAG DA . -13.90 47.87 -4.58
C2 NAG DA . -15.37 47.42 -5.00
C3 NAG DA . -15.91 48.46 -6.05
C4 NAG DA . -15.93 49.90 -5.38
C5 NAG DA . -14.46 50.27 -4.98
C6 NAG DA . -14.35 51.64 -4.29
C7 NAG DA . -16.03 45.00 -5.09
C8 NAG DA . -15.92 43.62 -5.69
N2 NAG DA . -15.29 46.03 -5.57
O3 NAG DA . -17.23 48.11 -6.51
O4 NAG DA . -16.45 50.91 -6.31
O5 NAG DA . -13.95 49.24 -4.03
O6 NAG DA . -13.01 51.97 -3.93
O7 NAG DA . -16.84 45.16 -4.16
C1 NAG DA . -17.94 51.25 -6.21
C2 NAG DA . -18.11 52.83 -6.10
C3 NAG DA . -19.66 53.12 -6.03
C4 NAG DA . -20.39 52.52 -7.28
C5 NAG DA . -20.13 50.97 -7.32
C6 NAG DA . -20.71 50.31 -8.57
C7 NAG DA . -16.82 54.50 -4.78
C8 NAG DA . -16.16 54.92 -3.49
N2 NAG DA . -17.43 53.31 -4.87
O3 NAG DA . -19.89 54.55 -5.99
O4 NAG DA . -21.80 52.78 -7.18
O5 NAG DA . -18.66 50.70 -7.34
O6 NAG DA . -20.09 50.74 -9.78
O7 NAG DA . -16.78 55.28 -5.75
C1 NAG EA . -2.37 42.71 -10.70
C2 NAG EA . -3.15 44.02 -11.17
C3 NAG EA . -3.73 43.73 -12.60
C4 NAG EA . -2.59 43.36 -13.62
C5 NAG EA . -1.81 42.11 -13.03
C6 NAG EA . -0.56 41.67 -13.82
C7 NAG EA . -4.17 45.01 -9.11
C8 NAG EA . -5.34 45.18 -8.19
N2 NAG EA . -4.28 44.26 -10.22
O3 NAG EA . -4.42 44.91 -13.07
O4 NAG EA . -3.26 42.96 -14.86
O5 NAG EA . -1.30 42.41 -11.67
O6 NAG EA . -0.89 40.84 -14.93
O7 NAG EA . -3.11 45.58 -8.82
C1 NAG EA . -2.61 43.36 -16.17
C2 NAG EA . -3.32 42.58 -17.34
C3 NAG EA . -2.61 42.97 -18.69
C4 NAG EA . -2.69 44.52 -18.90
C5 NAG EA . -1.99 45.23 -17.68
C6 NAG EA . -2.07 46.76 -17.75
C7 NAG EA . -4.21 40.26 -17.06
C8 NAG EA . -3.94 38.79 -16.81
N2 NAG EA . -3.17 41.11 -17.11
O3 NAG EA . -3.27 42.31 -19.79
O4 NAG EA . -2.02 44.87 -20.12
O5 NAG EA . -2.66 44.80 -16.41
O6 NAG EA . -1.26 47.38 -16.76
O7 NAG EA . -5.38 40.64 -17.20
C1 NAG FA . 33.21 23.94 -23.21
C2 NAG FA . 32.66 22.84 -24.22
C3 NAG FA . 33.87 22.00 -24.74
C4 NAG FA . 34.93 22.94 -25.42
C5 NAG FA . 35.38 24.03 -24.38
C6 NAG FA . 36.36 25.06 -24.97
C7 NAG FA . 30.37 22.16 -23.49
C8 NAG FA . 29.46 21.28 -22.68
N2 NAG FA . 31.71 21.98 -23.46
O3 NAG FA . 33.40 21.05 -25.72
O4 NAG FA . 36.10 22.16 -25.76
O5 NAG FA . 34.20 24.78 -23.90
O6 NAG FA . 35.78 25.82 -26.01
O7 NAG FA . 29.86 23.05 -24.19
C1 NAG FA . 36.43 22.06 -27.22
C2 NAG FA . 37.89 21.46 -27.36
C3 NAG FA . 38.22 21.32 -28.89
C4 NAG FA . 37.13 20.43 -29.59
C5 NAG FA . 35.71 21.09 -29.39
C6 NAG FA . 34.57 20.26 -29.98
C7 NAG FA . 39.33 22.26 -25.48
C8 NAG FA . 40.30 23.27 -24.94
N2 NAG FA . 38.85 22.40 -26.72
O3 NAG FA . 39.51 20.71 -29.04
O4 NAG FA . 37.43 20.33 -30.99
O5 NAG FA . 35.45 21.23 -27.93
O6 NAG FA . 33.36 21.03 -30.06
O7 NAG FA . 39.00 21.29 -24.77
C1 NAG GA . 36.28 -16.30 -7.18
C2 NAG GA . 37.59 -15.42 -7.33
C3 NAG GA . 38.81 -16.38 -7.54
C4 NAG GA . 38.92 -17.40 -6.35
C5 NAG GA . 37.58 -18.20 -6.25
C6 NAG GA . 37.54 -19.16 -5.06
C7 NAG GA . 37.05 -13.30 -8.53
C8 NAG GA . 36.94 -12.54 -9.83
N2 NAG GA . 37.45 -14.57 -8.54
O3 NAG GA . 40.03 -15.60 -7.59
O4 NAG GA . 39.97 -18.34 -6.69
O5 NAG GA . 36.45 -17.26 -6.08
O6 NAG GA . 36.47 -20.10 -5.18
O7 NAG GA . 36.75 -12.73 -7.47
C1 NAG GA . 41.15 -18.42 -5.76
C2 NAG GA . 41.91 -19.79 -6.05
C3 NAG GA . 43.12 -19.88 -5.06
C4 NAG GA . 44.07 -18.64 -5.27
C5 NAG GA . 43.23 -17.32 -5.02
C6 NAG GA . 44.04 -16.04 -5.27
C7 NAG GA . 40.31 -21.56 -6.79
C8 NAG GA . 39.37 -22.69 -6.45
N2 NAG GA . 40.97 -20.92 -5.81
O3 NAG GA . 43.87 -21.09 -5.33
O4 NAG GA . 45.15 -18.71 -4.34
O5 NAG GA . 42.05 -17.29 -5.93
O6 NAG GA . 44.59 -15.97 -6.59
O7 NAG GA . 40.45 -21.23 -7.99
C1 NAG HA . 34.62 -22.45 11.54
C2 NAG HA . 34.78 -22.89 13.06
C3 NAG HA . 36.14 -23.67 13.20
C4 NAG HA . 36.14 -24.91 12.26
C5 NAG HA . 35.94 -24.41 10.78
C6 NAG HA . 35.84 -25.56 9.76
C7 NAG HA . 34.06 -21.57 15.06
C8 NAG HA . 34.14 -20.33 15.90
N2 NAG HA . 34.79 -21.68 13.94
O3 NAG HA . 36.31 -24.09 14.58
O4 NAG HA . 37.39 -25.59 12.39
O5 NAG HA . 34.66 -23.65 10.68
O6 NAG HA . 37.14 -25.90 9.24
O7 NAG HA . 33.31 -22.50 15.41
C1 NAG IA . -20.73 -24.06 37.16
C2 NAG IA . -21.63 -24.73 36.12
C3 NAG IA . -22.47 -25.80 36.79
C4 NAG IA . -21.58 -26.79 37.52
C5 NAG IA . -20.68 -26.04 38.51
C6 NAG IA . -19.69 -26.94 39.21
C7 NAG IA . -23.47 -23.14 36.09
C8 NAG IA . -23.18 -21.75 36.59
N2 NAG IA . -22.48 -23.76 35.46
O3 NAG IA . -23.27 -26.46 35.81
O4 NAG IA . -22.38 -27.71 38.24
O5 NAG IA . -19.92 -25.02 37.83
O6 NAG IA . -18.57 -27.23 38.37
O7 NAG IA . -24.57 -23.66 36.27
C1 NAG JA . 10.83 -24.64 42.57
C2 NAG JA . 10.52 -25.42 41.20
C3 NAG JA . 10.24 -26.93 41.56
C4 NAG JA . 11.47 -27.55 42.31
C5 NAG JA . 11.72 -26.72 43.62
C6 NAG JA . 12.95 -27.20 44.42
C7 NAG JA . 9.30 -24.00 39.53
C8 NAG JA . 8.01 -23.46 38.98
N2 NAG JA . 9.30 -24.84 40.58
O3 NAG JA . 10.00 -27.66 40.34
O4 NAG JA . 11.21 -28.92 42.63
O5 NAG JA . 11.96 -25.30 43.26
O6 NAG JA . 12.72 -28.41 45.11
O7 NAG JA . 10.37 -23.65 39.00
C1 NAG KA . 5.89 -28.36 43.01
C2 NAG KA . 6.53 -28.77 41.62
C3 NAG KA . 6.86 -30.30 41.65
C4 NAG KA . 7.88 -30.57 42.82
C5 NAG KA . 7.24 -30.09 44.18
C6 NAG KA . 8.22 -30.23 45.36
C7 NAG KA . 5.96 -27.73 39.44
C8 NAG KA . 4.92 -27.33 38.42
N2 NAG KA . 5.58 -28.36 40.56
O3 NAG KA . 7.44 -30.70 40.39
O4 NAG KA . 8.17 -31.98 42.88
O5 NAG KA . 6.87 -28.65 44.08
O6 NAG KA . 9.44 -29.51 45.17
O7 NAG KA . 7.15 -27.45 39.20
C1 NAG LA . 27.86 -29.43 31.72
C2 NAG LA . 28.45 -30.88 32.04
C3 NAG LA . 27.27 -31.91 31.99
C4 NAG LA . 26.16 -31.51 33.02
C5 NAG LA . 25.65 -30.06 32.68
C6 NAG LA . 24.63 -29.53 33.69
C7 NAG LA . 30.80 -31.07 31.24
C8 NAG LA . 31.78 -31.41 30.15
N2 NAG LA . 29.48 -31.21 31.02
O3 NAG LA . 27.76 -33.22 32.31
O4 NAG LA . 25.08 -32.43 32.94
O5 NAG LA . 26.80 -29.11 32.69
O6 NAG LA . 23.94 -28.39 33.19
O7 NAG LA . 31.24 -30.64 32.32
C1 NAG MA . 30.64 -3.23 35.82
C2 NAG MA . 30.15 -1.97 36.69
C3 NAG MA . 30.71 -0.66 36.03
C4 NAG MA . 32.28 -0.72 35.97
C5 NAG MA . 32.71 -1.99 35.13
C6 NAG MA . 34.22 -2.22 35.08
C7 NAG MA . 27.90 -2.35 37.68
C8 NAG MA . 26.41 -2.26 37.57
N2 NAG MA . 28.66 -1.92 36.67
O3 NAG MA . 30.32 0.47 36.83
O4 NAG MA . 32.78 0.46 35.34
O5 NAG MA . 32.12 -3.21 35.76
O6 NAG MA . 34.89 -1.29 34.23
O7 NAG MA . 28.40 -2.85 38.70
C1 NAG NA . -7.68 -4.33 53.71
C2 NAG NA . -7.81 -3.07 54.67
C3 NAG NA . -7.67 -3.56 56.15
C4 NAG NA . -8.81 -4.60 56.47
C5 NAG NA . -8.68 -5.80 55.48
C6 NAG NA . -9.82 -6.83 55.63
C7 NAG NA . -6.95 -0.93 53.75
C8 NAG NA . -5.79 -0.05 53.38
N2 NAG NA . -6.72 -2.13 54.30
O3 NAG NA . -7.81 -2.40 57.01
O4 NAG NA . -8.65 -5.06 57.82
O5 NAG NA . -8.71 -5.32 54.06
O6 NAG NA . -10.88 -6.66 54.69
O7 NAG NA . -8.11 -0.53 53.53
C1 NAG OA . 1.17 -16.89 59.56
C2 NAG OA . 2.37 -16.62 60.57
C3 NAG OA . 2.44 -17.82 61.57
C4 NAG OA . 1.07 -17.94 62.34
C5 NAG OA . -0.10 -18.14 61.31
C6 NAG OA . -1.47 -18.17 61.97
C7 NAG OA . 4.14 -15.24 59.45
C8 NAG OA . 5.40 -15.11 58.63
N2 NAG OA . 3.63 -16.46 59.78
O3 NAG OA . 3.51 -17.58 62.52
O4 NAG OA . 1.13 -19.06 63.22
O5 NAG OA . -0.11 -17.01 60.32
O6 NAG OA . -2.52 -18.39 61.01
O7 NAG OA . 3.58 -14.19 59.81
C1 NAG PA . -20.17 -19.19 59.58
C2 NAG PA . -20.57 -17.69 59.94
C3 NAG PA . -21.92 -17.70 60.74
C4 NAG PA . -23.02 -18.40 59.88
C5 NAG PA . -22.58 -19.86 59.52
C6 NAG PA . -23.56 -20.59 58.59
C7 NAG PA . -19.09 -15.81 60.64
C8 NAG PA . -17.97 -15.29 61.49
N2 NAG PA . -19.47 -17.09 60.75
O3 NAG PA . -22.33 -16.34 61.03
O4 NAG PA . -24.24 -18.45 60.62
O5 NAG PA . -21.26 -19.81 58.80
O6 NAG PA . -23.34 -21.99 58.57
O7 NAG PA . -19.66 -15.03 59.85
C1 NAG QA . 6.72 -26.25 52.65
C2 NAG QA . 7.60 -27.19 51.68
C3 NAG QA . 8.09 -28.43 52.52
C4 NAG QA . 8.94 -27.94 53.74
C5 NAG QA . 8.07 -26.97 54.62
C6 NAG QA . 8.87 -26.36 55.78
C7 NAG QA . 7.08 -27.45 49.26
C8 NAG QA . 6.14 -27.90 48.17
N2 NAG QA . 6.74 -27.62 50.54
O3 NAG QA . 8.89 -29.29 51.69
O4 NAG QA . 9.35 -29.06 54.52
O5 NAG QA . 7.57 -25.84 53.79
O6 NAG QA . 8.03 -25.60 56.65
O7 NAG QA . 8.15 -26.92 48.93
C1 NAG RA . -41.11 -8.70 22.53
C2 NAG RA . -41.51 -8.46 24.05
C3 NAG RA . -40.71 -9.46 24.94
C4 NAG RA . -41.03 -10.94 24.49
C5 NAG RA . -40.65 -11.11 22.98
C6 NAG RA . -41.01 -12.50 22.41
C7 NAG RA . -42.12 -6.09 24.61
C8 NAG RA . -41.72 -4.68 24.92
N2 NAG RA . -41.18 -7.04 24.39
O3 NAG RA . -41.09 -9.30 26.32
O4 NAG RA . -40.26 -11.86 25.28
O5 NAG RA . -41.41 -10.10 22.16
O6 NAG RA . -40.51 -12.68 21.10
O7 NAG RA . -43.33 -6.37 24.55
C1 NAG SA . -54.74 4.97 35.86
C2 NAG SA . -54.33 5.29 37.38
C3 NAG SA . -54.97 4.19 38.30
C4 NAG SA . -56.53 4.20 38.12
C5 NAG SA . -56.87 3.92 36.61
C6 NAG SA . -58.38 3.99 36.31
C7 NAG SA . -52.07 6.36 37.65
C8 NAG SA . -50.58 6.22 37.73
N2 NAG SA . -52.83 5.25 37.49
O3 NAG SA . -54.64 4.49 39.67
O4 NAG SA . -57.10 3.18 38.94
O5 NAG SA . -56.21 4.96 35.76
O6 NAG SA . -58.66 3.56 34.98
O7 NAG SA . -52.59 7.49 37.73
C1 NAG TA . -53.84 -1.42 17.78
C2 NAG TA . -54.49 -0.67 16.54
C3 NAG TA . -55.63 -1.58 15.96
C4 NAG TA . -55.02 -2.98 15.55
C5 NAG TA . -54.35 -3.64 16.82
C6 NAG TA . -53.66 -4.97 16.49
C7 NAG TA . -54.33 1.84 16.82
C8 NAG TA . -54.82 3.13 17.42
N2 NAG TA . -54.97 0.66 17.06
O3 NAG TA . -56.20 -0.94 14.81
O4 NAG TA . -56.07 -3.82 15.07
O5 NAG TA . -53.29 -2.73 17.36
O6 NAG TA . -53.23 -5.64 17.68
O7 NAG TA . -53.30 1.88 16.13
C1 NAG UA . 26.47 -32.42 -3.41
C2 NAG UA . 26.14 -32.90 -4.90
C3 NAG UA . 27.30 -33.81 -5.42
C4 NAG UA . 28.65 -33.03 -5.38
C5 NAG UA . 28.93 -32.60 -3.90
C6 NAG UA . 30.27 -31.83 -3.71
C7 NAG UA . 23.86 -33.56 -5.62
C8 NAG UA . 22.73 -34.54 -5.51
N2 NAG UA . 24.94 -33.76 -4.87
O3 NAG UA . 27.03 -34.19 -6.78
O4 NAG UA . 29.68 -33.87 -5.90
O5 NAG UA . 27.80 -31.75 -3.42
O6 NAG UA . 31.24 -32.55 -2.91
O7 NAG UA . 23.77 -32.59 -6.40
C1 NAG VA . -18.88 -7.57 -38.02
C2 NAG VA . -18.89 -5.98 -37.87
C3 NAG VA . -18.79 -5.35 -39.31
C4 NAG VA . -17.47 -5.84 -40.01
C5 NAG VA . -17.49 -7.40 -40.10
C6 NAG VA . -16.19 -8.01 -40.63
C7 NAG VA . -20.22 -4.81 -36.13
C8 NAG VA . -21.56 -4.48 -35.54
N2 NAG VA . -20.17 -5.60 -37.21
O3 NAG VA . -18.78 -3.92 -39.20
O4 NAG VA . -17.41 -5.26 -41.32
O5 NAG VA . -17.64 -7.97 -38.74
O6 NAG VA . -15.92 -7.64 -41.97
O7 NAG VA . -19.20 -4.35 -35.60
C1 NAG WA . -3.23 -34.82 -29.62
C2 NAG WA . -1.88 -33.97 -29.56
C3 NAG WA . -1.24 -33.95 -30.98
C4 NAG WA . -0.97 -35.40 -31.50
C5 NAG WA . -2.33 -36.18 -31.52
C6 NAG WA . -2.17 -37.64 -31.95
C7 NAG WA . -2.15 -32.09 -27.93
C8 NAG WA . -2.51 -30.65 -27.63
N2 NAG WA . -2.20 -32.56 -29.18
O3 NAG WA . 0.00 -33.23 -30.93
O4 NAG WA . -0.42 -35.36 -32.81
O5 NAG WA . -2.93 -36.16 -30.16
O6 NAG WA . -3.43 -38.21 -32.29
O7 NAG WA . -1.82 -32.85 -26.98
C1 NAG XA . -3.47 -31.44 -34.71
C2 NAG XA . -2.10 -31.14 -33.97
C3 NAG XA . -0.91 -31.38 -34.97
C4 NAG XA . -0.93 -32.88 -35.45
C5 NAG XA . -2.31 -33.18 -36.11
C6 NAG XA . -2.45 -34.66 -36.50
C7 NAG XA . -2.23 -29.47 -32.13
C8 NAG XA . -2.13 -28.05 -31.64
N2 NAG XA . -2.04 -29.75 -33.43
O3 NAG XA . 0.34 -31.12 -34.31
O4 NAG XA . 0.13 -33.09 -36.38
O5 NAG XA . -3.43 -32.86 -35.18
O6 NAG XA . -2.35 -35.57 -35.39
O7 NAG XA . -2.50 -30.37 -31.30
C1 NAG YA . -28.97 -10.01 -31.45
C2 NAG YA . -27.78 -10.01 -32.51
C3 NAG YA . -27.72 -8.61 -33.21
C4 NAG YA . -29.09 -8.33 -33.92
C5 NAG YA . -30.24 -8.38 -32.84
C6 NAG YA . -31.63 -8.19 -33.45
C7 NAG YA . -25.93 -11.50 -31.73
C8 NAG YA . -24.65 -11.72 -31.00
N2 NAG YA . -26.49 -10.27 -31.82
O3 NAG YA . -26.67 -8.61 -34.19
O4 NAG YA . -29.04 -7.03 -34.51
O5 NAG YA . -30.22 -9.71 -32.16
O6 NAG YA . -32.61 -8.00 -32.44
O7 NAG YA . -26.49 -12.48 -32.26
C1 NAG ZA . 15.24 -40.26 -21.80
C2 NAG ZA . 16.63 -40.92 -22.23
C3 NAG ZA . 17.22 -40.10 -23.44
C4 NAG ZA . 16.19 -40.12 -24.62
C5 NAG ZA . 14.82 -39.51 -24.13
C6 NAG ZA . 13.73 -39.55 -25.21
C7 NAG ZA . 17.84 -41.91 -20.26
C8 NAG ZA . 18.78 -41.73 -19.10
N2 NAG ZA . 17.58 -40.85 -21.07
O3 NAG ZA . 18.45 -40.71 -23.87
O4 NAG ZA . 16.70 -39.36 -25.71
O5 NAG ZA . 14.33 -40.29 -22.96
O6 NAG ZA . 12.57 -38.83 -24.81
O7 NAG ZA . 17.32 -43.01 -20.46
C1 NAG AB . -1.74 -46.78 -2.15
C2 NAG AB . -3.29 -47.12 -1.93
C3 NAG AB . -3.55 -47.32 -0.39
C4 NAG AB . -2.63 -48.46 0.16
C5 NAG AB . -1.13 -48.10 -0.12
C6 NAG AB . -0.15 -49.20 0.30
C7 NAG AB . -4.75 -46.04 -3.63
C8 NAG AB . -5.56 -44.85 -4.05
N2 NAG AB . -4.13 -46.00 -2.44
O3 NAG AB . -4.93 -47.67 -0.18
O4 NAG AB . -2.85 -48.60 1.57
O5 NAG AB . -0.95 -47.89 -1.58
O6 NAG AB . 0.04 -49.26 1.71
O7 NAG AB . -4.67 -47.02 -4.38
C1 NAG BB . -31.69 -28.72 -26.26
C2 NAG BB . -32.94 -29.57 -26.06
C3 NAG BB . -32.92 -30.71 -27.08
C4 NAG BB . -32.78 -30.16 -28.49
C5 NAG BB . -31.53 -29.28 -28.58
C6 NAG BB . -31.38 -28.61 -29.92
C7 NAG BB . -33.47 -29.37 -23.68
C8 NAG BB . -34.74 -28.60 -23.90
N2 NAG BB . -33.04 -30.10 -24.71
O3 NAG BB . -34.11 -31.48 -26.95
O4 NAG BB . -32.66 -31.25 -29.41
O5 NAG BB . -31.58 -28.24 -27.59
O6 NAG BB . -31.21 -29.56 -30.98
O7 NAG BB . -32.86 -29.33 -22.62
C1 NAG CB . -22.73 -38.85 -35.51
C2 NAG CB . -22.78 -40.45 -35.43
C3 NAG CB . -22.57 -41.01 -36.88
C4 NAG CB . -23.69 -40.46 -37.82
C5 NAG CB . -23.67 -38.89 -37.82
C6 NAG CB . -24.78 -38.26 -38.64
C7 NAG CB . -22.00 -41.23 -33.17
C8 NAG CB . -20.92 -41.67 -32.22
N2 NAG CB . -21.72 -40.91 -34.46
O3 NAG CB . -22.63 -42.46 -36.84
O4 NAG CB . -23.48 -40.94 -39.15
O5 NAG CB . -23.81 -38.39 -36.42
O6 NAG CB . -24.69 -36.84 -38.67
O7 NAG CB . -23.16 -41.17 -32.75
C1 NAG DB . -33.39 -23.41 -45.27
C2 NAG DB . -33.86 -23.83 -43.88
C3 NAG DB . -35.14 -23.08 -43.53
C4 NAG DB . -34.91 -21.57 -43.65
C5 NAG DB . -34.39 -21.25 -45.04
C6 NAG DB . -34.03 -19.78 -45.19
C7 NAG DB . -33.47 -26.02 -42.87
C8 NAG DB . -34.38 -26.78 -41.95
N2 NAG DB . -34.07 -25.26 -43.79
O3 NAG DB . -35.55 -23.43 -42.22
O4 NAG DB . -36.14 -20.89 -43.42
O5 NAG DB . -33.20 -22.00 -45.34
O6 NAG DB . -33.50 -19.52 -46.48
O7 NAG DB . -32.25 -26.08 -42.78
C1 NAG EB . -8.77 -37.73 -37.10
C2 NAG EB . -9.48 -39.10 -36.75
C3 NAG EB . -8.79 -40.25 -37.56
C4 NAG EB . -8.89 -39.93 -39.09
C5 NAG EB . -8.21 -38.54 -39.38
C6 NAG EB . -8.33 -38.10 -40.85
C7 NAG EB . -10.40 -39.25 -34.44
C8 NAG EB . -10.18 -39.43 -32.97
N2 NAG EB . -9.36 -39.30 -35.29
O3 NAG EB . -9.46 -41.50 -37.28
O4 NAG EB . -8.21 -40.96 -39.83
O5 NAG EB . -8.87 -37.48 -38.56
O6 NAG EB . -7.49 -36.99 -41.14
O7 NAG EB . -11.56 -39.06 -34.85
C1 NAG FB . -29.82 16.53 -25.90
C2 NAG FB . -28.57 16.73 -26.76
C3 NAG FB . -28.84 16.23 -28.19
C4 NAG FB . -29.32 14.79 -28.17
C5 NAG FB . -30.54 14.66 -27.25
C6 NAG FB . -31.02 13.24 -27.08
C7 NAG FB . -27.23 18.62 -25.98
C8 NAG FB . -27.64 19.82 -25.18
N2 NAG FB . -28.17 18.12 -26.79
O3 NAG FB . -27.65 16.36 -28.96
O4 NAG FB . -29.63 14.35 -29.50
O5 NAG FB . -30.25 15.16 -25.93
O6 NAG FB . -32.17 13.17 -26.26
O7 NAG FB . -26.11 18.13 -25.88
C1 NAG GB . -53.42 17.02 -25.61
C2 NAG GB . -54.90 16.97 -25.26
C3 NAG GB . -55.58 15.86 -26.07
C4 NAG GB . -55.34 16.09 -27.56
C5 NAG GB . -53.84 16.17 -27.82
C6 NAG GB . -53.50 16.49 -29.26
C7 NAG GB . -55.68 17.72 -23.08
C8 NAG GB . -57.17 17.67 -22.95
N2 NAG GB . -55.12 16.78 -23.86
O3 NAG GB . -56.96 15.86 -25.78
O4 NAG GB . -55.87 14.99 -28.29
O5 NAG GB . -53.24 17.20 -27.01
O6 NAG GB . -52.22 15.99 -29.61
O7 NAG GB . -55.01 18.58 -22.52
C1 NAG HB . -37.61 29.26 -23.30
C2 NAG HB . -37.67 30.53 -22.35
C3 NAG HB . -37.42 31.81 -23.21
C4 NAG HB . -36.02 31.67 -23.95
C5 NAG HB . -36.02 30.37 -24.83
C6 NAG HB . -34.68 30.12 -25.53
C7 NAG HB . -39.24 30.10 -20.41
C8 NAG HB . -40.61 30.06 -19.80
N2 NAG HB . -39.03 30.52 -21.68
O3 NAG HB . -37.41 32.96 -22.36
O4 NAG HB . -35.81 32.82 -24.76
O5 NAG HB . -36.31 29.18 -23.98
O6 NAG HB . -34.81 29.17 -26.58
O7 NAG HB . -38.29 29.72 -19.69
C1 NAG IB . 17.28 39.23 12.21
C2 NAG IB . 16.21 39.07 13.38
C3 NAG IB . 16.69 39.91 14.62
C4 NAG IB . 18.10 39.40 15.08
C5 NAG IB . 19.10 39.54 13.88
C6 NAG IB . 20.50 38.97 14.17
C7 NAG IB . 13.74 38.94 13.09
C8 NAG IB . 12.48 39.52 12.54
N2 NAG IB . 14.91 39.58 12.89
O3 NAG IB . 15.76 39.77 15.71
O4 NAG IB . 18.57 40.20 16.17
O5 NAG IB . 18.59 38.79 12.71
O6 NAG IB . 20.47 37.63 14.65
O7 NAG IB . 13.69 37.89 13.75
C1 NAG JB . 37.84 23.00 -7.38
C2 NAG JB . 37.84 22.61 -5.84
C3 NAG JB . 39.16 23.12 -5.17
C4 NAG JB . 40.42 22.58 -5.93
C5 NAG JB . 40.34 23.03 -7.42
C6 NAG JB . 41.51 22.52 -8.27
C7 NAG JB . 35.54 22.82 -4.85
C8 NAG JB . 34.49 23.69 -4.21
N2 NAG JB . 36.72 23.35 -5.19
O3 NAG JB . 39.23 22.56 -3.84
O4 NAG JB . 41.62 23.07 -5.32
O5 NAG JB . 39.08 22.51 -8.02
O6 NAG JB . 41.55 23.18 -9.53
O7 NAG JB . 35.29 21.63 -5.08
C1 NAG KB . 38.31 26.78 -2.34
C2 NAG KB . 38.35 25.27 -1.88
C3 NAG KB . 39.70 24.99 -1.12
C4 NAG KB . 40.91 25.31 -2.08
C5 NAG KB . 40.80 26.79 -2.56
C6 NAG KB . 41.87 27.14 -3.61
C7 NAG KB . 36.51 23.78 -1.09
C8 NAG KB . 35.31 23.52 -0.24
N2 NAG KB . 37.15 24.97 -1.05
O3 NAG KB . 39.77 23.61 -0.74
O4 NAG KB . 42.13 25.11 -1.36
O5 NAG KB . 39.48 27.04 -3.20
O6 NAG KB . 42.00 26.16 -4.65
O7 NAG KB . 36.92 22.86 -1.84
C1 NAG LB . 9.49 43.02 3.00
C2 NAG LB . 10.53 42.55 4.11
C3 NAG LB . 10.01 43.02 5.51
C4 NAG LB . 9.83 44.58 5.52
C5 NAG LB . 8.81 44.98 4.39
C6 NAG LB . 8.62 46.49 4.27
C7 NAG LB . 11.59 40.37 3.48
C8 NAG LB . 11.55 38.87 3.48
N2 NAG LB . 10.61 41.06 4.08
O3 NAG LB . 10.99 42.66 6.51
O4 NAG LB . 9.32 44.97 6.80
O5 NAG LB . 9.33 44.49 3.07
O6 NAG LB . 7.56 46.81 3.37
O7 NAG LB . 12.54 40.96 2.91
C1 NAG MB . 45.63 4.84 -8.60
C2 NAG MB . 46.94 4.64 -7.84
C3 NAG MB . 46.86 5.32 -6.49
C4 NAG MB . 46.49 6.79 -6.66
C5 NAG MB . 45.19 6.91 -7.45
C6 NAG MB . 44.82 8.33 -7.76
C7 NAG MB . 48.20 2.63 -8.45
C8 NAG MB . 47.85 1.26 -8.92
N2 NAG MB . 47.28 3.24 -7.70
O3 NAG MB . 48.10 5.19 -5.81
O4 NAG MB . 46.30 7.38 -5.38
O5 NAG MB . 45.32 6.22 -8.72
O6 NAG MB . 45.68 8.89 -8.75
O7 NAG MB . 49.25 3.18 -8.75
C1 NAG NB . 16.14 42.55 -15.09
C2 NAG NB . 15.57 43.28 -16.38
C3 NAG NB . 16.54 44.44 -16.77
C4 NAG NB . 16.69 45.43 -15.56
C5 NAG NB . 17.24 44.64 -14.32
C6 NAG NB . 17.32 45.48 -13.04
C7 NAG NB . 14.34 41.76 -17.92
C8 NAG NB . 14.34 40.68 -18.96
N2 NAG NB . 15.49 42.24 -17.44
O3 NAG NB . 16.00 45.14 -17.91
O4 NAG NB . 17.60 46.47 -15.91
O5 NAG NB . 16.33 43.51 -14.01
O6 NAG NB . 16.06 46.00 -12.58
O7 NAG NB . 13.24 42.17 -17.51
C1 NAG OB . 32.42 42.76 -14.80
C2 NAG OB . 33.44 43.15 -15.96
C3 NAG OB . 34.43 44.25 -15.43
C4 NAG OB . 33.61 45.51 -14.96
C5 NAG OB . 32.57 45.07 -13.85
C6 NAG OB . 31.69 46.23 -13.40
C7 NAG OB . 34.47 41.64 -17.64
C8 NAG OB . 35.21 40.38 -17.96
N2 NAG OB . 34.18 41.93 -16.37
O3 NAG OB . 35.34 44.64 -16.47
O4 NAG OB . 34.50 46.47 -14.43
O5 NAG OB . 31.69 43.98 -14.38
O6 NAG OB . 30.85 46.74 -14.42
O7 NAG OB . 34.13 42.39 -18.57
C1 NAG PB . 22.70 54.52 -2.08
C2 NAG PB . 22.05 54.65 -3.45
C3 NAG PB . 20.69 55.33 -3.32
C4 NAG PB . 19.83 54.58 -2.32
C5 NAG PB . 20.56 54.46 -0.98
C6 NAG PB . 19.81 53.62 0.03
C7 NAG PB . 23.54 54.79 -5.39
C8 NAG PB . 22.69 54.37 -6.55
N2 NAG PB . 22.89 55.38 -4.38
O3 NAG PB . 20.06 55.40 -4.59
O4 NAG PB . 18.62 55.29 -2.11
O5 NAG PB . 21.85 53.83 -1.17
O6 NAG PB . 19.40 54.41 1.14
O7 NAG PB . 24.75 54.61 -5.36
C1 NAG QB . 40.51 33.50 -9.28
C2 NAG QB . 41.01 31.97 -9.23
C3 NAG QB . 42.56 31.96 -9.04
C4 NAG QB . 43.24 32.71 -10.23
C5 NAG QB . 42.69 34.19 -10.29
C6 NAG QB . 43.20 34.97 -11.50
C7 NAG QB . 39.47 30.26 -8.26
C8 NAG QB . 38.80 29.64 -7.07
N2 NAG QB . 40.34 31.28 -8.10
O3 NAG QB . 43.03 30.59 -9.03
O4 NAG QB . 44.66 32.73 -10.03
O5 NAG QB . 41.20 34.16 -10.40
O6 NAG QB . 44.60 35.26 -11.43
O7 NAG QB . 39.19 29.84 -9.40
C1 NAG RB . -9.69 38.44 21.66
C2 NAG RB . -9.41 39.86 20.98
C3 NAG RB . -7.87 39.99 20.71
C4 NAG RB . -7.08 39.83 22.08
C5 NAG RB . -7.44 38.44 22.71
C6 NAG RB . -6.78 38.23 24.09
C7 NAG RB . -11.38 40.57 19.60
C8 NAG RB . -12.14 40.60 18.31
N2 NAG RB . -10.19 39.94 19.71
O3 NAG RB . -7.58 41.28 20.14
O4 NAG RB . -5.68 39.90 21.82
O5 NAG RB . -8.92 38.34 22.92
O6 NAG RB . -6.98 36.89 24.57
O7 NAG RB . -11.87 41.15 20.59
C1 NAG SB . -22.35 56.29 12.33
C2 NAG SB . -22.60 56.84 10.84
C3 NAG SB . -21.64 58.09 10.61
C4 NAG SB . -21.88 59.19 11.69
C5 NAG SB . -21.63 58.57 13.10
C6 NAG SB . -21.91 59.54 14.25
C7 NAG SB . -22.68 55.68 8.62
C8 NAG SB . -22.13 54.66 7.66
N2 NAG SB . -22.15 55.82 9.85
O3 NAG SB . -21.88 58.67 9.31
O4 NAG SB . -20.98 60.28 11.48
O5 NAG SB . -22.51 57.40 13.29
O6 NAG SB . -23.27 59.99 14.26
O7 NAG SB . -23.61 56.40 8.23
C1 NAG TB . -24.35 42.13 26.68
C2 NAG TB . -24.97 40.89 27.47
C3 NAG TB . -24.92 41.19 29.00
C4 NAG TB . -23.42 41.44 29.42
C5 NAG TB . -22.82 42.62 28.59
C6 NAG TB . -21.33 42.83 28.85
C7 NAG TB . -26.64 39.73 26.00
C8 NAG TB . -28.04 39.52 25.50
N2 NAG TB . -26.36 40.65 26.95
O3 NAG TB . -25.45 40.06 29.73
O4 NAG TB . -23.36 41.75 30.81
O5 NAG TB . -22.96 42.33 27.12
O6 NAG TB . -20.73 43.76 27.94
O7 NAG TB . -25.74 39.03 25.50
#